data_2B04
# 
_entry.id   2B04 
# 
_audit_conform.dict_name       mmcif_pdbx.dic 
_audit_conform.dict_version    5.397 
_audit_conform.dict_location   http://mmcif.pdb.org/dictionaries/ascii/mmcif_pdbx.dic 
# 
loop_
_database_2.database_id 
_database_2.database_code 
_database_2.pdbx_database_accession 
_database_2.pdbx_DOI 
PDB   2B04         pdb_00002b04 10.2210/pdb2b04/pdb 
RCSB  RCSB034508   ?            ?                   
WWPDB D_1000034508 ?            ?                   
# 
loop_
_pdbx_audit_revision_history.ordinal 
_pdbx_audit_revision_history.data_content_type 
_pdbx_audit_revision_history.major_revision 
_pdbx_audit_revision_history.minor_revision 
_pdbx_audit_revision_history.revision_date 
1 'Structure model' 1 0 2006-11-14 
2 'Structure model' 1 1 2008-05-01 
3 'Structure model' 1 2 2011-07-13 
4 'Structure model' 1 3 2024-10-30 
# 
_pdbx_audit_revision_details.ordinal             1 
_pdbx_audit_revision_details.revision_ordinal    1 
_pdbx_audit_revision_details.data_content_type   'Structure model' 
_pdbx_audit_revision_details.provider            repository 
_pdbx_audit_revision_details.type                'Initial release' 
_pdbx_audit_revision_details.description         ? 
_pdbx_audit_revision_details.details             ? 
# 
loop_
_pdbx_audit_revision_group.ordinal 
_pdbx_audit_revision_group.revision_ordinal 
_pdbx_audit_revision_group.data_content_type 
_pdbx_audit_revision_group.group 
1 2 'Structure model' 'Version format compliance' 
2 3 'Structure model' 'Derived calculations'      
3 3 'Structure model' 'Version format compliance' 
4 4 'Structure model' 'Data collection'           
5 4 'Structure model' 'Database references'       
6 4 'Structure model' 'Derived calculations'      
7 4 'Structure model' 'Structure summary'         
# 
loop_
_pdbx_audit_revision_category.ordinal 
_pdbx_audit_revision_category.revision_ordinal 
_pdbx_audit_revision_category.data_content_type 
_pdbx_audit_revision_category.category 
1 4 'Structure model' chem_comp_atom            
2 4 'Structure model' chem_comp_bond            
3 4 'Structure model' database_2                
4 4 'Structure model' pdbx_entry_details        
5 4 'Structure model' pdbx_modification_feature 
6 4 'Structure model' pdbx_struct_conn_angle    
7 4 'Structure model' struct_conn               
8 4 'Structure model' struct_site               
# 
loop_
_pdbx_audit_revision_item.ordinal 
_pdbx_audit_revision_item.revision_ordinal 
_pdbx_audit_revision_item.data_content_type 
_pdbx_audit_revision_item.item 
1  4 'Structure model' '_database_2.pdbx_DOI'                        
2  4 'Structure model' '_database_2.pdbx_database_accession'         
3  4 'Structure model' '_pdbx_struct_conn_angle.ptnr1_auth_comp_id'  
4  4 'Structure model' '_pdbx_struct_conn_angle.ptnr1_auth_seq_id'   
5  4 'Structure model' '_pdbx_struct_conn_angle.ptnr1_label_asym_id' 
6  4 'Structure model' '_pdbx_struct_conn_angle.ptnr1_label_atom_id' 
7  4 'Structure model' '_pdbx_struct_conn_angle.ptnr1_label_comp_id' 
8  4 'Structure model' '_pdbx_struct_conn_angle.ptnr1_label_seq_id'  
9  4 'Structure model' '_pdbx_struct_conn_angle.ptnr1_symmetry'      
10 4 'Structure model' '_pdbx_struct_conn_angle.ptnr2_auth_seq_id'   
11 4 'Structure model' '_pdbx_struct_conn_angle.ptnr2_label_asym_id' 
12 4 'Structure model' '_pdbx_struct_conn_angle.ptnr3_auth_comp_id'  
13 4 'Structure model' '_pdbx_struct_conn_angle.ptnr3_auth_seq_id'   
14 4 'Structure model' '_pdbx_struct_conn_angle.ptnr3_label_asym_id' 
15 4 'Structure model' '_pdbx_struct_conn_angle.ptnr3_label_atom_id' 
16 4 'Structure model' '_pdbx_struct_conn_angle.ptnr3_label_comp_id' 
17 4 'Structure model' '_pdbx_struct_conn_angle.ptnr3_label_seq_id'  
18 4 'Structure model' '_pdbx_struct_conn_angle.ptnr3_symmetry'      
19 4 'Structure model' '_pdbx_struct_conn_angle.value'               
20 4 'Structure model' '_struct_conn.pdbx_dist_value'                
21 4 'Structure model' '_struct_conn.ptnr1_auth_comp_id'             
22 4 'Structure model' '_struct_conn.ptnr1_auth_seq_id'              
23 4 'Structure model' '_struct_conn.ptnr1_label_asym_id'            
24 4 'Structure model' '_struct_conn.ptnr1_label_atom_id'            
25 4 'Structure model' '_struct_conn.ptnr1_label_comp_id'            
26 4 'Structure model' '_struct_conn.ptnr1_label_seq_id'             
27 4 'Structure model' '_struct_conn.ptnr1_symmetry'                 
28 4 'Structure model' '_struct_conn.ptnr2_auth_comp_id'             
29 4 'Structure model' '_struct_conn.ptnr2_auth_seq_id'              
30 4 'Structure model' '_struct_conn.ptnr2_label_asym_id'            
31 4 'Structure model' '_struct_conn.ptnr2_label_atom_id'            
32 4 'Structure model' '_struct_conn.ptnr2_label_comp_id'            
33 4 'Structure model' '_struct_conn.ptnr2_label_seq_id'             
34 4 'Structure model' '_struct_conn.ptnr2_symmetry'                 
35 4 'Structure model' '_struct_site.pdbx_auth_asym_id'              
36 4 'Structure model' '_struct_site.pdbx_auth_comp_id'              
37 4 'Structure model' '_struct_site.pdbx_auth_seq_id'               
# 
_pdbx_database_status.status_code                     REL 
_pdbx_database_status.entry_id                        2B04 
_pdbx_database_status.recvd_initial_deposition_date   2005-09-12 
_pdbx_database_status.deposit_site                    RCSB 
_pdbx_database_status.process_site                    RCSB 
_pdbx_database_status.status_code_sf                  REL 
_pdbx_database_status.status_code_mr                  ? 
_pdbx_database_status.SG_entry                        N 
_pdbx_database_status.pdb_format_compatible           Y 
_pdbx_database_status.status_code_cs                  ? 
_pdbx_database_status.status_code_nmr_data            ? 
_pdbx_database_status.methods_development_category    ? 
# 
loop_
_pdbx_database_related.db_name 
_pdbx_database_related.db_id 
_pdbx_database_related.details 
_pdbx_database_related.content_type 
PDB 2AZY 'Crystal Structure of Porcine Pancreatic Phopholipase A2 in Complex with Cholate'                unspecified 
PDB 2AZZ 'Crystal Structure of Porcine Pancreatic Phopholipase A2 in Complex with Taurocholate'           unspecified 
PDB 2B00 'Crystal Structure of Porcine Pancreatic Phopholipase A2 in Complex with Glycocholate'           unspecified 
PDB 2B01 'Crystal Structure of Porcine Pancreatic Phopholipase A2 in Complex with Taurochenodeoxycholate' unspecified 
PDB 2B03 'Crystal Structure of Porcine Pancreatic Phopholipase A2 in Complex with Taurochenodeoxycholate' unspecified 
# 
loop_
_audit_author.name 
_audit_author.pdbx_ordinal 
'Pan, Y.H.'     1 
'Bahnson, B.J.' 2 
'Jain, M.K.'    3 
# 
_citation.id                        primary 
_citation.title                     'Structural basis for bile salt inhibition of pancreatic phospholipase A2.' 
_citation.journal_abbrev            J.Mol.Biol. 
_citation.journal_volume            369 
_citation.page_first                439 
_citation.page_last                 450 
_citation.year                      2007 
_citation.journal_id_ASTM           JMOBAK 
_citation.country                   UK 
_citation.journal_id_ISSN           0022-2836 
_citation.journal_id_CSD            0070 
_citation.book_publisher            ? 
_citation.pdbx_database_id_PubMed   17434532 
_citation.pdbx_database_id_DOI      10.1016/j.jmb.2007.03.034 
# 
loop_
_citation_author.citation_id 
_citation_author.name 
_citation_author.ordinal 
_citation_author.identifier_ORCID 
primary 'Pan, Y.H.'     1 ? 
primary 'Bahnson, B.J.' 2 ? 
# 
loop_
_entity.id 
_entity.type 
_entity.src_method 
_entity.pdbx_description 
_entity.formula_weight 
_entity.pdbx_number_of_molecules 
_entity.pdbx_ec 
_entity.pdbx_mutation 
_entity.pdbx_fragment 
_entity.details 
1 polymer     man 'Phospholipase A2, major isoenzyme' 14009.714 1  3.1.1.4 ? ? ? 
2 non-polymer man 'GLYCOCHENODEOXYCHOLIC ACID'        449.623   1  ?       ? ? ? 
3 non-polymer syn 'CALCIUM ION'                       40.078    3  ?       ? ? ? 
4 non-polymer syn 'CHLORIDE ION'                      35.453    1  ?       ? ? ? 
5 water       nat water                               18.015    96 ?       ? ? ? 
# 
_entity_name_com.entity_id   1 
_entity_name_com.name        'Phosphatidylcholine 2-acylhydrolase, Group IB phospholipase A2' 
# 
_entity_poly.entity_id                      1 
_entity_poly.type                           'polypeptide(L)' 
_entity_poly.nstd_linkage                   no 
_entity_poly.nstd_monomer                   no 
_entity_poly.pdbx_seq_one_letter_code       
;ALWQFRSMIKCAIPGSHPLMDFNNYGCYCGLGGSGTPVDELDRCCETHDNCYRDAKNLDSCKFLVDNPYTESYSYSCSNT
EITCNSKNNACEAFICNCDRNAAICFSKAPYNKEHKNLDTKKYC
;
_entity_poly.pdbx_seq_one_letter_code_can   
;ALWQFRSMIKCAIPGSHPLMDFNNYGCYCGLGGSGTPVDELDRCCETHDNCYRDAKNLDSCKFLVDNPYTESYSYSCSNT
EITCNSKNNACEAFICNCDRNAAICFSKAPYNKEHKNLDTKKYC
;
_entity_poly.pdbx_strand_id                 A 
_entity_poly.pdbx_target_identifier         ? 
# 
loop_
_pdbx_entity_nonpoly.entity_id 
_pdbx_entity_nonpoly.name 
_pdbx_entity_nonpoly.comp_id 
2 'GLYCOCHENODEOXYCHOLIC ACID' CHO 
3 'CALCIUM ION'                CA  
4 'CHLORIDE ION'               CL  
5 water                        HOH 
# 
loop_
_entity_poly_seq.entity_id 
_entity_poly_seq.num 
_entity_poly_seq.mon_id 
_entity_poly_seq.hetero 
1 1   ALA n 
1 2   LEU n 
1 3   TRP n 
1 4   GLN n 
1 5   PHE n 
1 6   ARG n 
1 7   SER n 
1 8   MET n 
1 9   ILE n 
1 10  LYS n 
1 11  CYS n 
1 12  ALA n 
1 13  ILE n 
1 14  PRO n 
1 15  GLY n 
1 16  SER n 
1 17  HIS n 
1 18  PRO n 
1 19  LEU n 
1 20  MET n 
1 21  ASP n 
1 22  PHE n 
1 23  ASN n 
1 24  ASN n 
1 25  TYR n 
1 26  GLY n 
1 27  CYS n 
1 28  TYR n 
1 29  CYS n 
1 30  GLY n 
1 31  LEU n 
1 32  GLY n 
1 33  GLY n 
1 34  SER n 
1 35  GLY n 
1 36  THR n 
1 37  PRO n 
1 38  VAL n 
1 39  ASP n 
1 40  GLU n 
1 41  LEU n 
1 42  ASP n 
1 43  ARG n 
1 44  CYS n 
1 45  CYS n 
1 46  GLU n 
1 47  THR n 
1 48  HIS n 
1 49  ASP n 
1 50  ASN n 
1 51  CYS n 
1 52  TYR n 
1 53  ARG n 
1 54  ASP n 
1 55  ALA n 
1 56  LYS n 
1 57  ASN n 
1 58  LEU n 
1 59  ASP n 
1 60  SER n 
1 61  CYS n 
1 62  LYS n 
1 63  PHE n 
1 64  LEU n 
1 65  VAL n 
1 66  ASP n 
1 67  ASN n 
1 68  PRO n 
1 69  TYR n 
1 70  THR n 
1 71  GLU n 
1 72  SER n 
1 73  TYR n 
1 74  SER n 
1 75  TYR n 
1 76  SER n 
1 77  CYS n 
1 78  SER n 
1 79  ASN n 
1 80  THR n 
1 81  GLU n 
1 82  ILE n 
1 83  THR n 
1 84  CYS n 
1 85  ASN n 
1 86  SER n 
1 87  LYS n 
1 88  ASN n 
1 89  ASN n 
1 90  ALA n 
1 91  CYS n 
1 92  GLU n 
1 93  ALA n 
1 94  PHE n 
1 95  ILE n 
1 96  CYS n 
1 97  ASN n 
1 98  CYS n 
1 99  ASP n 
1 100 ARG n 
1 101 ASN n 
1 102 ALA n 
1 103 ALA n 
1 104 ILE n 
1 105 CYS n 
1 106 PHE n 
1 107 SER n 
1 108 LYS n 
1 109 ALA n 
1 110 PRO n 
1 111 TYR n 
1 112 ASN n 
1 113 LYS n 
1 114 GLU n 
1 115 HIS n 
1 116 LYS n 
1 117 ASN n 
1 118 LEU n 
1 119 ASP n 
1 120 THR n 
1 121 LYS n 
1 122 LYS n 
1 123 TYR n 
1 124 CYS n 
# 
_entity_src_gen.entity_id                          1 
_entity_src_gen.pdbx_src_id                        1 
_entity_src_gen.pdbx_alt_source_flag               sample 
_entity_src_gen.pdbx_seq_type                      ? 
_entity_src_gen.pdbx_beg_seq_num                   ? 
_entity_src_gen.pdbx_end_seq_num                   ? 
_entity_src_gen.gene_src_common_name               pig 
_entity_src_gen.gene_src_genus                     Sus 
_entity_src_gen.pdbx_gene_src_gene                 PLA2G1B 
_entity_src_gen.gene_src_species                   ? 
_entity_src_gen.gene_src_strain                    ? 
_entity_src_gen.gene_src_tissue                    ? 
_entity_src_gen.gene_src_tissue_fraction           ? 
_entity_src_gen.gene_src_details                   ? 
_entity_src_gen.pdbx_gene_src_fragment             ? 
_entity_src_gen.pdbx_gene_src_scientific_name      'Sus scrofa' 
_entity_src_gen.pdbx_gene_src_ncbi_taxonomy_id     9823 
_entity_src_gen.pdbx_gene_src_variant              ? 
_entity_src_gen.pdbx_gene_src_cell_line            ? 
_entity_src_gen.pdbx_gene_src_atcc                 ? 
_entity_src_gen.pdbx_gene_src_organ                ? 
_entity_src_gen.pdbx_gene_src_organelle            ? 
_entity_src_gen.pdbx_gene_src_cell                 ? 
_entity_src_gen.pdbx_gene_src_cellular_location    ? 
_entity_src_gen.host_org_common_name               ? 
_entity_src_gen.pdbx_host_org_scientific_name      'Escherichia coli' 
_entity_src_gen.pdbx_host_org_ncbi_taxonomy_id     562 
_entity_src_gen.host_org_genus                     Escherichia 
_entity_src_gen.pdbx_host_org_gene                 ? 
_entity_src_gen.pdbx_host_org_organ                ? 
_entity_src_gen.host_org_species                   ? 
_entity_src_gen.pdbx_host_org_tissue               ? 
_entity_src_gen.pdbx_host_org_tissue_fraction      ? 
_entity_src_gen.pdbx_host_org_strain               ? 
_entity_src_gen.pdbx_host_org_variant              ? 
_entity_src_gen.pdbx_host_org_cell_line            ? 
_entity_src_gen.pdbx_host_org_atcc                 ? 
_entity_src_gen.pdbx_host_org_culture_collection   ? 
_entity_src_gen.pdbx_host_org_cell                 ? 
_entity_src_gen.pdbx_host_org_organelle            ? 
_entity_src_gen.pdbx_host_org_cellular_location    ? 
_entity_src_gen.pdbx_host_org_vector_type          ? 
_entity_src_gen.pdbx_host_org_vector               ? 
_entity_src_gen.host_org_details                   ? 
_entity_src_gen.expression_system_id               ? 
_entity_src_gen.plasmid_name                       ? 
_entity_src_gen.plasmid_details                    ? 
_entity_src_gen.pdbx_description                   ? 
# 
loop_
_chem_comp.id 
_chem_comp.type 
_chem_comp.mon_nstd_flag 
_chem_comp.name 
_chem_comp.pdbx_synonyms 
_chem_comp.formula 
_chem_comp.formula_weight 
ALA 'L-peptide linking' y ALANINE                      ? 'C3 H7 N O2'     89.093  
ARG 'L-peptide linking' y ARGININE                     ? 'C6 H15 N4 O2 1' 175.209 
ASN 'L-peptide linking' y ASPARAGINE                   ? 'C4 H8 N2 O3'    132.118 
ASP 'L-peptide linking' y 'ASPARTIC ACID'              ? 'C4 H7 N O4'     133.103 
CA  non-polymer         . 'CALCIUM ION'                ? 'Ca 2'           40.078  
CHO non-polymer         . 'GLYCOCHENODEOXYCHOLIC ACID' ? 'C26 H43 N O5'   449.623 
CL  non-polymer         . 'CHLORIDE ION'               ? 'Cl -1'          35.453  
CYS 'L-peptide linking' y CYSTEINE                     ? 'C3 H7 N O2 S'   121.158 
GLN 'L-peptide linking' y GLUTAMINE                    ? 'C5 H10 N2 O3'   146.144 
GLU 'L-peptide linking' y 'GLUTAMIC ACID'              ? 'C5 H9 N O4'     147.129 
GLY 'peptide linking'   y GLYCINE                      ? 'C2 H5 N O2'     75.067  
HIS 'L-peptide linking' y HISTIDINE                    ? 'C6 H10 N3 O2 1' 156.162 
HOH non-polymer         . WATER                        ? 'H2 O'           18.015  
ILE 'L-peptide linking' y ISOLEUCINE                   ? 'C6 H13 N O2'    131.173 
LEU 'L-peptide linking' y LEUCINE                      ? 'C6 H13 N O2'    131.173 
LYS 'L-peptide linking' y LYSINE                       ? 'C6 H15 N2 O2 1' 147.195 
MET 'L-peptide linking' y METHIONINE                   ? 'C5 H11 N O2 S'  149.211 
PHE 'L-peptide linking' y PHENYLALANINE                ? 'C9 H11 N O2'    165.189 
PRO 'L-peptide linking' y PROLINE                      ? 'C5 H9 N O2'     115.130 
SER 'L-peptide linking' y SERINE                       ? 'C3 H7 N O3'     105.093 
THR 'L-peptide linking' y THREONINE                    ? 'C4 H9 N O3'     119.119 
TRP 'L-peptide linking' y TRYPTOPHAN                   ? 'C11 H12 N2 O2'  204.225 
TYR 'L-peptide linking' y TYROSINE                     ? 'C9 H11 N O3'    181.189 
VAL 'L-peptide linking' y VALINE                       ? 'C5 H11 N O2'    117.146 
# 
loop_
_pdbx_poly_seq_scheme.asym_id 
_pdbx_poly_seq_scheme.entity_id 
_pdbx_poly_seq_scheme.seq_id 
_pdbx_poly_seq_scheme.mon_id 
_pdbx_poly_seq_scheme.ndb_seq_num 
_pdbx_poly_seq_scheme.pdb_seq_num 
_pdbx_poly_seq_scheme.auth_seq_num 
_pdbx_poly_seq_scheme.pdb_mon_id 
_pdbx_poly_seq_scheme.auth_mon_id 
_pdbx_poly_seq_scheme.pdb_strand_id 
_pdbx_poly_seq_scheme.pdb_ins_code 
_pdbx_poly_seq_scheme.hetero 
A 1 1   ALA 1   1   1   ALA ALA A . n 
A 1 2   LEU 2   2   2   LEU LEU A . n 
A 1 3   TRP 3   3   3   TRP TRP A . n 
A 1 4   GLN 4   4   4   GLN GLN A . n 
A 1 5   PHE 5   5   5   PHE PHE A . n 
A 1 6   ARG 6   6   6   ARG ARG A . n 
A 1 7   SER 7   7   7   SER SER A . n 
A 1 8   MET 8   8   8   MET MET A . n 
A 1 9   ILE 9   9   9   ILE ILE A . n 
A 1 10  LYS 10  10  10  LYS LYS A . n 
A 1 11  CYS 11  11  11  CYS CYS A . n 
A 1 12  ALA 12  12  12  ALA ALA A . n 
A 1 13  ILE 13  13  13  ILE ILE A . n 
A 1 14  PRO 14  14  14  PRO PRO A . n 
A 1 15  GLY 15  15  15  GLY GLY A . n 
A 1 16  SER 16  16  ?   ?   ?   A . n 
A 1 17  HIS 17  17  ?   ?   ?   A . n 
A 1 18  PRO 18  18  ?   ?   ?   A . n 
A 1 19  LEU 19  19  ?   ?   ?   A . n 
A 1 20  MET 20  20  ?   ?   ?   A . n 
A 1 21  ASP 21  21  ?   ?   ?   A . n 
A 1 22  PHE 22  22  22  PHE PHE A . n 
A 1 23  ASN 23  23  23  ASN ASN A . n 
A 1 24  ASN 24  24  24  ASN ASN A . n 
A 1 25  TYR 25  25  25  TYR TYR A . n 
A 1 26  GLY 26  26  26  GLY GLY A . n 
A 1 27  CYS 27  27  27  CYS CYS A . n 
A 1 28  TYR 28  28  28  TYR TYR A . n 
A 1 29  CYS 29  29  29  CYS CYS A . n 
A 1 30  GLY 30  30  30  GLY GLY A . n 
A 1 31  LEU 31  31  31  LEU LEU A . n 
A 1 32  GLY 32  32  32  GLY GLY A . n 
A 1 33  GLY 33  33  33  GLY GLY A . n 
A 1 34  SER 34  34  34  SER SER A . n 
A 1 35  GLY 35  35  35  GLY GLY A . n 
A 1 36  THR 36  36  36  THR THR A . n 
A 1 37  PRO 37  37  37  PRO PRO A . n 
A 1 38  VAL 38  38  38  VAL VAL A . n 
A 1 39  ASP 39  39  39  ASP ASP A . n 
A 1 40  GLU 40  40  40  GLU GLU A . n 
A 1 41  LEU 41  41  41  LEU LEU A . n 
A 1 42  ASP 42  42  42  ASP ASP A . n 
A 1 43  ARG 43  43  43  ARG ARG A . n 
A 1 44  CYS 44  44  44  CYS CYS A . n 
A 1 45  CYS 45  45  45  CYS CYS A . n 
A 1 46  GLU 46  46  46  GLU GLU A . n 
A 1 47  THR 47  47  47  THR THR A . n 
A 1 48  HIS 48  48  48  HIS HIS A . n 
A 1 49  ASP 49  49  49  ASP ASP A . n 
A 1 50  ASN 50  50  50  ASN ASN A . n 
A 1 51  CYS 51  51  51  CYS CYS A . n 
A 1 52  TYR 52  52  52  TYR TYR A . n 
A 1 53  ARG 53  53  53  ARG ARG A . n 
A 1 54  ASP 54  54  54  ASP ASP A . n 
A 1 55  ALA 55  55  55  ALA ALA A . n 
A 1 56  LYS 56  56  56  LYS LYS A . n 
A 1 57  ASN 57  57  57  ASN ASN A . n 
A 1 58  LEU 58  58  58  LEU LEU A . n 
A 1 59  ASP 59  59  59  ASP ASP A . n 
A 1 60  SER 60  60  60  SER SER A . n 
A 1 61  CYS 61  61  61  CYS CYS A . n 
A 1 62  LYS 62  62  62  LYS LYS A . n 
A 1 63  PHE 63  63  63  PHE PHE A . n 
A 1 64  LEU 64  64  64  LEU LEU A . n 
A 1 65  VAL 65  65  65  VAL VAL A . n 
A 1 66  ASP 66  66  66  ASP ASP A . n 
A 1 67  ASN 67  67  67  ASN ASN A . n 
A 1 68  PRO 68  68  68  PRO PRO A . n 
A 1 69  TYR 69  69  69  TYR TYR A . n 
A 1 70  THR 70  70  70  THR THR A . n 
A 1 71  GLU 71  71  71  GLU GLU A . n 
A 1 72  SER 72  72  72  SER SER A . n 
A 1 73  TYR 73  73  73  TYR TYR A . n 
A 1 74  SER 74  74  74  SER SER A . n 
A 1 75  TYR 75  75  75  TYR TYR A . n 
A 1 76  SER 76  76  76  SER SER A . n 
A 1 77  CYS 77  77  77  CYS CYS A . n 
A 1 78  SER 78  78  78  SER SER A . n 
A 1 79  ASN 79  79  79  ASN ASN A . n 
A 1 80  THR 80  80  80  THR THR A . n 
A 1 81  GLU 81  81  81  GLU GLU A . n 
A 1 82  ILE 82  82  82  ILE ILE A . n 
A 1 83  THR 83  83  83  THR THR A . n 
A 1 84  CYS 84  84  84  CYS CYS A . n 
A 1 85  ASN 85  85  85  ASN ASN A . n 
A 1 86  SER 86  86  86  SER SER A . n 
A 1 87  LYS 87  87  87  LYS LYS A . n 
A 1 88  ASN 88  88  88  ASN ASN A . n 
A 1 89  ASN 89  89  89  ASN ASN A . n 
A 1 90  ALA 90  90  90  ALA ALA A . n 
A 1 91  CYS 91  91  91  CYS CYS A . n 
A 1 92  GLU 92  92  92  GLU GLU A . n 
A 1 93  ALA 93  93  93  ALA ALA A . n 
A 1 94  PHE 94  94  94  PHE PHE A . n 
A 1 95  ILE 95  95  95  ILE ILE A . n 
A 1 96  CYS 96  96  96  CYS CYS A . n 
A 1 97  ASN 97  97  97  ASN ASN A . n 
A 1 98  CYS 98  98  98  CYS CYS A . n 
A 1 99  ASP 99  99  99  ASP ASP A . n 
A 1 100 ARG 100 100 100 ARG ARG A . n 
A 1 101 ASN 101 101 101 ASN ASN A . n 
A 1 102 ALA 102 102 102 ALA ALA A . n 
A 1 103 ALA 103 103 103 ALA ALA A . n 
A 1 104 ILE 104 104 104 ILE ILE A . n 
A 1 105 CYS 105 105 105 CYS CYS A . n 
A 1 106 PHE 106 106 106 PHE PHE A . n 
A 1 107 SER 107 107 107 SER SER A . n 
A 1 108 LYS 108 108 108 LYS LYS A . n 
A 1 109 ALA 109 109 109 ALA ALA A . n 
A 1 110 PRO 110 110 110 PRO PRO A . n 
A 1 111 TYR 111 111 111 TYR TYR A . n 
A 1 112 ASN 112 112 112 ASN ASN A . n 
A 1 113 LYS 113 113 113 LYS LYS A . n 
A 1 114 GLU 114 114 114 GLU GLU A . n 
A 1 115 HIS 115 115 115 HIS HIS A . n 
A 1 116 LYS 116 116 116 LYS LYS A . n 
A 1 117 ASN 117 117 117 ASN ASN A . n 
A 1 118 LEU 118 118 118 LEU LEU A . n 
A 1 119 ASP 119 119 119 ASP ASP A . n 
A 1 120 THR 120 120 120 THR THR A . n 
A 1 121 LYS 121 121 121 LYS LYS A . n 
A 1 122 LYS 122 122 122 LYS LYS A . n 
A 1 123 TYR 123 123 123 TYR TYR A . n 
A 1 124 CYS 124 124 124 CYS CYS A . n 
# 
loop_
_pdbx_nonpoly_scheme.asym_id 
_pdbx_nonpoly_scheme.entity_id 
_pdbx_nonpoly_scheme.mon_id 
_pdbx_nonpoly_scheme.ndb_seq_num 
_pdbx_nonpoly_scheme.pdb_seq_num 
_pdbx_nonpoly_scheme.auth_seq_num 
_pdbx_nonpoly_scheme.pdb_mon_id 
_pdbx_nonpoly_scheme.auth_mon_id 
_pdbx_nonpoly_scheme.pdb_strand_id 
_pdbx_nonpoly_scheme.pdb_ins_code 
B 2 CHO 1  200 200 CHO GCD A . 
C 3 CA  1  130 130 CA  CA  A . 
D 3 CA  1  131 131 CA  CA  A . 
E 3 CA  1  132 132 CA  CA  A . 
F 4 CL  1  135 135 CL  CL  A . 
G 5 HOH 1  201 1   HOH HOH A . 
G 5 HOH 2  202 2   HOH HOH A . 
G 5 HOH 3  203 3   HOH HOH A . 
G 5 HOH 4  204 4   HOH HOH A . 
G 5 HOH 5  205 5   HOH HOH A . 
G 5 HOH 6  206 6   HOH HOH A . 
G 5 HOH 7  207 7   HOH HOH A . 
G 5 HOH 8  208 8   HOH HOH A . 
G 5 HOH 9  209 9   HOH HOH A . 
G 5 HOH 10 210 10  HOH HOH A . 
G 5 HOH 11 211 11  HOH HOH A . 
G 5 HOH 12 212 12  HOH HOH A . 
G 5 HOH 13 213 13  HOH HOH A . 
G 5 HOH 14 214 14  HOH HOH A . 
G 5 HOH 15 215 15  HOH HOH A . 
G 5 HOH 16 216 16  HOH HOH A . 
G 5 HOH 17 217 17  HOH HOH A . 
G 5 HOH 18 218 18  HOH HOH A . 
G 5 HOH 19 219 19  HOH HOH A . 
G 5 HOH 20 220 20  HOH HOH A . 
G 5 HOH 21 221 21  HOH HOH A . 
G 5 HOH 22 222 22  HOH HOH A . 
G 5 HOH 23 223 23  HOH HOH A . 
G 5 HOH 24 224 24  HOH HOH A . 
G 5 HOH 25 225 25  HOH HOH A . 
G 5 HOH 26 226 26  HOH HOH A . 
G 5 HOH 27 227 27  HOH HOH A . 
G 5 HOH 28 228 28  HOH HOH A . 
G 5 HOH 29 229 29  HOH HOH A . 
G 5 HOH 30 230 30  HOH HOH A . 
G 5 HOH 31 231 31  HOH HOH A . 
G 5 HOH 32 232 32  HOH HOH A . 
G 5 HOH 33 233 33  HOH HOH A . 
G 5 HOH 34 234 34  HOH HOH A . 
G 5 HOH 35 235 35  HOH HOH A . 
G 5 HOH 36 236 36  HOH HOH A . 
G 5 HOH 37 237 37  HOH HOH A . 
G 5 HOH 38 238 38  HOH HOH A . 
G 5 HOH 39 239 39  HOH HOH A . 
G 5 HOH 40 240 40  HOH HOH A . 
G 5 HOH 41 241 41  HOH HOH A . 
G 5 HOH 42 242 42  HOH HOH A . 
G 5 HOH 43 243 43  HOH HOH A . 
G 5 HOH 44 244 44  HOH HOH A . 
G 5 HOH 45 245 45  HOH HOH A . 
G 5 HOH 46 246 46  HOH HOH A . 
G 5 HOH 47 247 47  HOH HOH A . 
G 5 HOH 48 248 48  HOH HOH A . 
G 5 HOH 49 249 49  HOH HOH A . 
G 5 HOH 50 250 50  HOH HOH A . 
G 5 HOH 51 251 51  HOH HOH A . 
G 5 HOH 52 252 52  HOH HOH A . 
G 5 HOH 53 253 53  HOH HOH A . 
G 5 HOH 54 254 54  HOH HOH A . 
G 5 HOH 55 255 55  HOH HOH A . 
G 5 HOH 56 256 56  HOH HOH A . 
G 5 HOH 57 257 57  HOH HOH A . 
G 5 HOH 58 258 58  HOH HOH A . 
G 5 HOH 59 259 59  HOH HOH A . 
G 5 HOH 60 260 60  HOH HOH A . 
G 5 HOH 61 261 61  HOH HOH A . 
G 5 HOH 62 262 62  HOH HOH A . 
G 5 HOH 63 263 63  HOH HOH A . 
G 5 HOH 64 264 64  HOH HOH A . 
G 5 HOH 65 265 65  HOH HOH A . 
G 5 HOH 66 266 66  HOH HOH A . 
G 5 HOH 67 267 67  HOH HOH A . 
G 5 HOH 68 268 68  HOH HOH A . 
G 5 HOH 69 269 69  HOH HOH A . 
G 5 HOH 70 270 70  HOH HOH A . 
G 5 HOH 71 271 71  HOH HOH A . 
G 5 HOH 72 272 72  HOH HOH A . 
G 5 HOH 73 273 73  HOH HOH A . 
G 5 HOH 74 274 74  HOH HOH A . 
G 5 HOH 75 275 75  HOH HOH A . 
G 5 HOH 76 276 76  HOH HOH A . 
G 5 HOH 77 277 77  HOH HOH A . 
G 5 HOH 78 278 78  HOH HOH A . 
G 5 HOH 79 279 79  HOH HOH A . 
G 5 HOH 80 280 80  HOH HOH A . 
G 5 HOH 81 281 81  HOH HOH A . 
G 5 HOH 82 282 82  HOH HOH A . 
G 5 HOH 83 283 83  HOH HOH A . 
G 5 HOH 84 284 84  HOH HOH A . 
G 5 HOH 85 285 85  HOH HOH A . 
G 5 HOH 86 286 86  HOH HOH A . 
G 5 HOH 87 287 87  HOH HOH A . 
G 5 HOH 88 288 88  HOH HOH A . 
G 5 HOH 89 289 89  HOH HOH A . 
G 5 HOH 90 290 90  HOH HOH A . 
G 5 HOH 91 291 91  HOH HOH A . 
G 5 HOH 92 292 92  HOH HOH A . 
G 5 HOH 93 293 93  HOH HOH A . 
G 5 HOH 94 294 94  HOH HOH A . 
G 5 HOH 95 295 95  HOH HOH A . 
G 5 HOH 96 296 96  HOH HOH A . 
# 
loop_
_software.name 
_software.classification 
_software.version 
_software.citation_id 
_software.pdbx_ordinal 
CNS       refinement       1.1 ? 1 
DENZO     'data reduction' .   ? 2 
SCALEPACK 'data scaling'   .   ? 3 
AMoRE     phasing          .   ? 4 
# 
_cell.entry_id           2B04 
_cell.length_a           69.156 
_cell.length_b           69.156 
_cell.length_c           67.043 
_cell.angle_alpha        90.00 
_cell.angle_beta         90.00 
_cell.angle_gamma        120.00 
_cell.Z_PDB              6 
_cell.pdbx_unique_axis   ? 
# 
_symmetry.entry_id                         2B04 
_symmetry.space_group_name_H-M             'P 31 2 1' 
_symmetry.pdbx_full_space_group_name_H-M   ? 
_symmetry.cell_setting                     ? 
_symmetry.Int_Tables_number                152 
_symmetry.space_group_name_Hall            ? 
# 
_exptl.entry_id          2B04 
_exptl.method            'X-RAY DIFFRACTION' 
_exptl.crystals_number   ? 
# 
_exptl_crystal.id                    1 
_exptl_crystal.density_meas          ? 
_exptl_crystal.density_Matthews      3.30 
_exptl_crystal.density_percent_sol   62.75 
_exptl_crystal.description           ? 
_exptl_crystal.F_000                 ? 
_exptl_crystal.preparation           ? 
# 
_exptl_crystal_grow.crystal_id      1 
_exptl_crystal_grow.method          'VAPOR DIFFUSION, HANGING DROP' 
_exptl_crystal_grow.temp            298 
_exptl_crystal_grow.temp_details    ? 
_exptl_crystal_grow.pH              7.5 
_exptl_crystal_grow.pdbx_details    '0.2 M Calcium Chloride, 28% PEG 400, pH 7.5, VAPOR DIFFUSION, HANGING DROP, temperature 298K' 
_exptl_crystal_grow.pdbx_pH_range   . 
# 
_diffrn.id                     1 
_diffrn.ambient_temp           93 
_diffrn.ambient_temp_details   ? 
_diffrn.crystal_id             1 
# 
_diffrn_detector.diffrn_id              1 
_diffrn_detector.detector               'IMAGE PLATE' 
_diffrn_detector.type                   'RIGAKU RAXIS IV' 
_diffrn_detector.pdbx_collection_date   2005-07-19 
_diffrn_detector.details                Mirrors 
# 
_diffrn_radiation.diffrn_id                        1 
_diffrn_radiation.wavelength_id                    1 
_diffrn_radiation.pdbx_monochromatic_or_laue_m_l   M 
_diffrn_radiation.monochromator                    'YALE MIRRORS' 
_diffrn_radiation.pdbx_diffrn_protocol             'SINGLE WAVELENGTH' 
_diffrn_radiation.pdbx_scattering_type             x-ray 
# 
_diffrn_radiation_wavelength.id           1 
_diffrn_radiation_wavelength.wavelength   . 
_diffrn_radiation_wavelength.wt           1.0 
# 
_diffrn_source.diffrn_id                   1 
_diffrn_source.source                      'ROTATING ANODE' 
_diffrn_source.type                        'RIGAKU RU300' 
_diffrn_source.pdbx_synchrotron_site       ? 
_diffrn_source.pdbx_synchrotron_beamline   ? 
_diffrn_source.pdbx_wavelength             ? 
_diffrn_source.pdbx_wavelength_list        ? 
# 
_reflns.entry_id                     2B04 
_reflns.observed_criterion_sigma_I   -3.0 
_reflns.observed_criterion_sigma_F   0.0 
_reflns.d_resolution_low             100 
_reflns.d_resolution_high            2.00 
_reflns.number_obs                   12928 
_reflns.number_all                   ? 
_reflns.percent_possible_obs         98.2 
_reflns.pdbx_Rmerge_I_obs            0.058 
_reflns.pdbx_Rsym_value              0.046 
_reflns.pdbx_netI_over_sigmaI        25 
_reflns.B_iso_Wilson_estimate        34.7 
_reflns.pdbx_redundancy              5 
_reflns.R_free_details               ? 
_reflns.limit_h_max                  ? 
_reflns.limit_h_min                  ? 
_reflns.limit_k_max                  ? 
_reflns.limit_k_min                  ? 
_reflns.limit_l_max                  ? 
_reflns.limit_l_min                  ? 
_reflns.observed_criterion_F_max     ? 
_reflns.observed_criterion_F_min     ? 
_reflns.pdbx_chi_squared             ? 
_reflns.pdbx_scaling_rejects         ? 
_reflns.pdbx_ordinal                 1 
_reflns.pdbx_diffrn_id               1 
# 
_reflns_shell.d_res_high             2.00 
_reflns_shell.d_res_low              2.07 
_reflns_shell.percent_possible_all   99.7 
_reflns_shell.Rmerge_I_obs           0.421 
_reflns_shell.pdbx_Rsym_value        0.259 
_reflns_shell.meanI_over_sigI_obs    2.4 
_reflns_shell.pdbx_redundancy        5 
_reflns_shell.percent_possible_obs   ? 
_reflns_shell.number_unique_all      ? 
_reflns_shell.number_measured_all    ? 
_reflns_shell.number_measured_obs    ? 
_reflns_shell.number_unique_obs      ? 
_reflns_shell.pdbx_chi_squared       ? 
_reflns_shell.pdbx_ordinal           1 
_reflns_shell.pdbx_diffrn_id         1 
# 
_refine.entry_id                                 2B04 
_refine.ls_number_reflns_obs                     6069 
_refine.ls_number_reflns_all                     6258 
_refine.pdbx_ls_sigma_I                          ? 
_refine.pdbx_ls_sigma_F                          3.0 
_refine.pdbx_data_cutoff_high_absF               888178.04 
_refine.pdbx_data_cutoff_low_absF                0.000000 
_refine.pdbx_data_cutoff_high_rms_absF           ? 
_refine.ls_d_res_low                             24.07 
_refine.ls_d_res_high                            2.50 
_refine.ls_percent_reflns_obs                    90.7 
_refine.ls_R_factor_obs                          ? 
_refine.ls_R_factor_all                          0.219 
_refine.ls_R_factor_R_work                       0.211 
_refine.ls_R_factor_R_free                       0.244 
_refine.ls_R_factor_R_free_error                 0.014 
_refine.ls_R_factor_R_free_error_details         ? 
_refine.ls_percent_reflns_R_free                 5.1 
_refine.ls_number_reflns_R_free                  312 
_refine.ls_number_parameters                     ? 
_refine.ls_number_restraints                     ? 
_refine.occupancy_min                            ? 
_refine.occupancy_max                            ? 
_refine.correlation_coeff_Fo_to_Fc               ? 
_refine.correlation_coeff_Fo_to_Fc_free          ? 
_refine.B_iso_mean                               ? 
_refine.aniso_B[1][1]                            ? 
_refine.aniso_B[2][2]                            ? 
_refine.aniso_B[3][3]                            ? 
_refine.aniso_B[1][2]                            ? 
_refine.aniso_B[1][3]                            ? 
_refine.aniso_B[2][3]                            ? 
_refine.solvent_model_details                    'FLAT MODEL' 
_refine.solvent_model_param_ksol                 0.34414 
_refine.solvent_model_param_bsol                 41.3457 
_refine.pdbx_solvent_vdw_probe_radii             ? 
_refine.pdbx_solvent_ion_probe_radii             ? 
_refine.pdbx_solvent_shrinkage_radii             ? 
_refine.pdbx_ls_cross_valid_method               THROUGHOUT 
_refine.details                                  'Residues A16 to A21 were deleted from the model due to disorder.' 
_refine.pdbx_starting_model                      ? 
_refine.pdbx_method_to_determine_struct          'MOLECULAR REPLACEMENT' 
_refine.pdbx_isotropic_thermal_model             RESTRAINED 
_refine.pdbx_stereochemistry_target_values       'Engh & Huber' 
_refine.pdbx_stereochem_target_val_spec_case     ? 
_refine.pdbx_R_Free_selection_details            RANDOM 
_refine.pdbx_overall_ESU_R                       ? 
_refine.pdbx_overall_ESU_R_Free                  ? 
_refine.overall_SU_ML                            ? 
_refine.overall_SU_B                             ? 
_refine.ls_redundancy_reflns_obs                 ? 
_refine.B_iso_min                                ? 
_refine.B_iso_max                                ? 
_refine.overall_SU_R_Cruickshank_DPI             ? 
_refine.overall_SU_R_free                        ? 
_refine.ls_wR_factor_R_free                      ? 
_refine.ls_wR_factor_R_work                      ? 
_refine.overall_FOM_free_R_set                   ? 
_refine.overall_FOM_work_R_set                   ? 
_refine.pdbx_refine_id                           'X-RAY DIFFRACTION' 
_refine.pdbx_diffrn_id                           1 
_refine.pdbx_TLS_residual_ADP_flag               ? 
_refine.pdbx_overall_phase_error                 ? 
_refine.pdbx_overall_SU_R_free_Cruickshank_DPI   ? 
_refine.pdbx_overall_SU_R_Blow_DPI               ? 
_refine.pdbx_overall_SU_R_free_Blow_DPI          ? 
# 
_refine_analyze.entry_id                        2B04 
_refine_analyze.Luzzati_coordinate_error_obs    0.29 
_refine_analyze.Luzzati_sigma_a_obs             0.21 
_refine_analyze.Luzzati_d_res_low_obs           5.00 
_refine_analyze.Luzzati_coordinate_error_free   0.40 
_refine_analyze.Luzzati_sigma_a_free            0.25 
_refine_analyze.Luzzati_d_res_low_free          ? 
_refine_analyze.number_disordered_residues      ? 
_refine_analyze.occupancy_sum_hydrogen          ? 
_refine_analyze.occupancy_sum_non_hydrogen      ? 
_refine_analyze.pdbx_Luzzati_d_res_high_obs     ? 
_refine_analyze.pdbx_refine_id                  'X-RAY DIFFRACTION' 
# 
_refine_hist.pdbx_refine_id                   'X-RAY DIFFRACTION' 
_refine_hist.cycle_id                         LAST 
_refine_hist.pdbx_number_atoms_protein        924 
_refine_hist.pdbx_number_atoms_nucleic_acid   0 
_refine_hist.pdbx_number_atoms_ligand         36 
_refine_hist.number_atoms_solvent             96 
_refine_hist.number_atoms_total               1056 
_refine_hist.d_res_high                       2.50 
_refine_hist.d_res_low                        24.07 
# 
loop_
_refine_ls_restr.type 
_refine_ls_restr.dev_ideal 
_refine_ls_restr.dev_ideal_target 
_refine_ls_restr.weight 
_refine_ls_restr.number 
_refine_ls_restr.pdbx_refine_id 
_refine_ls_restr.pdbx_restraint_function 
c_bond_d           0.006 ? ? ? 'X-RAY DIFFRACTION' ? 
c_angle_deg        1.1   ? ? ? 'X-RAY DIFFRACTION' ? 
c_dihedral_angle_d 20.7  ? ? ? 'X-RAY DIFFRACTION' ? 
c_improper_angle_d 0.81  ? ? ? 'X-RAY DIFFRACTION' ? 
# 
loop_
_pdbx_xplor_file.serial_no 
_pdbx_xplor_file.param_file 
_pdbx_xplor_file.topol_file 
_pdbx_xplor_file.pdbx_refine_id 
1 protein_rep.param protein.top       'X-RAY DIFFRACTION' 
2 water_rep.param   water.top         'X-RAY DIFFRACTION' 
3 ion.param         ion.top           'X-RAY DIFFRACTION' 
4 MY_TOPPAR:gcd.par MY_TOPPAR:gcd.top 'X-RAY DIFFRACTION' 
# 
_struct.entry_id                  2B04 
_struct.title                     'Crystal Structure of Porcine Pancreatic Phospholipase A2 in Complex with Glycochenodeoxycholate' 
_struct.pdbx_model_details        ? 
_struct.pdbx_CASP_flag            ? 
_struct.pdbx_model_type_details   ? 
# 
_struct_keywords.entry_id        2B04 
_struct_keywords.pdbx_keywords   HYDROLASE 
_struct_keywords.text            'Bile salt, glycochenodeoxycholate, carboxylic ester hydrolase, pancreatic enzyme, HYDROLASE' 
# 
loop_
_struct_asym.id 
_struct_asym.pdbx_blank_PDB_chainid_flag 
_struct_asym.pdbx_modified 
_struct_asym.entity_id 
_struct_asym.details 
A N N 1 ? 
B N N 2 ? 
C N N 3 ? 
D N N 3 ? 
E N N 3 ? 
F N N 4 ? 
G N N 5 ? 
# 
_struct_ref.id                         1 
_struct_ref.db_name                    UNP 
_struct_ref.db_code                    PA21B_PIG 
_struct_ref.pdbx_db_accession          P00592 
_struct_ref.entity_id                  1 
_struct_ref.pdbx_align_begin           23 
_struct_ref.pdbx_db_isoform            ? 
_struct_ref.pdbx_seq_one_letter_code   ? 
# 
_struct_ref_seq.align_id                      1 
_struct_ref_seq.ref_id                        1 
_struct_ref_seq.pdbx_PDB_id_code              2B04 
_struct_ref_seq.pdbx_strand_id                A 
_struct_ref_seq.seq_align_beg                 1 
_struct_ref_seq.pdbx_seq_align_beg_ins_code   ? 
_struct_ref_seq.seq_align_end                 124 
_struct_ref_seq.pdbx_seq_align_end_ins_code   ? 
_struct_ref_seq.pdbx_db_accession             P00592 
_struct_ref_seq.db_align_beg                  23 
_struct_ref_seq.pdbx_db_align_beg_ins_code    ? 
_struct_ref_seq.db_align_end                  146 
_struct_ref_seq.pdbx_db_align_end_ins_code    ? 
_struct_ref_seq.pdbx_auth_seq_align_beg       1 
_struct_ref_seq.pdbx_auth_seq_align_end       124 
# 
loop_
_pdbx_struct_assembly.id 
_pdbx_struct_assembly.details 
_pdbx_struct_assembly.method_details 
_pdbx_struct_assembly.oligomeric_details 
_pdbx_struct_assembly.oligomeric_count 
1 author_and_software_defined_assembly PQS  monomeric 1 
2 software_defined_assembly            PISA dimeric   2 
# 
loop_
_pdbx_struct_assembly_prop.biol_id 
_pdbx_struct_assembly_prop.type 
_pdbx_struct_assembly_prop.value 
_pdbx_struct_assembly_prop.details 
2 'ABSA (A^2)' 3460  ? 
2 MORE         -79   ? 
2 'SSA (A^2)'  12940 ? 
# 
loop_
_pdbx_struct_assembly_gen.assembly_id 
_pdbx_struct_assembly_gen.oper_expression 
_pdbx_struct_assembly_gen.asym_id_list 
1 1   A,B,C,D,E,F,G 
2 1,2 A,B,C,D,E,F,G 
# 
loop_
_pdbx_struct_oper_list.id 
_pdbx_struct_oper_list.type 
_pdbx_struct_oper_list.name 
_pdbx_struct_oper_list.symmetry_operation 
_pdbx_struct_oper_list.matrix[1][1] 
_pdbx_struct_oper_list.matrix[1][2] 
_pdbx_struct_oper_list.matrix[1][3] 
_pdbx_struct_oper_list.vector[1] 
_pdbx_struct_oper_list.matrix[2][1] 
_pdbx_struct_oper_list.matrix[2][2] 
_pdbx_struct_oper_list.matrix[2][3] 
_pdbx_struct_oper_list.vector[2] 
_pdbx_struct_oper_list.matrix[3][1] 
_pdbx_struct_oper_list.matrix[3][2] 
_pdbx_struct_oper_list.matrix[3][3] 
_pdbx_struct_oper_list.vector[3] 
1 'identity operation'         1_555 x,y,z          1.0000000000  0.0000000000  0.0000000000 0.0000000000  0.0000000000  1.0000000000  0.0000000000  0.0000000000   0.0000000000 0.0000000000  1.0000000000 0.0000000000   
2 'crystal symmetry operation' 6_555 -x,-x+y,-z+1/3 -0.3792607446 -0.4320673767 0.8182170064 -4.4464939258 -0.4320673767 -0.6992582371 -0.5695223436 -29.9889820975 0.8182170064 -0.5695223436 0.0785189817 -12.4626442795 
# 
_struct_biol.id                    1 
_struct_biol.pdbx_parent_biol_id   ? 
_struct_biol.details               ? 
# 
loop_
_struct_conf.conf_type_id 
_struct_conf.id 
_struct_conf.pdbx_PDB_helix_id 
_struct_conf.beg_label_comp_id 
_struct_conf.beg_label_asym_id 
_struct_conf.beg_label_seq_id 
_struct_conf.pdbx_beg_PDB_ins_code 
_struct_conf.end_label_comp_id 
_struct_conf.end_label_asym_id 
_struct_conf.end_label_seq_id 
_struct_conf.pdbx_end_PDB_ins_code 
_struct_conf.beg_auth_comp_id 
_struct_conf.beg_auth_asym_id 
_struct_conf.beg_auth_seq_id 
_struct_conf.end_auth_comp_id 
_struct_conf.end_auth_asym_id 
_struct_conf.end_auth_seq_id 
_struct_conf.pdbx_PDB_helix_class 
_struct_conf.details 
_struct_conf.pdbx_PDB_helix_length 
HELX_P HELX_P1 1 ALA A 1   ? ILE A 13  ? ALA A 1   ILE A 13  1 ? 13 
HELX_P HELX_P2 2 ASP A 39  ? LEU A 58  ? ASP A 39  LEU A 58  1 ? 20 
HELX_P HELX_P3 3 PHE A 63  ? GLU A 71  ? PHE A 63  GLU A 71  5 ? 9  
HELX_P HELX_P4 4 ASN A 89  ? LYS A 108 ? ASN A 89  LYS A 108 1 ? 20 
HELX_P HELX_P5 5 ASN A 112 ? LYS A 116 ? ASN A 112 LYS A 116 5 ? 5  
HELX_P HELX_P6 6 ASP A 119 ? CYS A 124 ? ASP A 119 CYS A 124 1 ? 6  
# 
_struct_conf_type.id          HELX_P 
_struct_conf_type.criteria    ? 
_struct_conf_type.reference   ? 
# 
loop_
_struct_conn.id 
_struct_conn.conn_type_id 
_struct_conn.pdbx_leaving_atom_flag 
_struct_conn.pdbx_PDB_id 
_struct_conn.ptnr1_label_asym_id 
_struct_conn.ptnr1_label_comp_id 
_struct_conn.ptnr1_label_seq_id 
_struct_conn.ptnr1_label_atom_id 
_struct_conn.pdbx_ptnr1_label_alt_id 
_struct_conn.pdbx_ptnr1_PDB_ins_code 
_struct_conn.pdbx_ptnr1_standard_comp_id 
_struct_conn.ptnr1_symmetry 
_struct_conn.ptnr2_label_asym_id 
_struct_conn.ptnr2_label_comp_id 
_struct_conn.ptnr2_label_seq_id 
_struct_conn.ptnr2_label_atom_id 
_struct_conn.pdbx_ptnr2_label_alt_id 
_struct_conn.pdbx_ptnr2_PDB_ins_code 
_struct_conn.ptnr1_auth_asym_id 
_struct_conn.ptnr1_auth_comp_id 
_struct_conn.ptnr1_auth_seq_id 
_struct_conn.ptnr2_auth_asym_id 
_struct_conn.ptnr2_auth_comp_id 
_struct_conn.ptnr2_auth_seq_id 
_struct_conn.ptnr2_symmetry 
_struct_conn.pdbx_ptnr3_label_atom_id 
_struct_conn.pdbx_ptnr3_label_seq_id 
_struct_conn.pdbx_ptnr3_label_comp_id 
_struct_conn.pdbx_ptnr3_label_asym_id 
_struct_conn.pdbx_ptnr3_label_alt_id 
_struct_conn.pdbx_ptnr3_PDB_ins_code 
_struct_conn.details 
_struct_conn.pdbx_dist_value 
_struct_conn.pdbx_value_order 
_struct_conn.pdbx_role 
disulf1  disulf ? ? A CYS 11 SG  ? ? ? 1_555 A CYS 77  SG ? ? A CYS 11  A CYS 77  1_555 ? ? ? ? ? ? ? 2.030 ? ? 
disulf2  disulf ? ? A CYS 27 SG  ? ? ? 1_555 A CYS 124 SG ? ? A CYS 27  A CYS 124 1_555 ? ? ? ? ? ? ? 2.032 ? ? 
disulf3  disulf ? ? A CYS 29 SG  ? ? ? 1_555 A CYS 45  SG ? ? A CYS 29  A CYS 45  1_555 ? ? ? ? ? ? ? 2.028 ? ? 
disulf4  disulf ? ? A CYS 44 SG  ? ? ? 1_555 A CYS 105 SG ? ? A CYS 44  A CYS 105 1_555 ? ? ? ? ? ? ? 2.031 ? ? 
disulf5  disulf ? ? A CYS 51 SG  ? ? ? 1_555 A CYS 98  SG ? ? A CYS 51  A CYS 98  1_555 ? ? ? ? ? ? ? 2.033 ? ? 
disulf6  disulf ? ? A CYS 61 SG  ? ? ? 1_555 A CYS 91  SG ? ? A CYS 61  A CYS 91  1_555 ? ? ? ? ? ? ? 2.032 ? ? 
disulf7  disulf ? ? A CYS 84 SG  ? ? ? 1_555 A CYS 96  SG ? ? A CYS 84  A CYS 96  1_555 ? ? ? ? ? ? ? 2.043 ? ? 
metalc1  metalc ? ? A TYR 28 O   ? ? ? 1_555 C CA  .   CA ? ? A TYR 28  A CA  130 1_555 ? ? ? ? ? ? ? 2.385 ? ? 
metalc2  metalc ? ? A GLY 30 O   ? ? ? 1_555 C CA  .   CA ? ? A GLY 30  A CA  130 1_555 ? ? ? ? ? ? ? 2.527 ? ? 
metalc3  metalc ? ? A GLY 32 O   ? ? ? 1_555 C CA  .   CA ? ? A GLY 32  A CA  130 1_555 ? ? ? ? ? ? ? 2.330 ? ? 
metalc4  metalc ? ? A ASP 49 OD1 ? ? ? 1_555 C CA  .   CA ? ? A ASP 49  A CA  130 1_555 ? ? ? ? ? ? ? 2.542 ? ? 
metalc5  metalc ? ? A ASP 49 OD2 ? ? ? 1_555 C CA  .   CA ? ? A ASP 49  A CA  130 1_555 ? ? ? ? ? ? ? 2.421 ? ? 
metalc6  metalc ? ? A LYS 62 O   ? ? ? 1_555 E CA  .   CA ? ? A LYS 62  A CA  132 1_555 ? ? ? ? ? ? ? 2.115 ? ? 
metalc7  metalc ? ? A LYS 62 O   ? ? ? 6_555 E CA  .   CA ? ? A LYS 62  A CA  132 1_555 ? ? ? ? ? ? ? 2.112 ? ? 
metalc8  metalc ? ? A GLU 71 OE1 ? ? ? 1_555 D CA  .   CA ? ? A GLU 71  A CA  131 1_555 ? ? ? ? ? ? ? 2.210 ? ? 
metalc9  metalc ? ? A GLU 71 OE1 ? ? ? 6_555 D CA  .   CA ? ? A GLU 71  A CA  131 1_555 ? ? ? ? ? ? ? 2.208 ? ? 
metalc10 metalc ? ? A SER 72 O   ? ? ? 1_555 D CA  .   CA ? ? A SER 72  A CA  131 1_555 ? ? ? ? ? ? ? 2.359 ? ? 
metalc11 metalc ? ? A SER 72 O   ? ? ? 6_555 D CA  .   CA ? ? A SER 72  A CA  131 1_555 ? ? ? ? ? ? ? 2.351 ? ? 
metalc12 metalc ? ? A GLU 92 OE1 ? ? ? 1_555 D CA  .   CA ? ? A GLU 92  A CA  131 1_555 ? ? ? ? ? ? ? 2.145 ? ? 
metalc13 metalc ? ? A GLU 92 OE1 ? ? ? 6_555 D CA  .   CA ? ? A GLU 92  A CA  131 1_555 ? ? ? ? ? ? ? 2.121 ? ? 
metalc14 metalc ? ? C CA  .  CA  ? ? ? 1_555 G HOH .   O  ? ? A CA  130 A HOH 238 1_555 ? ? ? ? ? ? ? 2.390 ? ? 
metalc15 metalc ? ? C CA  .  CA  ? ? ? 1_555 G HOH .   O  ? ? A CA  130 A HOH 239 1_555 ? ? ? ? ? ? ? 2.583 ? ? 
metalc16 metalc ? ? E CA  .  CA  ? ? ? 1_555 F CL  .   CL ? ? A CA  132 A CL  135 1_555 ? ? ? ? ? ? ? 2.633 ? ? 
metalc17 metalc ? ? E CA  .  CA  ? ? ? 1_555 F CL  .   CL ? ? A CA  132 A CL  135 6_555 ? ? ? ? ? ? ? 2.633 ? ? 
metalc18 metalc ? ? E CA  .  CA  ? ? ? 1_555 G HOH .   O  ? ? A CA  132 A HOH 214 1_555 ? ? ? ? ? ? ? 2.852 ? ? 
metalc19 metalc ? ? E CA  .  CA  ? ? ? 1_555 G HOH .   O  ? ? A CA  132 A HOH 214 6_555 ? ? ? ? ? ? ? 2.835 ? ? 
# 
loop_
_struct_conn_type.id 
_struct_conn_type.criteria 
_struct_conn_type.reference 
disulf ? ? 
metalc ? ? 
# 
loop_
_pdbx_struct_conn_angle.id 
_pdbx_struct_conn_angle.ptnr1_label_atom_id 
_pdbx_struct_conn_angle.ptnr1_label_alt_id 
_pdbx_struct_conn_angle.ptnr1_label_asym_id 
_pdbx_struct_conn_angle.ptnr1_label_comp_id 
_pdbx_struct_conn_angle.ptnr1_label_seq_id 
_pdbx_struct_conn_angle.ptnr1_auth_atom_id 
_pdbx_struct_conn_angle.ptnr1_auth_asym_id 
_pdbx_struct_conn_angle.ptnr1_auth_comp_id 
_pdbx_struct_conn_angle.ptnr1_auth_seq_id 
_pdbx_struct_conn_angle.ptnr1_PDB_ins_code 
_pdbx_struct_conn_angle.ptnr1_symmetry 
_pdbx_struct_conn_angle.ptnr2_label_atom_id 
_pdbx_struct_conn_angle.ptnr2_label_alt_id 
_pdbx_struct_conn_angle.ptnr2_label_asym_id 
_pdbx_struct_conn_angle.ptnr2_label_comp_id 
_pdbx_struct_conn_angle.ptnr2_label_seq_id 
_pdbx_struct_conn_angle.ptnr2_auth_atom_id 
_pdbx_struct_conn_angle.ptnr2_auth_asym_id 
_pdbx_struct_conn_angle.ptnr2_auth_comp_id 
_pdbx_struct_conn_angle.ptnr2_auth_seq_id 
_pdbx_struct_conn_angle.ptnr2_PDB_ins_code 
_pdbx_struct_conn_angle.ptnr2_symmetry 
_pdbx_struct_conn_angle.ptnr3_label_atom_id 
_pdbx_struct_conn_angle.ptnr3_label_alt_id 
_pdbx_struct_conn_angle.ptnr3_label_asym_id 
_pdbx_struct_conn_angle.ptnr3_label_comp_id 
_pdbx_struct_conn_angle.ptnr3_label_seq_id 
_pdbx_struct_conn_angle.ptnr3_auth_atom_id 
_pdbx_struct_conn_angle.ptnr3_auth_asym_id 
_pdbx_struct_conn_angle.ptnr3_auth_comp_id 
_pdbx_struct_conn_angle.ptnr3_auth_seq_id 
_pdbx_struct_conn_angle.ptnr3_PDB_ins_code 
_pdbx_struct_conn_angle.ptnr3_symmetry 
_pdbx_struct_conn_angle.value 
_pdbx_struct_conn_angle.value_esd 
1  O   ? A TYR 28 ? A TYR 28  ? 1_555 CA ? C CA . ? A CA 130 ? 1_555 O   ? A GLY 30 ? A GLY 30  ? 1_555 93.4  ? 
2  O   ? A TYR 28 ? A TYR 28  ? 1_555 CA ? C CA . ? A CA 130 ? 1_555 O   ? A GLY 32 ? A GLY 32  ? 1_555 99.8  ? 
3  O   ? A GLY 30 ? A GLY 30  ? 1_555 CA ? C CA . ? A CA 130 ? 1_555 O   ? A GLY 32 ? A GLY 32  ? 1_555 94.0  ? 
4  O   ? A TYR 28 ? A TYR 28  ? 1_555 CA ? C CA . ? A CA 130 ? 1_555 OD1 ? A ASP 49 ? A ASP 49  ? 1_555 99.9  ? 
5  O   ? A GLY 30 ? A GLY 30  ? 1_555 CA ? C CA . ? A CA 130 ? 1_555 OD1 ? A ASP 49 ? A ASP 49  ? 1_555 133.5 ? 
6  O   ? A GLY 32 ? A GLY 32  ? 1_555 CA ? C CA . ? A CA 130 ? 1_555 OD1 ? A ASP 49 ? A ASP 49  ? 1_555 126.6 ? 
7  O   ? A TYR 28 ? A TYR 28  ? 1_555 CA ? C CA . ? A CA 130 ? 1_555 OD2 ? A ASP 49 ? A ASP 49  ? 1_555 97.0  ? 
8  O   ? A GLY 30 ? A GLY 30  ? 1_555 CA ? C CA . ? A CA 130 ? 1_555 OD2 ? A ASP 49 ? A ASP 49  ? 1_555 166.7 ? 
9  O   ? A GLY 32 ? A GLY 32  ? 1_555 CA ? C CA . ? A CA 130 ? 1_555 OD2 ? A ASP 49 ? A ASP 49  ? 1_555 76.1  ? 
10 OD1 ? A ASP 49 ? A ASP 49  ? 1_555 CA ? C CA . ? A CA 130 ? 1_555 OD2 ? A ASP 49 ? A ASP 49  ? 1_555 52.5  ? 
11 O   ? A TYR 28 ? A TYR 28  ? 1_555 CA ? C CA . ? A CA 130 ? 1_555 O   ? G HOH .  ? A HOH 238 ? 1_555 78.5  ? 
12 O   ? A GLY 30 ? A GLY 30  ? 1_555 CA ? C CA . ? A CA 130 ? 1_555 O   ? G HOH .  ? A HOH 238 ? 1_555 63.2  ? 
13 O   ? A GLY 32 ? A GLY 32  ? 1_555 CA ? C CA . ? A CA 130 ? 1_555 O   ? G HOH .  ? A HOH 238 ? 1_555 156.8 ? 
14 OD1 ? A ASP 49 ? A ASP 49  ? 1_555 CA ? C CA . ? A CA 130 ? 1_555 O   ? G HOH .  ? A HOH 238 ? 1_555 76.1  ? 
15 OD2 ? A ASP 49 ? A ASP 49  ? 1_555 CA ? C CA . ? A CA 130 ? 1_555 O   ? G HOH .  ? A HOH 238 ? 1_555 127.1 ? 
16 O   ? A TYR 28 ? A TYR 28  ? 1_555 CA ? C CA . ? A CA 130 ? 1_555 O   ? G HOH .  ? A HOH 239 ? 1_555 166.3 ? 
17 O   ? A GLY 30 ? A GLY 30  ? 1_555 CA ? C CA . ? A CA 130 ? 1_555 O   ? G HOH .  ? A HOH 239 ? 1_555 78.6  ? 
18 O   ? A GLY 32 ? A GLY 32  ? 1_555 CA ? C CA . ? A CA 130 ? 1_555 O   ? G HOH .  ? A HOH 239 ? 1_555 91.9  ? 
19 OD1 ? A ASP 49 ? A ASP 49  ? 1_555 CA ? C CA . ? A CA 130 ? 1_555 O   ? G HOH .  ? A HOH 239 ? 1_555 78.4  ? 
20 OD2 ? A ASP 49 ? A ASP 49  ? 1_555 CA ? C CA . ? A CA 130 ? 1_555 O   ? G HOH .  ? A HOH 239 ? 1_555 92.7  ? 
21 O   ? G HOH .  ? A HOH 238 ? 1_555 CA ? C CA . ? A CA 130 ? 1_555 O   ? G HOH .  ? A HOH 239 ? 1_555 87.9  ? 
22 O   ? A LYS 62 ? A LYS 62  ? 1_555 CA ? E CA . ? A CA 132 ? 1_555 O   ? A LYS 62 ? A LYS 62  ? 6_555 173.9 ? 
23 O   ? A LYS 62 ? A LYS 62  ? 1_555 CA ? E CA . ? A CA 132 ? 1_555 CL  ? F CL  .  ? A CL  135 ? 1_555 87.1  ? 
24 O   ? A LYS 62 ? A LYS 62  ? 6_555 CA ? E CA . ? A CA 132 ? 1_555 CL  ? F CL  .  ? A CL  135 ? 1_555 86.8  ? 
25 O   ? A LYS 62 ? A LYS 62  ? 1_555 CA ? E CA . ? A CA 132 ? 1_555 CL  ? F CL  .  ? A CL  135 ? 6_555 86.7  ? 
26 O   ? A LYS 62 ? A LYS 62  ? 6_555 CA ? E CA . ? A CA 132 ? 1_555 CL  ? F CL  .  ? A CL  135 ? 6_555 87.2  ? 
27 CL  ? F CL  .  ? A CL  135 ? 1_555 CA ? E CA . ? A CA 132 ? 1_555 CL  ? F CL  .  ? A CL  135 ? 6_555 0.5   ? 
28 O   ? A LYS 62 ? A LYS 62  ? 1_555 CA ? E CA . ? A CA 132 ? 1_555 O   ? G HOH .  ? A HOH 214 ? 1_555 88.9  ? 
29 O   ? A LYS 62 ? A LYS 62  ? 6_555 CA ? E CA . ? A CA 132 ? 1_555 O   ? G HOH .  ? A HOH 214 ? 1_555 89.2  ? 
30 CL  ? F CL  .  ? A CL  135 ? 1_555 CA ? E CA . ? A CA 132 ? 1_555 O   ? G HOH .  ? A HOH 214 ? 1_555 76.1  ? 
31 CL  ? F CL  .  ? A CL  135 ? 6_555 CA ? E CA . ? A CA 132 ? 1_555 O   ? G HOH .  ? A HOH 214 ? 1_555 75.9  ? 
32 O   ? A LYS 62 ? A LYS 62  ? 1_555 CA ? E CA . ? A CA 132 ? 1_555 O   ? G HOH .  ? A HOH 214 ? 6_555 89.6  ? 
33 O   ? A LYS 62 ? A LYS 62  ? 6_555 CA ? E CA . ? A CA 132 ? 1_555 O   ? G HOH .  ? A HOH 214 ? 6_555 89.4  ? 
34 CL  ? F CL  .  ? A CL  135 ? 1_555 CA ? E CA . ? A CA 132 ? 1_555 O   ? G HOH .  ? A HOH 214 ? 6_555 76.1  ? 
35 CL  ? F CL  .  ? A CL  135 ? 6_555 CA ? E CA . ? A CA 132 ? 1_555 O   ? G HOH .  ? A HOH 214 ? 6_555 76.4  ? 
36 O   ? G HOH .  ? A HOH 214 ? 1_555 CA ? E CA . ? A CA 132 ? 1_555 O   ? G HOH .  ? A HOH 214 ? 6_555 152.3 ? 
37 OE1 ? A GLU 71 ? A GLU 71  ? 1_555 CA ? D CA . ? A CA 131 ? 1_555 OE1 ? A GLU 71 ? A GLU 71  ? 6_555 95.8  ? 
38 OE1 ? A GLU 71 ? A GLU 71  ? 1_555 CA ? D CA . ? A CA 131 ? 1_555 O   ? A SER 72 ? A SER 72  ? 1_555 91.2  ? 
39 OE1 ? A GLU 71 ? A GLU 71  ? 6_555 CA ? D CA . ? A CA 131 ? 1_555 O   ? A SER 72 ? A SER 72  ? 1_555 162.5 ? 
40 OE1 ? A GLU 71 ? A GLU 71  ? 1_555 CA ? D CA . ? A CA 131 ? 1_555 O   ? A SER 72 ? A SER 72  ? 6_555 163.6 ? 
41 OE1 ? A GLU 71 ? A GLU 71  ? 6_555 CA ? D CA . ? A CA 131 ? 1_555 O   ? A SER 72 ? A SER 72  ? 6_555 91.5  ? 
42 O   ? A SER 72 ? A SER 72  ? 1_555 CA ? D CA . ? A CA 131 ? 1_555 O   ? A SER 72 ? A SER 72  ? 6_555 86.0  ? 
43 OE1 ? A GLU 71 ? A GLU 71  ? 1_555 CA ? D CA . ? A CA 131 ? 1_555 OE1 ? A GLU 92 ? A GLU 92  ? 1_555 102.3 ? 
44 OE1 ? A GLU 71 ? A GLU 71  ? 6_555 CA ? D CA . ? A CA 131 ? 1_555 OE1 ? A GLU 92 ? A GLU 92  ? 1_555 79.5  ? 
45 O   ? A SER 72 ? A SER 72  ? 1_555 CA ? D CA . ? A CA 131 ? 1_555 OE1 ? A GLU 92 ? A GLU 92  ? 1_555 83.3  ? 
46 O   ? A SER 72 ? A SER 72  ? 6_555 CA ? D CA . ? A CA 131 ? 1_555 OE1 ? A GLU 92 ? A GLU 92  ? 1_555 93.4  ? 
47 OE1 ? A GLU 71 ? A GLU 71  ? 1_555 CA ? D CA . ? A CA 131 ? 1_555 OE1 ? A GLU 92 ? A GLU 92  ? 6_555 80.0  ? 
48 OE1 ? A GLU 71 ? A GLU 71  ? 6_555 CA ? D CA . ? A CA 131 ? 1_555 OE1 ? A GLU 92 ? A GLU 92  ? 6_555 103.2 ? 
49 O   ? A SER 72 ? A SER 72  ? 1_555 CA ? D CA . ? A CA 131 ? 1_555 OE1 ? A GLU 92 ? A GLU 92  ? 6_555 93.8  ? 
50 O   ? A SER 72 ? A SER 72  ? 6_555 CA ? D CA . ? A CA 131 ? 1_555 OE1 ? A GLU 92 ? A GLU 92  ? 6_555 84.1  ? 
51 OE1 ? A GLU 92 ? A GLU 92  ? 1_555 CA ? D CA . ? A CA 131 ? 1_555 OE1 ? A GLU 92 ? A GLU 92  ? 6_555 176.4 ? 
# 
loop_
_pdbx_modification_feature.ordinal 
_pdbx_modification_feature.label_comp_id 
_pdbx_modification_feature.label_asym_id 
_pdbx_modification_feature.label_seq_id 
_pdbx_modification_feature.label_alt_id 
_pdbx_modification_feature.modified_residue_label_comp_id 
_pdbx_modification_feature.modified_residue_label_asym_id 
_pdbx_modification_feature.modified_residue_label_seq_id 
_pdbx_modification_feature.modified_residue_label_alt_id 
_pdbx_modification_feature.auth_comp_id 
_pdbx_modification_feature.auth_asym_id 
_pdbx_modification_feature.auth_seq_id 
_pdbx_modification_feature.PDB_ins_code 
_pdbx_modification_feature.symmetry 
_pdbx_modification_feature.modified_residue_auth_comp_id 
_pdbx_modification_feature.modified_residue_auth_asym_id 
_pdbx_modification_feature.modified_residue_auth_seq_id 
_pdbx_modification_feature.modified_residue_PDB_ins_code 
_pdbx_modification_feature.modified_residue_symmetry 
_pdbx_modification_feature.comp_id_linking_atom 
_pdbx_modification_feature.modified_residue_id_linking_atom 
_pdbx_modification_feature.modified_residue_id 
_pdbx_modification_feature.ref_pcm_id 
_pdbx_modification_feature.ref_comp_id 
_pdbx_modification_feature.type 
_pdbx_modification_feature.category 
1 CYS A 11 ? CYS A 77  ? CYS A 11 ? 1_555 CYS A 77  ? 1_555 SG SG . . . None 'Disulfide bridge' 
2 CYS A 27 ? CYS A 124 ? CYS A 27 ? 1_555 CYS A 124 ? 1_555 SG SG . . . None 'Disulfide bridge' 
3 CYS A 29 ? CYS A 45  ? CYS A 29 ? 1_555 CYS A 45  ? 1_555 SG SG . . . None 'Disulfide bridge' 
4 CYS A 44 ? CYS A 105 ? CYS A 44 ? 1_555 CYS A 105 ? 1_555 SG SG . . . None 'Disulfide bridge' 
5 CYS A 51 ? CYS A 98  ? CYS A 51 ? 1_555 CYS A 98  ? 1_555 SG SG . . . None 'Disulfide bridge' 
6 CYS A 61 ? CYS A 91  ? CYS A 61 ? 1_555 CYS A 91  ? 1_555 SG SG . . . None 'Disulfide bridge' 
7 CYS A 84 ? CYS A 96  ? CYS A 84 ? 1_555 CYS A 96  ? 1_555 SG SG . . . None 'Disulfide bridge' 
# 
_struct_sheet.id               A 
_struct_sheet.type             ? 
_struct_sheet.number_strands   2 
_struct_sheet.details          ? 
# 
_struct_sheet_order.sheet_id     A 
_struct_sheet_order.range_id_1   1 
_struct_sheet_order.range_id_2   2 
_struct_sheet_order.offset       ? 
_struct_sheet_order.sense        anti-parallel 
# 
loop_
_struct_sheet_range.sheet_id 
_struct_sheet_range.id 
_struct_sheet_range.beg_label_comp_id 
_struct_sheet_range.beg_label_asym_id 
_struct_sheet_range.beg_label_seq_id 
_struct_sheet_range.pdbx_beg_PDB_ins_code 
_struct_sheet_range.end_label_comp_id 
_struct_sheet_range.end_label_asym_id 
_struct_sheet_range.end_label_seq_id 
_struct_sheet_range.pdbx_end_PDB_ins_code 
_struct_sheet_range.beg_auth_comp_id 
_struct_sheet_range.beg_auth_asym_id 
_struct_sheet_range.beg_auth_seq_id 
_struct_sheet_range.end_auth_comp_id 
_struct_sheet_range.end_auth_asym_id 
_struct_sheet_range.end_auth_seq_id 
A 1 TYR A 75 ? CYS A 77 ? TYR A 75 CYS A 77 
A 2 ILE A 82 ? CYS A 84 ? ILE A 82 CYS A 84 
# 
_pdbx_struct_sheet_hbond.sheet_id                A 
_pdbx_struct_sheet_hbond.range_id_1              1 
_pdbx_struct_sheet_hbond.range_id_2              2 
_pdbx_struct_sheet_hbond.range_1_label_atom_id   N 
_pdbx_struct_sheet_hbond.range_1_label_comp_id   SER 
_pdbx_struct_sheet_hbond.range_1_label_asym_id   A 
_pdbx_struct_sheet_hbond.range_1_label_seq_id    76 
_pdbx_struct_sheet_hbond.range_1_PDB_ins_code    ? 
_pdbx_struct_sheet_hbond.range_1_auth_atom_id    N 
_pdbx_struct_sheet_hbond.range_1_auth_comp_id    SER 
_pdbx_struct_sheet_hbond.range_1_auth_asym_id    A 
_pdbx_struct_sheet_hbond.range_1_auth_seq_id     76 
_pdbx_struct_sheet_hbond.range_2_label_atom_id   O 
_pdbx_struct_sheet_hbond.range_2_label_comp_id   THR 
_pdbx_struct_sheet_hbond.range_2_label_asym_id   A 
_pdbx_struct_sheet_hbond.range_2_label_seq_id    83 
_pdbx_struct_sheet_hbond.range_2_PDB_ins_code    ? 
_pdbx_struct_sheet_hbond.range_2_auth_atom_id    O 
_pdbx_struct_sheet_hbond.range_2_auth_comp_id    THR 
_pdbx_struct_sheet_hbond.range_2_auth_asym_id    A 
_pdbx_struct_sheet_hbond.range_2_auth_seq_id     83 
# 
loop_
_struct_site.id 
_struct_site.pdbx_evidence_code 
_struct_site.pdbx_auth_asym_id 
_struct_site.pdbx_auth_comp_id 
_struct_site.pdbx_auth_seq_id 
_struct_site.pdbx_auth_ins_code 
_struct_site.pdbx_num_residues 
_struct_site.details 
AC1 Software A CHO 200 ? 13 'BINDING SITE FOR RESIDUE CHO A 200' 
AC2 Software A CA  130 ? 6  'BINDING SITE FOR RESIDUE CA A 130'  
AC3 Software A CA  131 ? 6  'BINDING SITE FOR RESIDUE CA A 131'  
AC4 Software A CA  132 ? 6  'BINDING SITE FOR RESIDUE CA A 132'  
AC5 Software A CL  135 ? 4  'BINDING SITE FOR RESIDUE CL A 135'  
# 
loop_
_struct_site_gen.id 
_struct_site_gen.site_id 
_struct_site_gen.pdbx_num_res 
_struct_site_gen.label_comp_id 
_struct_site_gen.label_asym_id 
_struct_site_gen.label_seq_id 
_struct_site_gen.pdbx_auth_ins_code 
_struct_site_gen.auth_comp_id 
_struct_site_gen.auth_asym_id 
_struct_site_gen.auth_seq_id 
_struct_site_gen.label_atom_id 
_struct_site_gen.label_alt_id 
_struct_site_gen.symmetry 
_struct_site_gen.details 
1  AC1 13 PHE A 5   ? PHE A 5   . ? 1_555 ? 
2  AC1 13 ARG A 6   ? ARG A 6   . ? 1_555 ? 
3  AC1 13 ILE A 9   ? ILE A 9   . ? 1_555 ? 
4  AC1 13 PHE A 22  ? PHE A 22  . ? 1_555 ? 
5  AC1 13 ASN A 23  ? ASN A 23  . ? 1_555 ? 
6  AC1 13 TYR A 25  ? TYR A 25  . ? 1_555 ? 
7  AC1 13 CYS A 29  ? CYS A 29  . ? 1_555 ? 
8  AC1 13 GLY A 30  ? GLY A 30  . ? 1_555 ? 
9  AC1 13 PHE A 106 ? PHE A 106 . ? 1_555 ? 
10 AC1 13 TYR A 111 ? TYR A 111 . ? 1_555 ? 
11 AC1 13 HOH G .   ? HOH A 294 . ? 1_555 ? 
12 AC1 13 HOH G .   ? HOH A 295 . ? 1_555 ? 
13 AC1 13 HOH G .   ? HOH A 296 . ? 1_555 ? 
14 AC2 6  TYR A 28  ? TYR A 28  . ? 1_555 ? 
15 AC2 6  GLY A 30  ? GLY A 30  . ? 1_555 ? 
16 AC2 6  GLY A 32  ? GLY A 32  . ? 1_555 ? 
17 AC2 6  ASP A 49  ? ASP A 49  . ? 1_555 ? 
18 AC2 6  HOH G .   ? HOH A 238 . ? 1_555 ? 
19 AC2 6  HOH G .   ? HOH A 239 . ? 1_555 ? 
20 AC3 6  GLU A 71  ? GLU A 71  . ? 6_555 ? 
21 AC3 6  GLU A 71  ? GLU A 71  . ? 1_555 ? 
22 AC3 6  SER A 72  ? SER A 72  . ? 6_555 ? 
23 AC3 6  SER A 72  ? SER A 72  . ? 1_555 ? 
24 AC3 6  GLU A 92  ? GLU A 92  . ? 6_555 ? 
25 AC3 6  GLU A 92  ? GLU A 92  . ? 1_555 ? 
26 AC4 6  LYS A 62  ? LYS A 62  . ? 6_555 ? 
27 AC4 6  LYS A 62  ? LYS A 62  . ? 1_555 ? 
28 AC4 6  CL  F .   ? CL  A 135 . ? 6_555 ? 
29 AC4 6  CL  F .   ? CL  A 135 . ? 1_555 ? 
30 AC4 6  HOH G .   ? HOH A 214 . ? 6_555 ? 
31 AC4 6  HOH G .   ? HOH A 214 . ? 1_555 ? 
32 AC5 4  LYS A 62  ? LYS A 62  . ? 1_555 ? 
33 AC5 4  LYS A 62  ? LYS A 62  . ? 6_555 ? 
34 AC5 4  CA  E .   ? CA  A 132 . ? 6_555 ? 
35 AC5 4  CA  E .   ? CA  A 132 . ? 1_555 ? 
# 
_pdbx_entry_details.entry_id                   2B04 
_pdbx_entry_details.compound_details           ? 
_pdbx_entry_details.source_details             ? 
_pdbx_entry_details.nonpolymer_details         ? 
_pdbx_entry_details.sequence_details           ? 
_pdbx_entry_details.has_ligand_of_interest     ? 
_pdbx_entry_details.has_protein_modification   Y 
# 
_pdbx_validate_symm_contact.id                1 
_pdbx_validate_symm_contact.PDB_model_num     1 
_pdbx_validate_symm_contact.auth_atom_id_1    NZ 
_pdbx_validate_symm_contact.auth_asym_id_1    A 
_pdbx_validate_symm_contact.auth_comp_id_1    LYS 
_pdbx_validate_symm_contact.auth_seq_id_1     113 
_pdbx_validate_symm_contact.PDB_ins_code_1    ? 
_pdbx_validate_symm_contact.label_alt_id_1    ? 
_pdbx_validate_symm_contact.site_symmetry_1   1_555 
_pdbx_validate_symm_contact.auth_atom_id_2    NZ 
_pdbx_validate_symm_contact.auth_asym_id_2    A 
_pdbx_validate_symm_contact.auth_comp_id_2    LYS 
_pdbx_validate_symm_contact.auth_seq_id_2     113 
_pdbx_validate_symm_contact.PDB_ins_code_2    ? 
_pdbx_validate_symm_contact.label_alt_id_2    ? 
_pdbx_validate_symm_contact.site_symmetry_2   4_555 
_pdbx_validate_symm_contact.dist              1.74 
# 
loop_
_pdbx_validate_torsion.id 
_pdbx_validate_torsion.PDB_model_num 
_pdbx_validate_torsion.auth_comp_id 
_pdbx_validate_torsion.auth_asym_id 
_pdbx_validate_torsion.auth_seq_id 
_pdbx_validate_torsion.PDB_ins_code 
_pdbx_validate_torsion.label_alt_id 
_pdbx_validate_torsion.phi 
_pdbx_validate_torsion.psi 
1 1 SER A 78 ? ? -100.94 -105.10 
2 1 THR A 80 ? ? 57.43   7.39    
# 
loop_
_pdbx_struct_special_symmetry.id 
_pdbx_struct_special_symmetry.PDB_model_num 
_pdbx_struct_special_symmetry.auth_asym_id 
_pdbx_struct_special_symmetry.auth_comp_id 
_pdbx_struct_special_symmetry.auth_seq_id 
_pdbx_struct_special_symmetry.PDB_ins_code 
_pdbx_struct_special_symmetry.label_asym_id 
_pdbx_struct_special_symmetry.label_comp_id 
_pdbx_struct_special_symmetry.label_seq_id 
1 1 A CA  131 ? D CA  . 
2 1 A CA  132 ? E CA  . 
3 1 A CL  135 ? F CL  . 
4 1 A HOH 270 ? G HOH . 
# 
loop_
_pdbx_unobs_or_zero_occ_residues.id 
_pdbx_unobs_or_zero_occ_residues.PDB_model_num 
_pdbx_unobs_or_zero_occ_residues.polymer_flag 
_pdbx_unobs_or_zero_occ_residues.occupancy_flag 
_pdbx_unobs_or_zero_occ_residues.auth_asym_id 
_pdbx_unobs_or_zero_occ_residues.auth_comp_id 
_pdbx_unobs_or_zero_occ_residues.auth_seq_id 
_pdbx_unobs_or_zero_occ_residues.PDB_ins_code 
_pdbx_unobs_or_zero_occ_residues.label_asym_id 
_pdbx_unobs_or_zero_occ_residues.label_comp_id 
_pdbx_unobs_or_zero_occ_residues.label_seq_id 
1 1 Y 1 A SER 16 ? A SER 16 
2 1 Y 1 A HIS 17 ? A HIS 17 
3 1 Y 1 A PRO 18 ? A PRO 18 
4 1 Y 1 A LEU 19 ? A LEU 19 
5 1 Y 1 A MET 20 ? A MET 20 
6 1 Y 1 A ASP 21 ? A ASP 21 
# 
loop_
_chem_comp_atom.comp_id 
_chem_comp_atom.atom_id 
_chem_comp_atom.type_symbol 
_chem_comp_atom.pdbx_aromatic_flag 
_chem_comp_atom.pdbx_stereo_config 
_chem_comp_atom.pdbx_ordinal 
ALA N    N  N N 1   
ALA CA   C  N S 2   
ALA C    C  N N 3   
ALA O    O  N N 4   
ALA CB   C  N N 5   
ALA OXT  O  N N 6   
ALA H    H  N N 7   
ALA H2   H  N N 8   
ALA HA   H  N N 9   
ALA HB1  H  N N 10  
ALA HB2  H  N N 11  
ALA HB3  H  N N 12  
ALA HXT  H  N N 13  
ARG N    N  N N 14  
ARG CA   C  N S 15  
ARG C    C  N N 16  
ARG O    O  N N 17  
ARG CB   C  N N 18  
ARG CG   C  N N 19  
ARG CD   C  N N 20  
ARG NE   N  N N 21  
ARG CZ   C  N N 22  
ARG NH1  N  N N 23  
ARG NH2  N  N N 24  
ARG OXT  O  N N 25  
ARG H    H  N N 26  
ARG H2   H  N N 27  
ARG HA   H  N N 28  
ARG HB2  H  N N 29  
ARG HB3  H  N N 30  
ARG HG2  H  N N 31  
ARG HG3  H  N N 32  
ARG HD2  H  N N 33  
ARG HD3  H  N N 34  
ARG HE   H  N N 35  
ARG HH11 H  N N 36  
ARG HH12 H  N N 37  
ARG HH21 H  N N 38  
ARG HH22 H  N N 39  
ARG HXT  H  N N 40  
ASN N    N  N N 41  
ASN CA   C  N S 42  
ASN C    C  N N 43  
ASN O    O  N N 44  
ASN CB   C  N N 45  
ASN CG   C  N N 46  
ASN OD1  O  N N 47  
ASN ND2  N  N N 48  
ASN OXT  O  N N 49  
ASN H    H  N N 50  
ASN H2   H  N N 51  
ASN HA   H  N N 52  
ASN HB2  H  N N 53  
ASN HB3  H  N N 54  
ASN HD21 H  N N 55  
ASN HD22 H  N N 56  
ASN HXT  H  N N 57  
ASP N    N  N N 58  
ASP CA   C  N S 59  
ASP C    C  N N 60  
ASP O    O  N N 61  
ASP CB   C  N N 62  
ASP CG   C  N N 63  
ASP OD1  O  N N 64  
ASP OD2  O  N N 65  
ASP OXT  O  N N 66  
ASP H    H  N N 67  
ASP H2   H  N N 68  
ASP HA   H  N N 69  
ASP HB2  H  N N 70  
ASP HB3  H  N N 71  
ASP HD2  H  N N 72  
ASP HXT  H  N N 73  
CA  CA   CA N N 74  
CHO C1   C  N N 75  
CHO C2   C  N N 76  
CHO C3   C  N R 77  
CHO O3   O  N N 78  
CHO C4   C  N N 79  
CHO C5   C  N S 80  
CHO C6   C  N N 81  
CHO C7   C  N R 82  
CHO O7   O  N N 83  
CHO C8   C  N R 84  
CHO C9   C  N S 85  
CHO C10  C  N S 86  
CHO C11  C  N N 87  
CHO C12  C  N N 88  
CHO C13  C  N R 89  
CHO C14  C  N S 90  
CHO C15  C  N N 91  
CHO C16  C  N N 92  
CHO C17  C  N R 93  
CHO C18  C  N N 94  
CHO C19  C  N N 95  
CHO C20  C  N R 96  
CHO C21  C  N N 97  
CHO C22  C  N N 98  
CHO C23  C  N N 99  
CHO C24  C  N N 100 
CHO O24  O  N N 101 
CHO N25  N  N N 102 
CHO C26  C  N N 103 
CHO C27  C  N N 104 
CHO OT1  O  N N 105 
CHO OT2  O  N N 106 
CHO H11  H  N N 107 
CHO H12  H  N N 108 
CHO H21  H  N N 109 
CHO H22  H  N N 110 
CHO H3   H  N N 111 
CHO HO3  H  N N 112 
CHO H41  H  N N 113 
CHO H42  H  N N 114 
CHO H5   H  N N 115 
CHO H61  H  N N 116 
CHO H62  H  N N 117 
CHO H7   H  N N 118 
CHO HO7  H  N N 119 
CHO H8   H  N N 120 
CHO H9   H  N N 121 
CHO H111 H  N N 122 
CHO H112 H  N N 123 
CHO H121 H  N N 124 
CHO H122 H  N N 125 
CHO H14  H  N N 126 
CHO H151 H  N N 127 
CHO H152 H  N N 128 
CHO H161 H  N N 129 
CHO H162 H  N N 130 
CHO H17  H  N N 131 
CHO H181 H  N N 132 
CHO H182 H  N N 133 
CHO H183 H  N N 134 
CHO H191 H  N N 135 
CHO H192 H  N N 136 
CHO H193 H  N N 137 
CHO H20  H  N N 138 
CHO H211 H  N N 139 
CHO H212 H  N N 140 
CHO H213 H  N N 141 
CHO H221 H  N N 142 
CHO H222 H  N N 143 
CHO H231 H  N N 144 
CHO H232 H  N N 145 
CHO HN   H  N N 146 
CHO H261 H  N N 147 
CHO H262 H  N N 148 
CHO HOT  H  N N 149 
CL  CL   CL N N 150 
CYS N    N  N N 151 
CYS CA   C  N R 152 
CYS C    C  N N 153 
CYS O    O  N N 154 
CYS CB   C  N N 155 
CYS SG   S  N N 156 
CYS OXT  O  N N 157 
CYS H    H  N N 158 
CYS H2   H  N N 159 
CYS HA   H  N N 160 
CYS HB2  H  N N 161 
CYS HB3  H  N N 162 
CYS HG   H  N N 163 
CYS HXT  H  N N 164 
GLN N    N  N N 165 
GLN CA   C  N S 166 
GLN C    C  N N 167 
GLN O    O  N N 168 
GLN CB   C  N N 169 
GLN CG   C  N N 170 
GLN CD   C  N N 171 
GLN OE1  O  N N 172 
GLN NE2  N  N N 173 
GLN OXT  O  N N 174 
GLN H    H  N N 175 
GLN H2   H  N N 176 
GLN HA   H  N N 177 
GLN HB2  H  N N 178 
GLN HB3  H  N N 179 
GLN HG2  H  N N 180 
GLN HG3  H  N N 181 
GLN HE21 H  N N 182 
GLN HE22 H  N N 183 
GLN HXT  H  N N 184 
GLU N    N  N N 185 
GLU CA   C  N S 186 
GLU C    C  N N 187 
GLU O    O  N N 188 
GLU CB   C  N N 189 
GLU CG   C  N N 190 
GLU CD   C  N N 191 
GLU OE1  O  N N 192 
GLU OE2  O  N N 193 
GLU OXT  O  N N 194 
GLU H    H  N N 195 
GLU H2   H  N N 196 
GLU HA   H  N N 197 
GLU HB2  H  N N 198 
GLU HB3  H  N N 199 
GLU HG2  H  N N 200 
GLU HG3  H  N N 201 
GLU HE2  H  N N 202 
GLU HXT  H  N N 203 
GLY N    N  N N 204 
GLY CA   C  N N 205 
GLY C    C  N N 206 
GLY O    O  N N 207 
GLY OXT  O  N N 208 
GLY H    H  N N 209 
GLY H2   H  N N 210 
GLY HA2  H  N N 211 
GLY HA3  H  N N 212 
GLY HXT  H  N N 213 
HIS N    N  N N 214 
HIS CA   C  N S 215 
HIS C    C  N N 216 
HIS O    O  N N 217 
HIS CB   C  N N 218 
HIS CG   C  Y N 219 
HIS ND1  N  Y N 220 
HIS CD2  C  Y N 221 
HIS CE1  C  Y N 222 
HIS NE2  N  Y N 223 
HIS OXT  O  N N 224 
HIS H    H  N N 225 
HIS H2   H  N N 226 
HIS HA   H  N N 227 
HIS HB2  H  N N 228 
HIS HB3  H  N N 229 
HIS HD1  H  N N 230 
HIS HD2  H  N N 231 
HIS HE1  H  N N 232 
HIS HE2  H  N N 233 
HIS HXT  H  N N 234 
HOH O    O  N N 235 
HOH H1   H  N N 236 
HOH H2   H  N N 237 
ILE N    N  N N 238 
ILE CA   C  N S 239 
ILE C    C  N N 240 
ILE O    O  N N 241 
ILE CB   C  N S 242 
ILE CG1  C  N N 243 
ILE CG2  C  N N 244 
ILE CD1  C  N N 245 
ILE OXT  O  N N 246 
ILE H    H  N N 247 
ILE H2   H  N N 248 
ILE HA   H  N N 249 
ILE HB   H  N N 250 
ILE HG12 H  N N 251 
ILE HG13 H  N N 252 
ILE HG21 H  N N 253 
ILE HG22 H  N N 254 
ILE HG23 H  N N 255 
ILE HD11 H  N N 256 
ILE HD12 H  N N 257 
ILE HD13 H  N N 258 
ILE HXT  H  N N 259 
LEU N    N  N N 260 
LEU CA   C  N S 261 
LEU C    C  N N 262 
LEU O    O  N N 263 
LEU CB   C  N N 264 
LEU CG   C  N N 265 
LEU CD1  C  N N 266 
LEU CD2  C  N N 267 
LEU OXT  O  N N 268 
LEU H    H  N N 269 
LEU H2   H  N N 270 
LEU HA   H  N N 271 
LEU HB2  H  N N 272 
LEU HB3  H  N N 273 
LEU HG   H  N N 274 
LEU HD11 H  N N 275 
LEU HD12 H  N N 276 
LEU HD13 H  N N 277 
LEU HD21 H  N N 278 
LEU HD22 H  N N 279 
LEU HD23 H  N N 280 
LEU HXT  H  N N 281 
LYS N    N  N N 282 
LYS CA   C  N S 283 
LYS C    C  N N 284 
LYS O    O  N N 285 
LYS CB   C  N N 286 
LYS CG   C  N N 287 
LYS CD   C  N N 288 
LYS CE   C  N N 289 
LYS NZ   N  N N 290 
LYS OXT  O  N N 291 
LYS H    H  N N 292 
LYS H2   H  N N 293 
LYS HA   H  N N 294 
LYS HB2  H  N N 295 
LYS HB3  H  N N 296 
LYS HG2  H  N N 297 
LYS HG3  H  N N 298 
LYS HD2  H  N N 299 
LYS HD3  H  N N 300 
LYS HE2  H  N N 301 
LYS HE3  H  N N 302 
LYS HZ1  H  N N 303 
LYS HZ2  H  N N 304 
LYS HZ3  H  N N 305 
LYS HXT  H  N N 306 
MET N    N  N N 307 
MET CA   C  N S 308 
MET C    C  N N 309 
MET O    O  N N 310 
MET CB   C  N N 311 
MET CG   C  N N 312 
MET SD   S  N N 313 
MET CE   C  N N 314 
MET OXT  O  N N 315 
MET H    H  N N 316 
MET H2   H  N N 317 
MET HA   H  N N 318 
MET HB2  H  N N 319 
MET HB3  H  N N 320 
MET HG2  H  N N 321 
MET HG3  H  N N 322 
MET HE1  H  N N 323 
MET HE2  H  N N 324 
MET HE3  H  N N 325 
MET HXT  H  N N 326 
PHE N    N  N N 327 
PHE CA   C  N S 328 
PHE C    C  N N 329 
PHE O    O  N N 330 
PHE CB   C  N N 331 
PHE CG   C  Y N 332 
PHE CD1  C  Y N 333 
PHE CD2  C  Y N 334 
PHE CE1  C  Y N 335 
PHE CE2  C  Y N 336 
PHE CZ   C  Y N 337 
PHE OXT  O  N N 338 
PHE H    H  N N 339 
PHE H2   H  N N 340 
PHE HA   H  N N 341 
PHE HB2  H  N N 342 
PHE HB3  H  N N 343 
PHE HD1  H  N N 344 
PHE HD2  H  N N 345 
PHE HE1  H  N N 346 
PHE HE2  H  N N 347 
PHE HZ   H  N N 348 
PHE HXT  H  N N 349 
PRO N    N  N N 350 
PRO CA   C  N S 351 
PRO C    C  N N 352 
PRO O    O  N N 353 
PRO CB   C  N N 354 
PRO CG   C  N N 355 
PRO CD   C  N N 356 
PRO OXT  O  N N 357 
PRO H    H  N N 358 
PRO HA   H  N N 359 
PRO HB2  H  N N 360 
PRO HB3  H  N N 361 
PRO HG2  H  N N 362 
PRO HG3  H  N N 363 
PRO HD2  H  N N 364 
PRO HD3  H  N N 365 
PRO HXT  H  N N 366 
SER N    N  N N 367 
SER CA   C  N S 368 
SER C    C  N N 369 
SER O    O  N N 370 
SER CB   C  N N 371 
SER OG   O  N N 372 
SER OXT  O  N N 373 
SER H    H  N N 374 
SER H2   H  N N 375 
SER HA   H  N N 376 
SER HB2  H  N N 377 
SER HB3  H  N N 378 
SER HG   H  N N 379 
SER HXT  H  N N 380 
THR N    N  N N 381 
THR CA   C  N S 382 
THR C    C  N N 383 
THR O    O  N N 384 
THR CB   C  N R 385 
THR OG1  O  N N 386 
THR CG2  C  N N 387 
THR OXT  O  N N 388 
THR H    H  N N 389 
THR H2   H  N N 390 
THR HA   H  N N 391 
THR HB   H  N N 392 
THR HG1  H  N N 393 
THR HG21 H  N N 394 
THR HG22 H  N N 395 
THR HG23 H  N N 396 
THR HXT  H  N N 397 
TRP N    N  N N 398 
TRP CA   C  N S 399 
TRP C    C  N N 400 
TRP O    O  N N 401 
TRP CB   C  N N 402 
TRP CG   C  Y N 403 
TRP CD1  C  Y N 404 
TRP CD2  C  Y N 405 
TRP NE1  N  Y N 406 
TRP CE2  C  Y N 407 
TRP CE3  C  Y N 408 
TRP CZ2  C  Y N 409 
TRP CZ3  C  Y N 410 
TRP CH2  C  Y N 411 
TRP OXT  O  N N 412 
TRP H    H  N N 413 
TRP H2   H  N N 414 
TRP HA   H  N N 415 
TRP HB2  H  N N 416 
TRP HB3  H  N N 417 
TRP HD1  H  N N 418 
TRP HE1  H  N N 419 
TRP HE3  H  N N 420 
TRP HZ2  H  N N 421 
TRP HZ3  H  N N 422 
TRP HH2  H  N N 423 
TRP HXT  H  N N 424 
TYR N    N  N N 425 
TYR CA   C  N S 426 
TYR C    C  N N 427 
TYR O    O  N N 428 
TYR CB   C  N N 429 
TYR CG   C  Y N 430 
TYR CD1  C  Y N 431 
TYR CD2  C  Y N 432 
TYR CE1  C  Y N 433 
TYR CE2  C  Y N 434 
TYR CZ   C  Y N 435 
TYR OH   O  N N 436 
TYR OXT  O  N N 437 
TYR H    H  N N 438 
TYR H2   H  N N 439 
TYR HA   H  N N 440 
TYR HB2  H  N N 441 
TYR HB3  H  N N 442 
TYR HD1  H  N N 443 
TYR HD2  H  N N 444 
TYR HE1  H  N N 445 
TYR HE2  H  N N 446 
TYR HH   H  N N 447 
TYR HXT  H  N N 448 
VAL N    N  N N 449 
VAL CA   C  N S 450 
VAL C    C  N N 451 
VAL O    O  N N 452 
VAL CB   C  N N 453 
VAL CG1  C  N N 454 
VAL CG2  C  N N 455 
VAL OXT  O  N N 456 
VAL H    H  N N 457 
VAL H2   H  N N 458 
VAL HA   H  N N 459 
VAL HB   H  N N 460 
VAL HG11 H  N N 461 
VAL HG12 H  N N 462 
VAL HG13 H  N N 463 
VAL HG21 H  N N 464 
VAL HG22 H  N N 465 
VAL HG23 H  N N 466 
VAL HXT  H  N N 467 
# 
loop_
_chem_comp_bond.comp_id 
_chem_comp_bond.atom_id_1 
_chem_comp_bond.atom_id_2 
_chem_comp_bond.value_order 
_chem_comp_bond.pdbx_aromatic_flag 
_chem_comp_bond.pdbx_stereo_config 
_chem_comp_bond.pdbx_ordinal 
ALA N   CA   sing N N 1   
ALA N   H    sing N N 2   
ALA N   H2   sing N N 3   
ALA CA  C    sing N N 4   
ALA CA  CB   sing N N 5   
ALA CA  HA   sing N N 6   
ALA C   O    doub N N 7   
ALA C   OXT  sing N N 8   
ALA CB  HB1  sing N N 9   
ALA CB  HB2  sing N N 10  
ALA CB  HB3  sing N N 11  
ALA OXT HXT  sing N N 12  
ARG N   CA   sing N N 13  
ARG N   H    sing N N 14  
ARG N   H2   sing N N 15  
ARG CA  C    sing N N 16  
ARG CA  CB   sing N N 17  
ARG CA  HA   sing N N 18  
ARG C   O    doub N N 19  
ARG C   OXT  sing N N 20  
ARG CB  CG   sing N N 21  
ARG CB  HB2  sing N N 22  
ARG CB  HB3  sing N N 23  
ARG CG  CD   sing N N 24  
ARG CG  HG2  sing N N 25  
ARG CG  HG3  sing N N 26  
ARG CD  NE   sing N N 27  
ARG CD  HD2  sing N N 28  
ARG CD  HD3  sing N N 29  
ARG NE  CZ   sing N N 30  
ARG NE  HE   sing N N 31  
ARG CZ  NH1  sing N N 32  
ARG CZ  NH2  doub N N 33  
ARG NH1 HH11 sing N N 34  
ARG NH1 HH12 sing N N 35  
ARG NH2 HH21 sing N N 36  
ARG NH2 HH22 sing N N 37  
ARG OXT HXT  sing N N 38  
ASN N   CA   sing N N 39  
ASN N   H    sing N N 40  
ASN N   H2   sing N N 41  
ASN CA  C    sing N N 42  
ASN CA  CB   sing N N 43  
ASN CA  HA   sing N N 44  
ASN C   O    doub N N 45  
ASN C   OXT  sing N N 46  
ASN CB  CG   sing N N 47  
ASN CB  HB2  sing N N 48  
ASN CB  HB3  sing N N 49  
ASN CG  OD1  doub N N 50  
ASN CG  ND2  sing N N 51  
ASN ND2 HD21 sing N N 52  
ASN ND2 HD22 sing N N 53  
ASN OXT HXT  sing N N 54  
ASP N   CA   sing N N 55  
ASP N   H    sing N N 56  
ASP N   H2   sing N N 57  
ASP CA  C    sing N N 58  
ASP CA  CB   sing N N 59  
ASP CA  HA   sing N N 60  
ASP C   O    doub N N 61  
ASP C   OXT  sing N N 62  
ASP CB  CG   sing N N 63  
ASP CB  HB2  sing N N 64  
ASP CB  HB3  sing N N 65  
ASP CG  OD1  doub N N 66  
ASP CG  OD2  sing N N 67  
ASP OD2 HD2  sing N N 68  
ASP OXT HXT  sing N N 69  
CHO C1  C2   sing N N 70  
CHO C1  C10  sing N N 71  
CHO C1  H11  sing N N 72  
CHO C1  H12  sing N N 73  
CHO C2  C3   sing N N 74  
CHO C2  H21  sing N N 75  
CHO C2  H22  sing N N 76  
CHO C3  O3   sing N N 77  
CHO C3  C4   sing N N 78  
CHO C3  H3   sing N N 79  
CHO O3  HO3  sing N N 80  
CHO C4  C5   sing N N 81  
CHO C4  H41  sing N N 82  
CHO C4  H42  sing N N 83  
CHO C5  C6   sing N N 84  
CHO C5  C10  sing N N 85  
CHO C5  H5   sing N N 86  
CHO C6  C7   sing N N 87  
CHO C6  H61  sing N N 88  
CHO C6  H62  sing N N 89  
CHO C7  O7   sing N N 90  
CHO C7  C8   sing N N 91  
CHO C7  H7   sing N N 92  
CHO O7  HO7  sing N N 93  
CHO C8  C9   sing N N 94  
CHO C8  C14  sing N N 95  
CHO C8  H8   sing N N 96  
CHO C9  C10  sing N N 97  
CHO C9  C11  sing N N 98  
CHO C9  H9   sing N N 99  
CHO C10 C19  sing N N 100 
CHO C11 C12  sing N N 101 
CHO C11 H111 sing N N 102 
CHO C11 H112 sing N N 103 
CHO C12 C13  sing N N 104 
CHO C12 H121 sing N N 105 
CHO C12 H122 sing N N 106 
CHO C13 C14  sing N N 107 
CHO C13 C17  sing N N 108 
CHO C13 C18  sing N N 109 
CHO C14 C15  sing N N 110 
CHO C14 H14  sing N N 111 
CHO C15 C16  sing N N 112 
CHO C15 H151 sing N N 113 
CHO C15 H152 sing N N 114 
CHO C16 C17  sing N N 115 
CHO C16 H161 sing N N 116 
CHO C16 H162 sing N N 117 
CHO C17 C20  sing N N 118 
CHO C17 H17  sing N N 119 
CHO C18 H181 sing N N 120 
CHO C18 H182 sing N N 121 
CHO C18 H183 sing N N 122 
CHO C19 H191 sing N N 123 
CHO C19 H192 sing N N 124 
CHO C19 H193 sing N N 125 
CHO C20 C21  sing N N 126 
CHO C20 C22  sing N N 127 
CHO C20 H20  sing N N 128 
CHO C21 H211 sing N N 129 
CHO C21 H212 sing N N 130 
CHO C21 H213 sing N N 131 
CHO C22 C23  sing N N 132 
CHO C22 H221 sing N N 133 
CHO C22 H222 sing N N 134 
CHO C23 C24  sing N N 135 
CHO C23 H231 sing N N 136 
CHO C23 H232 sing N N 137 
CHO C24 O24  doub N N 138 
CHO C24 N25  sing N N 139 
CHO N25 C26  sing N N 140 
CHO N25 HN   sing N N 141 
CHO C26 C27  sing N N 142 
CHO C26 H261 sing N N 143 
CHO C26 H262 sing N N 144 
CHO C27 OT1  doub N N 145 
CHO C27 OT2  sing N N 146 
CHO OT2 HOT  sing N N 147 
CYS N   CA   sing N N 148 
CYS N   H    sing N N 149 
CYS N   H2   sing N N 150 
CYS CA  C    sing N N 151 
CYS CA  CB   sing N N 152 
CYS CA  HA   sing N N 153 
CYS C   O    doub N N 154 
CYS C   OXT  sing N N 155 
CYS CB  SG   sing N N 156 
CYS CB  HB2  sing N N 157 
CYS CB  HB3  sing N N 158 
CYS SG  HG   sing N N 159 
CYS OXT HXT  sing N N 160 
GLN N   CA   sing N N 161 
GLN N   H    sing N N 162 
GLN N   H2   sing N N 163 
GLN CA  C    sing N N 164 
GLN CA  CB   sing N N 165 
GLN CA  HA   sing N N 166 
GLN C   O    doub N N 167 
GLN C   OXT  sing N N 168 
GLN CB  CG   sing N N 169 
GLN CB  HB2  sing N N 170 
GLN CB  HB3  sing N N 171 
GLN CG  CD   sing N N 172 
GLN CG  HG2  sing N N 173 
GLN CG  HG3  sing N N 174 
GLN CD  OE1  doub N N 175 
GLN CD  NE2  sing N N 176 
GLN NE2 HE21 sing N N 177 
GLN NE2 HE22 sing N N 178 
GLN OXT HXT  sing N N 179 
GLU N   CA   sing N N 180 
GLU N   H    sing N N 181 
GLU N   H2   sing N N 182 
GLU CA  C    sing N N 183 
GLU CA  CB   sing N N 184 
GLU CA  HA   sing N N 185 
GLU C   O    doub N N 186 
GLU C   OXT  sing N N 187 
GLU CB  CG   sing N N 188 
GLU CB  HB2  sing N N 189 
GLU CB  HB3  sing N N 190 
GLU CG  CD   sing N N 191 
GLU CG  HG2  sing N N 192 
GLU CG  HG3  sing N N 193 
GLU CD  OE1  doub N N 194 
GLU CD  OE2  sing N N 195 
GLU OE2 HE2  sing N N 196 
GLU OXT HXT  sing N N 197 
GLY N   CA   sing N N 198 
GLY N   H    sing N N 199 
GLY N   H2   sing N N 200 
GLY CA  C    sing N N 201 
GLY CA  HA2  sing N N 202 
GLY CA  HA3  sing N N 203 
GLY C   O    doub N N 204 
GLY C   OXT  sing N N 205 
GLY OXT HXT  sing N N 206 
HIS N   CA   sing N N 207 
HIS N   H    sing N N 208 
HIS N   H2   sing N N 209 
HIS CA  C    sing N N 210 
HIS CA  CB   sing N N 211 
HIS CA  HA   sing N N 212 
HIS C   O    doub N N 213 
HIS C   OXT  sing N N 214 
HIS CB  CG   sing N N 215 
HIS CB  HB2  sing N N 216 
HIS CB  HB3  sing N N 217 
HIS CG  ND1  sing Y N 218 
HIS CG  CD2  doub Y N 219 
HIS ND1 CE1  doub Y N 220 
HIS ND1 HD1  sing N N 221 
HIS CD2 NE2  sing Y N 222 
HIS CD2 HD2  sing N N 223 
HIS CE1 NE2  sing Y N 224 
HIS CE1 HE1  sing N N 225 
HIS NE2 HE2  sing N N 226 
HIS OXT HXT  sing N N 227 
HOH O   H1   sing N N 228 
HOH O   H2   sing N N 229 
ILE N   CA   sing N N 230 
ILE N   H    sing N N 231 
ILE N   H2   sing N N 232 
ILE CA  C    sing N N 233 
ILE CA  CB   sing N N 234 
ILE CA  HA   sing N N 235 
ILE C   O    doub N N 236 
ILE C   OXT  sing N N 237 
ILE CB  CG1  sing N N 238 
ILE CB  CG2  sing N N 239 
ILE CB  HB   sing N N 240 
ILE CG1 CD1  sing N N 241 
ILE CG1 HG12 sing N N 242 
ILE CG1 HG13 sing N N 243 
ILE CG2 HG21 sing N N 244 
ILE CG2 HG22 sing N N 245 
ILE CG2 HG23 sing N N 246 
ILE CD1 HD11 sing N N 247 
ILE CD1 HD12 sing N N 248 
ILE CD1 HD13 sing N N 249 
ILE OXT HXT  sing N N 250 
LEU N   CA   sing N N 251 
LEU N   H    sing N N 252 
LEU N   H2   sing N N 253 
LEU CA  C    sing N N 254 
LEU CA  CB   sing N N 255 
LEU CA  HA   sing N N 256 
LEU C   O    doub N N 257 
LEU C   OXT  sing N N 258 
LEU CB  CG   sing N N 259 
LEU CB  HB2  sing N N 260 
LEU CB  HB3  sing N N 261 
LEU CG  CD1  sing N N 262 
LEU CG  CD2  sing N N 263 
LEU CG  HG   sing N N 264 
LEU CD1 HD11 sing N N 265 
LEU CD1 HD12 sing N N 266 
LEU CD1 HD13 sing N N 267 
LEU CD2 HD21 sing N N 268 
LEU CD2 HD22 sing N N 269 
LEU CD2 HD23 sing N N 270 
LEU OXT HXT  sing N N 271 
LYS N   CA   sing N N 272 
LYS N   H    sing N N 273 
LYS N   H2   sing N N 274 
LYS CA  C    sing N N 275 
LYS CA  CB   sing N N 276 
LYS CA  HA   sing N N 277 
LYS C   O    doub N N 278 
LYS C   OXT  sing N N 279 
LYS CB  CG   sing N N 280 
LYS CB  HB2  sing N N 281 
LYS CB  HB3  sing N N 282 
LYS CG  CD   sing N N 283 
LYS CG  HG2  sing N N 284 
LYS CG  HG3  sing N N 285 
LYS CD  CE   sing N N 286 
LYS CD  HD2  sing N N 287 
LYS CD  HD3  sing N N 288 
LYS CE  NZ   sing N N 289 
LYS CE  HE2  sing N N 290 
LYS CE  HE3  sing N N 291 
LYS NZ  HZ1  sing N N 292 
LYS NZ  HZ2  sing N N 293 
LYS NZ  HZ3  sing N N 294 
LYS OXT HXT  sing N N 295 
MET N   CA   sing N N 296 
MET N   H    sing N N 297 
MET N   H2   sing N N 298 
MET CA  C    sing N N 299 
MET CA  CB   sing N N 300 
MET CA  HA   sing N N 301 
MET C   O    doub N N 302 
MET C   OXT  sing N N 303 
MET CB  CG   sing N N 304 
MET CB  HB2  sing N N 305 
MET CB  HB3  sing N N 306 
MET CG  SD   sing N N 307 
MET CG  HG2  sing N N 308 
MET CG  HG3  sing N N 309 
MET SD  CE   sing N N 310 
MET CE  HE1  sing N N 311 
MET CE  HE2  sing N N 312 
MET CE  HE3  sing N N 313 
MET OXT HXT  sing N N 314 
PHE N   CA   sing N N 315 
PHE N   H    sing N N 316 
PHE N   H2   sing N N 317 
PHE CA  C    sing N N 318 
PHE CA  CB   sing N N 319 
PHE CA  HA   sing N N 320 
PHE C   O    doub N N 321 
PHE C   OXT  sing N N 322 
PHE CB  CG   sing N N 323 
PHE CB  HB2  sing N N 324 
PHE CB  HB3  sing N N 325 
PHE CG  CD1  doub Y N 326 
PHE CG  CD2  sing Y N 327 
PHE CD1 CE1  sing Y N 328 
PHE CD1 HD1  sing N N 329 
PHE CD2 CE2  doub Y N 330 
PHE CD2 HD2  sing N N 331 
PHE CE1 CZ   doub Y N 332 
PHE CE1 HE1  sing N N 333 
PHE CE2 CZ   sing Y N 334 
PHE CE2 HE2  sing N N 335 
PHE CZ  HZ   sing N N 336 
PHE OXT HXT  sing N N 337 
PRO N   CA   sing N N 338 
PRO N   CD   sing N N 339 
PRO N   H    sing N N 340 
PRO CA  C    sing N N 341 
PRO CA  CB   sing N N 342 
PRO CA  HA   sing N N 343 
PRO C   O    doub N N 344 
PRO C   OXT  sing N N 345 
PRO CB  CG   sing N N 346 
PRO CB  HB2  sing N N 347 
PRO CB  HB3  sing N N 348 
PRO CG  CD   sing N N 349 
PRO CG  HG2  sing N N 350 
PRO CG  HG3  sing N N 351 
PRO CD  HD2  sing N N 352 
PRO CD  HD3  sing N N 353 
PRO OXT HXT  sing N N 354 
SER N   CA   sing N N 355 
SER N   H    sing N N 356 
SER N   H2   sing N N 357 
SER CA  C    sing N N 358 
SER CA  CB   sing N N 359 
SER CA  HA   sing N N 360 
SER C   O    doub N N 361 
SER C   OXT  sing N N 362 
SER CB  OG   sing N N 363 
SER CB  HB2  sing N N 364 
SER CB  HB3  sing N N 365 
SER OG  HG   sing N N 366 
SER OXT HXT  sing N N 367 
THR N   CA   sing N N 368 
THR N   H    sing N N 369 
THR N   H2   sing N N 370 
THR CA  C    sing N N 371 
THR CA  CB   sing N N 372 
THR CA  HA   sing N N 373 
THR C   O    doub N N 374 
THR C   OXT  sing N N 375 
THR CB  OG1  sing N N 376 
THR CB  CG2  sing N N 377 
THR CB  HB   sing N N 378 
THR OG1 HG1  sing N N 379 
THR CG2 HG21 sing N N 380 
THR CG2 HG22 sing N N 381 
THR CG2 HG23 sing N N 382 
THR OXT HXT  sing N N 383 
TRP N   CA   sing N N 384 
TRP N   H    sing N N 385 
TRP N   H2   sing N N 386 
TRP CA  C    sing N N 387 
TRP CA  CB   sing N N 388 
TRP CA  HA   sing N N 389 
TRP C   O    doub N N 390 
TRP C   OXT  sing N N 391 
TRP CB  CG   sing N N 392 
TRP CB  HB2  sing N N 393 
TRP CB  HB3  sing N N 394 
TRP CG  CD1  doub Y N 395 
TRP CG  CD2  sing Y N 396 
TRP CD1 NE1  sing Y N 397 
TRP CD1 HD1  sing N N 398 
TRP CD2 CE2  doub Y N 399 
TRP CD2 CE3  sing Y N 400 
TRP NE1 CE2  sing Y N 401 
TRP NE1 HE1  sing N N 402 
TRP CE2 CZ2  sing Y N 403 
TRP CE3 CZ3  doub Y N 404 
TRP CE3 HE3  sing N N 405 
TRP CZ2 CH2  doub Y N 406 
TRP CZ2 HZ2  sing N N 407 
TRP CZ3 CH2  sing Y N 408 
TRP CZ3 HZ3  sing N N 409 
TRP CH2 HH2  sing N N 410 
TRP OXT HXT  sing N N 411 
TYR N   CA   sing N N 412 
TYR N   H    sing N N 413 
TYR N   H2   sing N N 414 
TYR CA  C    sing N N 415 
TYR CA  CB   sing N N 416 
TYR CA  HA   sing N N 417 
TYR C   O    doub N N 418 
TYR C   OXT  sing N N 419 
TYR CB  CG   sing N N 420 
TYR CB  HB2  sing N N 421 
TYR CB  HB3  sing N N 422 
TYR CG  CD1  doub Y N 423 
TYR CG  CD2  sing Y N 424 
TYR CD1 CE1  sing Y N 425 
TYR CD1 HD1  sing N N 426 
TYR CD2 CE2  doub Y N 427 
TYR CD2 HD2  sing N N 428 
TYR CE1 CZ   doub Y N 429 
TYR CE1 HE1  sing N N 430 
TYR CE2 CZ   sing Y N 431 
TYR CE2 HE2  sing N N 432 
TYR CZ  OH   sing N N 433 
TYR OH  HH   sing N N 434 
TYR OXT HXT  sing N N 435 
VAL N   CA   sing N N 436 
VAL N   H    sing N N 437 
VAL N   H2   sing N N 438 
VAL CA  C    sing N N 439 
VAL CA  CB   sing N N 440 
VAL CA  HA   sing N N 441 
VAL C   O    doub N N 442 
VAL C   OXT  sing N N 443 
VAL CB  CG1  sing N N 444 
VAL CB  CG2  sing N N 445 
VAL CB  HB   sing N N 446 
VAL CG1 HG11 sing N N 447 
VAL CG1 HG12 sing N N 448 
VAL CG1 HG13 sing N N 449 
VAL CG2 HG21 sing N N 450 
VAL CG2 HG22 sing N N 451 
VAL CG2 HG23 sing N N 452 
VAL OXT HXT  sing N N 453 
# 
_atom_sites.entry_id                    2B04 
_atom_sites.fract_transf_matrix[1][1]   0.00969036 
_atom_sites.fract_transf_matrix[1][2]   0.01359651 
_atom_sites.fract_transf_matrix[1][3]   -0.00017120 
_atom_sites.fract_transf_matrix[2][1]   0.01290079 
_atom_sites.fract_transf_matrix[2][2]   0.00119099 
_atom_sites.fract_transf_matrix[2][3]   0.01053285 
_atom_sites.fract_transf_matrix[3][1]   0.00886007 
_atom_sites.fract_transf_matrix[3][2]   -0.00644212 
_atom_sites.fract_transf_matrix[3][3]   -0.01012350 
_atom_sites.fract_transf_vector[1]      0.224365 
_atom_sites.fract_transf_vector[2]      0.597573 
_atom_sites.fract_transf_vector[3]      0.026688 
# 
loop_
_atom_type.symbol 
C  
CA 
CL 
N  
O  
S  
# 
loop_
_atom_site.group_PDB 
_atom_site.id 
_atom_site.type_symbol 
_atom_site.label_atom_id 
_atom_site.label_alt_id 
_atom_site.label_comp_id 
_atom_site.label_asym_id 
_atom_site.label_entity_id 
_atom_site.label_seq_id 
_atom_site.pdbx_PDB_ins_code 
_atom_site.Cartn_x 
_atom_site.Cartn_y 
_atom_site.Cartn_z 
_atom_site.occupancy 
_atom_site.B_iso_or_equiv 
_atom_site.pdbx_formal_charge 
_atom_site.auth_seq_id 
_atom_site.auth_comp_id 
_atom_site.auth_asym_id 
_atom_site.auth_atom_id 
_atom_site.pdbx_PDB_model_num 
ATOM   1    N  N   . ALA A 1 1   ? -0.092  -8.674  -5.266  1.00 34.99 ? 1   ALA A N   1 
ATOM   2    C  CA  . ALA A 1 1   ? 1.362   -8.437  -5.527  1.00 36.29 ? 1   ALA A CA  1 
ATOM   3    C  C   . ALA A 1 1   ? 1.601   -6.958  -5.838  1.00 36.50 ? 1   ALA A C   1 
ATOM   4    O  O   . ALA A 1 1   ? 0.660   -6.216  -6.123  1.00 36.45 ? 1   ALA A O   1 
ATOM   5    C  CB  . ALA A 1 1   ? 1.843   -9.313  -6.696  1.00 33.52 ? 1   ALA A CB  1 
ATOM   6    N  N   . LEU A 1 2   ? 2.862   -6.542  -5.794  1.00 36.79 ? 2   LEU A N   1 
ATOM   7    C  CA  . LEU A 1 2   ? 3.220   -5.153  -6.055  1.00 38.37 ? 2   LEU A CA  1 
ATOM   8    C  C   . LEU A 1 2   ? 2.697   -4.592  -7.382  1.00 40.59 ? 2   LEU A C   1 
ATOM   9    O  O   . LEU A 1 2   ? 2.318   -3.422  -7.448  1.00 42.18 ? 2   LEU A O   1 
ATOM   10   C  CB  . LEU A 1 2   ? 4.734   -4.983  -5.995  1.00 35.02 ? 2   LEU A CB  1 
ATOM   11   C  CG  . LEU A 1 2   ? 5.246   -3.625  -6.469  1.00 34.25 ? 2   LEU A CG  1 
ATOM   12   C  CD1 . LEU A 1 2   ? 4.749   -2.535  -5.546  1.00 33.89 ? 2   LEU A CD1 1 
ATOM   13   C  CD2 . LEU A 1 2   ? 6.766   -3.641  -6.506  1.00 34.23 ? 2   LEU A CD2 1 
ATOM   14   N  N   . TRP A 1 3   ? 2.679   -5.409  -8.435  1.00 41.94 ? 3   TRP A N   1 
ATOM   15   C  CA  . TRP A 1 3   ? 2.200   -4.942  -9.736  1.00 42.15 ? 3   TRP A CA  1 
ATOM   16   C  C   . TRP A 1 3   ? 0.690   -4.781  -9.715  1.00 42.50 ? 3   TRP A C   1 
ATOM   17   O  O   . TRP A 1 3   ? 0.143   -3.935  -10.417 1.00 43.89 ? 3   TRP A O   1 
ATOM   18   C  CB  . TRP A 1 3   ? 2.601   -5.905  -10.868 1.00 41.62 ? 3   TRP A CB  1 
ATOM   19   C  CG  . TRP A 1 3   ? 1.897   -7.253  -10.870 1.00 39.28 ? 3   TRP A CG  1 
ATOM   20   C  CD1 . TRP A 1 3   ? 2.296   -8.387  -10.231 1.00 38.63 ? 3   TRP A CD1 1 
ATOM   21   C  CD2 . TRP A 1 3   ? 0.686   -7.590  -11.566 1.00 39.06 ? 3   TRP A CD2 1 
ATOM   22   N  NE1 . TRP A 1 3   ? 1.416   -9.415  -10.486 1.00 36.96 ? 3   TRP A NE1 1 
ATOM   23   C  CE2 . TRP A 1 3   ? 0.418   -8.953  -11.301 1.00 37.36 ? 3   TRP A CE2 1 
ATOM   24   C  CE3 . TRP A 1 3   ? -0.196  -6.873  -12.390 1.00 38.42 ? 3   TRP A CE3 1 
ATOM   25   C  CZ2 . TRP A 1 3   ? -0.701  -9.617  -11.828 1.00 36.86 ? 3   TRP A CZ2 1 
ATOM   26   C  CZ3 . TRP A 1 3   ? -1.312  -7.537  -12.916 1.00 37.97 ? 3   TRP A CZ3 1 
ATOM   27   C  CH2 . TRP A 1 3   ? -1.551  -8.895  -12.629 1.00 37.83 ? 3   TRP A CH2 1 
ATOM   28   N  N   . GLN A 1 4   ? 0.022   -5.603  -8.915  1.00 42.50 ? 4   GLN A N   1 
ATOM   29   C  CA  . GLN A 1 4   ? -1.428  -5.541  -8.792  1.00 42.51 ? 4   GLN A CA  1 
ATOM   30   C  C   . GLN A 1 4   ? -1.786  -4.282  -8.018  1.00 43.31 ? 4   GLN A C   1 
ATOM   31   O  O   . GLN A 1 4   ? -2.700  -3.555  -8.385  1.00 44.34 ? 4   GLN A O   1 
ATOM   32   C  CB  . GLN A 1 4   ? -1.947  -6.773  -8.058  1.00 42.37 ? 4   GLN A CB  1 
ATOM   33   C  CG  . GLN A 1 4   ? -1.621  -8.073  -8.774  1.00 43.16 ? 4   GLN A CG  1 
ATOM   34   C  CD  . GLN A 1 4   ? -2.179  -9.294  -8.067  1.00 42.16 ? 4   GLN A CD  1 
ATOM   35   O  OE1 . GLN A 1 4   ? -1.733  -9.656  -6.974  1.00 41.41 ? 4   GLN A OE1 1 
ATOM   36   N  NE2 . GLN A 1 4   ? -3.164  -9.935  -8.688  1.00 40.87 ? 4   GLN A NE2 1 
ATOM   37   N  N   . PHE A 1 5   ? -1.038  -4.028  -6.953  1.00 43.80 ? 5   PHE A N   1 
ATOM   38   C  CA  . PHE A 1 5   ? -1.242  -2.852  -6.120  1.00 43.83 ? 5   PHE A CA  1 
ATOM   39   C  C   . PHE A 1 5   ? -1.200  -1.583  -6.987  1.00 43.59 ? 5   PHE A C   1 
ATOM   40   O  O   . PHE A 1 5   ? -1.963  -0.654  -6.768  1.00 42.72 ? 5   PHE A O   1 
ATOM   41   C  CB  . PHE A 1 5   ? -0.155  -2.817  -5.034  1.00 43.63 ? 5   PHE A CB  1 
ATOM   42   C  CG  . PHE A 1 5   ? -0.342  -1.733  -4.007  1.00 43.36 ? 5   PHE A CG  1 
ATOM   43   C  CD1 . PHE A 1 5   ? -1.583  -1.507  -3.427  1.00 44.45 ? 5   PHE A CD1 1 
ATOM   44   C  CD2 . PHE A 1 5   ? 0.740   -0.966  -3.588  1.00 44.48 ? 5   PHE A CD2 1 
ATOM   45   C  CE1 . PHE A 1 5   ? -1.745  -0.534  -2.441  1.00 45.72 ? 5   PHE A CE1 1 
ATOM   46   C  CE2 . PHE A 1 5   ? 0.590   0.008   -2.606  1.00 44.41 ? 5   PHE A CE2 1 
ATOM   47   C  CZ  . PHE A 1 5   ? -0.658  0.225   -2.029  1.00 45.04 ? 5   PHE A CZ  1 
ATOM   48   N  N   . ARG A 1 6   ? -0.314  -1.551  -7.980  1.00 44.80 ? 6   ARG A N   1 
ATOM   49   C  CA  . ARG A 1 6   ? -0.216  -0.394  -8.868  1.00 45.97 ? 6   ARG A CA  1 
ATOM   50   C  C   . ARG A 1 6   ? -1.510  -0.179  -9.639  1.00 46.35 ? 6   ARG A C   1 
ATOM   51   O  O   . ARG A 1 6   ? -1.979  0.953   -9.770  1.00 47.27 ? 6   ARG A O   1 
ATOM   52   C  CB  . ARG A 1 6   ? 0.921   -0.578  -9.868  1.00 46.00 ? 6   ARG A CB  1 
ATOM   53   C  CG  . ARG A 1 6   ? 2.296   -0.382  -9.290  1.00 47.04 ? 6   ARG A CG  1 
ATOM   54   C  CD  . ARG A 1 6   ? 3.327   -0.982  -10.215 1.00 47.50 ? 6   ARG A CD  1 
ATOM   55   N  NE  . ARG A 1 6   ? 4.663   -0.919  -9.644  1.00 49.13 ? 6   ARG A NE  1 
ATOM   56   C  CZ  . ARG A 1 6   ? 5.649   -1.747  -9.966  1.00 49.91 ? 6   ARG A CZ  1 
ATOM   57   N  NH1 . ARG A 1 6   ? 6.840   -1.609  -9.396  1.00 50.28 ? 6   ARG A NH1 1 
ATOM   58   N  NH2 . ARG A 1 6   ? 5.437   -2.722  -10.846 1.00 50.10 ? 6   ARG A NH2 1 
ATOM   59   N  N   . SER A 1 7   ? -2.077  -1.268  -10.155 1.00 46.03 ? 7   SER A N   1 
ATOM   60   C  CA  . SER A 1 7   ? -3.318  -1.207  -10.920 1.00 46.26 ? 7   SER A CA  1 
ATOM   61   C  C   . SER A 1 7   ? -4.518  -0.919  -10.031 1.00 45.73 ? 7   SER A C   1 
ATOM   62   O  O   . SER A 1 7   ? -5.469  -0.259  -10.445 1.00 45.03 ? 7   SER A O   1 
ATOM   63   C  CB  . SER A 1 7   ? -3.539  -2.525  -11.665 1.00 46.87 ? 7   SER A CB  1 
ATOM   64   O  OG  . SER A 1 7   ? -2.520  -2.719  -12.632 1.00 49.75 ? 7   SER A OG  1 
ATOM   65   N  N   . MET A 1 8   ? -4.474  -1.443  -8.814  1.00 45.64 ? 8   MET A N   1 
ATOM   66   C  CA  . MET A 1 8   ? -5.534  -1.238  -7.846  1.00 46.54 ? 8   MET A CA  1 
ATOM   67   C  C   . MET A 1 8   ? -5.610  0.261   -7.557  1.00 47.76 ? 8   MET A C   1 
ATOM   68   O  O   . MET A 1 8   ? -6.695  0.844   -7.483  1.00 46.95 ? 8   MET A O   1 
ATOM   69   C  CB  . MET A 1 8   ? -5.200  -2.014  -6.572  1.00 45.72 ? 8   MET A CB  1 
ATOM   70   C  CG  . MET A 1 8   ? -6.272  -2.016  -5.504  1.00 42.88 ? 8   MET A CG  1 
ATOM   71   S  SD  . MET A 1 8   ? -5.782  -3.119  -4.161  1.00 43.00 ? 8   MET A SD  1 
ATOM   72   C  CE  . MET A 1 8   ? -6.878  -4.475  -4.383  1.00 39.88 ? 8   MET A CE  1 
ATOM   73   N  N   . ILE A 1 9   ? -4.444  0.880   -7.411  1.00 49.68 ? 9   ILE A N   1 
ATOM   74   C  CA  . ILE A 1 9   ? -4.354  2.310   -7.137  1.00 52.98 ? 9   ILE A CA  1 
ATOM   75   C  C   . ILE A 1 9   ? -4.915  3.142   -8.294  1.00 54.96 ? 9   ILE A C   1 
ATOM   76   O  O   . ILE A 1 9   ? -5.607  4.137   -8.069  1.00 55.56 ? 9   ILE A O   1 
ATOM   77   C  CB  . ILE A 1 9   ? -2.890  2.740   -6.887  1.00 51.71 ? 9   ILE A CB  1 
ATOM   78   C  CG1 . ILE A 1 9   ? -2.332  2.007   -5.666  1.00 50.79 ? 9   ILE A CG1 1 
ATOM   79   C  CG2 . ILE A 1 9   ? -2.817  4.247   -6.669  1.00 52.18 ? 9   ILE A CG2 1 
ATOM   80   C  CD1 . ILE A 1 9   ? -0.843  2.177   -5.490  1.00 48.78 ? 9   ILE A CD1 1 
ATOM   81   N  N   . LYS A 1 10  ? -4.608  2.735   -9.524  1.00 57.24 ? 10  LYS A N   1 
ATOM   82   C  CA  . LYS A 1 10  ? -5.083  3.444   -10.712 1.00 59.13 ? 10  LYS A CA  1 
ATOM   83   C  C   . LYS A 1 10  ? -6.593  3.276   -10.854 1.00 60.38 ? 10  LYS A C   1 
ATOM   84   O  O   . LYS A 1 10  ? -7.273  4.112   -11.451 1.00 60.63 ? 10  LYS A O   1 
ATOM   85   C  CB  . LYS A 1 10  ? -4.356  2.921   -11.957 1.00 59.82 ? 10  LYS A CB  1 
ATOM   86   C  CG  . LYS A 1 10  ? -2.864  3.237   -11.950 1.00 61.32 ? 10  LYS A CG  1 
ATOM   87   C  CD  . LYS A 1 10  ? -2.069  2.407   -12.955 1.00 62.75 ? 10  LYS A CD  1 
ATOM   88   C  CE  . LYS A 1 10  ? -0.569  2.702   -12.823 1.00 63.80 ? 10  LYS A CE  1 
ATOM   89   N  NZ  . LYS A 1 10  ? 0.307   1.697   -13.502 1.00 64.36 ? 10  LYS A NZ  1 
ATOM   90   N  N   . CYS A 1 11  ? -7.109  2.190   -10.291 1.00 61.57 ? 11  CYS A N   1 
ATOM   91   C  CA  . CYS A 1 11  ? -8.536  1.907   -10.318 1.00 62.88 ? 11  CYS A CA  1 
ATOM   92   C  C   . CYS A 1 11  ? -9.267  2.865   -9.372  1.00 63.60 ? 11  CYS A C   1 
ATOM   93   O  O   . CYS A 1 11  ? -10.350 3.357   -9.685  1.00 64.30 ? 11  CYS A O   1 
ATOM   94   C  CB  . CYS A 1 11  ? -8.788  0.459   -9.892  1.00 63.39 ? 11  CYS A CB  1 
ATOM   95   S  SG  . CYS A 1 11  ? -10.477 0.135   -9.291  1.00 67.21 ? 11  CYS A SG  1 
ATOM   96   N  N   . ALA A 1 12  ? -8.666  3.131   -8.215  1.00 63.83 ? 12  ALA A N   1 
ATOM   97   C  CA  . ALA A 1 12  ? -9.270  4.025   -7.234  1.00 63.76 ? 12  ALA A CA  1 
ATOM   98   C  C   . ALA A 1 12  ? -9.066  5.491   -7.620  1.00 64.02 ? 12  ALA A C   1 
ATOM   99   O  O   . ALA A 1 12  ? -9.874  6.348   -7.257  1.00 63.65 ? 12  ALA A O   1 
ATOM   100  C  CB  . ALA A 1 12  ? -8.681  3.757   -5.851  1.00 63.32 ? 12  ALA A CB  1 
ATOM   101  N  N   . ILE A 1 13  ? -7.988  5.761   -8.355  1.00 64.59 ? 13  ILE A N   1 
ATOM   102  C  CA  . ILE A 1 13  ? -7.655  7.110   -8.816  1.00 65.28 ? 13  ILE A CA  1 
ATOM   103  C  C   . ILE A 1 13  ? -7.438  7.090   -10.331 1.00 67.22 ? 13  ILE A C   1 
ATOM   104  O  O   . ILE A 1 13  ? -6.301  7.159   -10.804 1.00 67.67 ? 13  ILE A O   1 
ATOM   105  C  CB  . ILE A 1 13  ? -6.353  7.626   -8.168  1.00 64.75 ? 13  ILE A CB  1 
ATOM   106  C  CG1 . ILE A 1 13  ? -6.400  7.440   -6.652  1.00 64.55 ? 13  ILE A CG1 1 
ATOM   107  C  CG2 . ILE A 1 13  ? -6.157  9.094   -8.509  1.00 63.96 ? 13  ILE A CG2 1 
ATOM   108  C  CD1 . ILE A 1 13  ? -5.079  7.723   -5.973  1.00 64.30 ? 13  ILE A CD1 1 
ATOM   109  N  N   . PRO A 1 14  ? -8.527  7.006   -11.113 1.00 68.70 ? 14  PRO A N   1 
ATOM   110  C  CA  . PRO A 1 14  ? -8.478  6.972   -12.581 1.00 69.75 ? 14  PRO A CA  1 
ATOM   111  C  C   . PRO A 1 14  ? -7.595  8.061   -13.197 1.00 71.22 ? 14  PRO A C   1 
ATOM   112  O  O   . PRO A 1 14  ? -7.765  9.249   -12.908 1.00 71.83 ? 14  PRO A O   1 
ATOM   113  C  CB  . PRO A 1 14  ? -9.943  7.135   -12.977 1.00 69.97 ? 14  PRO A CB  1 
ATOM   114  C  CG  . PRO A 1 14  ? -10.669 6.492   -11.838 1.00 69.82 ? 14  PRO A CG  1 
ATOM   115  C  CD  . PRO A 1 14  ? -9.924  7.034   -10.644 1.00 69.17 ? 14  PRO A CD  1 
ATOM   116  N  N   . GLY A 1 15  ? -6.662  7.650   -14.050 1.00 71.36 ? 15  GLY A N   1 
ATOM   117  C  CA  . GLY A 1 15  ? -5.773  8.605   -14.689 1.00 71.67 ? 15  GLY A CA  1 
ATOM   118  C  C   . GLY A 1 15  ? -4.830  9.279   -13.709 1.00 71.73 ? 15  GLY A C   1 
ATOM   119  O  O   . GLY A 1 15  ? -3.791  8.723   -13.348 1.00 71.92 ? 15  GLY A O   1 
ATOM   120  N  N   . PHE A 1 22  ? 5.676   6.374   -10.815 1.00 68.02 ? 22  PHE A N   1 
ATOM   121  C  CA  . PHE A 1 22  ? 5.667   6.728   -9.398  1.00 68.95 ? 22  PHE A CA  1 
ATOM   122  C  C   . PHE A 1 22  ? 7.059   7.075   -8.875  1.00 68.59 ? 22  PHE A C   1 
ATOM   123  O  O   . PHE A 1 22  ? 8.065   6.529   -9.334  1.00 68.80 ? 22  PHE A O   1 
ATOM   124  C  CB  . PHE A 1 22  ? 5.114   5.575   -8.548  1.00 69.80 ? 22  PHE A CB  1 
ATOM   125  C  CG  . PHE A 1 22  ? 3.654   5.293   -8.762  1.00 71.65 ? 22  PHE A CG  1 
ATOM   126  C  CD1 . PHE A 1 22  ? 2.708   6.308   -8.650  1.00 71.93 ? 22  PHE A CD1 1 
ATOM   127  C  CD2 . PHE A 1 22  ? 3.217   3.996   -9.039  1.00 72.60 ? 22  PHE A CD2 1 
ATOM   128  C  CE1 . PHE A 1 22  ? 1.343   6.037   -8.808  1.00 72.77 ? 22  PHE A CE1 1 
ATOM   129  C  CE2 . PHE A 1 22  ? 1.855   3.711   -9.199  1.00 72.39 ? 22  PHE A CE2 1 
ATOM   130  C  CZ  . PHE A 1 22  ? 0.917   4.734   -9.084  1.00 72.68 ? 22  PHE A CZ  1 
ATOM   131  N  N   . ASN A 1 23  ? 7.099   7.989   -7.909  1.00 67.62 ? 23  ASN A N   1 
ATOM   132  C  CA  . ASN A 1 23  ? 8.346   8.406   -7.268  1.00 65.87 ? 23  ASN A CA  1 
ATOM   133  C  C   . ASN A 1 23  ? 8.112   8.386   -5.764  1.00 64.43 ? 23  ASN A C   1 
ATOM   134  O  O   . ASN A 1 23  ? 6.964   8.414   -5.314  1.00 64.40 ? 23  ASN A O   1 
ATOM   135  C  CB  . ASN A 1 23  ? 8.750   9.817   -7.704  1.00 66.24 ? 23  ASN A CB  1 
ATOM   136  C  CG  . ASN A 1 23  ? 9.396   9.843   -9.074  1.00 66.73 ? 23  ASN A CG  1 
ATOM   137  O  OD1 . ASN A 1 23  ? 8.731   9.634   -10.091 1.00 66.97 ? 23  ASN A OD1 1 
ATOM   138  N  ND2 . ASN A 1 23  ? 10.706  10.097  -9.109  1.00 65.50 ? 23  ASN A ND2 1 
ATOM   139  N  N   . ASN A 1 24  ? 9.189   8.329   -4.984  1.00 62.00 ? 24  ASN A N   1 
ATOM   140  C  CA  . ASN A 1 24  ? 9.043   8.311   -3.535  1.00 59.56 ? 24  ASN A CA  1 
ATOM   141  C  C   . ASN A 1 24  ? 8.316   9.563   -3.055  1.00 58.09 ? 24  ASN A C   1 
ATOM   142  O  O   . ASN A 1 24  ? 8.330   10.600  -3.720  1.00 58.37 ? 24  ASN A O   1 
ATOM   143  C  CB  . ASN A 1 24  ? 10.405  8.204   -2.844  1.00 58.93 ? 24  ASN A CB  1 
ATOM   144  C  CG  . ASN A 1 24  ? 11.063  6.858   -3.064  1.00 58.11 ? 24  ASN A CG  1 
ATOM   145  O  OD1 . ASN A 1 24  ? 10.390  5.850   -3.293  1.00 58.41 ? 24  ASN A OD1 1 
ATOM   146  N  ND2 . ASN A 1 24  ? 12.386  6.830   -2.980  1.00 58.78 ? 24  ASN A ND2 1 
ATOM   147  N  N   . TYR A 1 25  ? 7.676   9.459   -1.898  1.00 56.32 ? 25  TYR A N   1 
ATOM   148  C  CA  . TYR A 1 25  ? 6.934   10.580  -1.346  1.00 54.28 ? 25  TYR A CA  1 
ATOM   149  C  C   . TYR A 1 25  ? 6.898   10.503  0.171   1.00 52.36 ? 25  TYR A C   1 
ATOM   150  O  O   . TYR A 1 25  ? 6.700   9.434   0.746   1.00 53.03 ? 25  TYR A O   1 
ATOM   151  C  CB  . TYR A 1 25  ? 5.513   10.571  -1.915  1.00 54.72 ? 25  TYR A CB  1 
ATOM   152  C  CG  . TYR A 1 25  ? 4.609   11.669  -1.414  1.00 54.27 ? 25  TYR A CG  1 
ATOM   153  C  CD1 . TYR A 1 25  ? 4.049   11.616  -0.135  1.00 54.87 ? 25  TYR A CD1 1 
ATOM   154  C  CD2 . TYR A 1 25  ? 4.284   12.745  -2.230  1.00 55.08 ? 25  TYR A CD2 1 
ATOM   155  C  CE1 . TYR A 1 25  ? 3.183   12.608  0.314   1.00 54.89 ? 25  TYR A CE1 1 
ATOM   156  C  CE2 . TYR A 1 25  ? 3.420   13.743  -1.790  1.00 56.60 ? 25  TYR A CE2 1 
ATOM   157  C  CZ  . TYR A 1 25  ? 2.873   13.668  -0.520  1.00 54.99 ? 25  TYR A CZ  1 
ATOM   158  O  OH  . TYR A 1 25  ? 2.015   14.654  -0.097  1.00 55.02 ? 25  TYR A OH  1 
ATOM   159  N  N   . GLY A 1 26  ? 7.098   11.643  0.818   1.00 50.27 ? 26  GLY A N   1 
ATOM   160  C  CA  . GLY A 1 26  ? 7.070   11.672  2.264   1.00 47.48 ? 26  GLY A CA  1 
ATOM   161  C  C   . GLY A 1 26  ? 8.121   10.790  2.901   1.00 46.18 ? 26  GLY A C   1 
ATOM   162  O  O   . GLY A 1 26  ? 9.182   10.562  2.330   1.00 46.76 ? 26  GLY A O   1 
ATOM   163  N  N   . CYS A 1 27  ? 7.815   10.285  4.090   1.00 45.05 ? 27  CYS A N   1 
ATOM   164  C  CA  . CYS A 1 27  ? 8.736   9.446   4.843   1.00 43.16 ? 27  CYS A CA  1 
ATOM   165  C  C   . CYS A 1 27  ? 8.422   7.965   4.749   1.00 41.86 ? 27  CYS A C   1 
ATOM   166  O  O   . CYS A 1 27  ? 9.232   7.133   5.161   1.00 41.16 ? 27  CYS A O   1 
ATOM   167  C  CB  . CYS A 1 27  ? 8.713   9.848   6.322   1.00 42.86 ? 27  CYS A CB  1 
ATOM   168  S  SG  . CYS A 1 27  ? 9.323   11.526  6.644   1.00 42.94 ? 27  CYS A SG  1 
ATOM   169  N  N   . TYR A 1 28  ? 7.248   7.638   4.216   1.00 40.54 ? 28  TYR A N   1 
ATOM   170  C  CA  . TYR A 1 28  ? 6.826   6.248   4.131   1.00 39.93 ? 28  TYR A CA  1 
ATOM   171  C  C   . TYR A 1 28  ? 6.418   5.731   2.765   1.00 39.97 ? 28  TYR A C   1 
ATOM   172  O  O   . TYR A 1 28  ? 6.299   4.522   2.583   1.00 40.68 ? 28  TYR A O   1 
ATOM   173  C  CB  . TYR A 1 28  ? 5.717   5.999   5.159   1.00 37.82 ? 28  TYR A CB  1 
ATOM   174  C  CG  . TYR A 1 28  ? 6.282   5.885   6.554   1.00 36.56 ? 28  TYR A CG  1 
ATOM   175  C  CD1 . TYR A 1 28  ? 6.735   4.661   7.035   1.00 35.95 ? 28  TYR A CD1 1 
ATOM   176  C  CD2 . TYR A 1 28  ? 6.444   7.012   7.365   1.00 35.83 ? 28  TYR A CD2 1 
ATOM   177  C  CE1 . TYR A 1 28  ? 7.338   4.555   8.283   1.00 34.78 ? 28  TYR A CE1 1 
ATOM   178  C  CE2 . TYR A 1 28  ? 7.053   6.916   8.622   1.00 34.39 ? 28  TYR A CE2 1 
ATOM   179  C  CZ  . TYR A 1 28  ? 7.497   5.683   9.067   1.00 34.10 ? 28  TYR A CZ  1 
ATOM   180  O  OH  . TYR A 1 28  ? 8.118   5.563   10.284  1.00 32.44 ? 28  TYR A OH  1 
ATOM   181  N  N   . CYS A 1 29  ? 6.194   6.622   1.805   1.00 41.67 ? 29  CYS A N   1 
ATOM   182  C  CA  . CYS A 1 29  ? 5.837   6.168   0.466   1.00 43.64 ? 29  CYS A CA  1 
ATOM   183  C  C   . CYS A 1 29  ? 7.147   5.882   -0.277  1.00 44.67 ? 29  CYS A C   1 
ATOM   184  O  O   . CYS A 1 29  ? 7.764   6.778   -0.858  1.00 45.08 ? 29  CYS A O   1 
ATOM   185  C  CB  . CYS A 1 29  ? 5.020   7.219   -0.288  1.00 43.28 ? 29  CYS A CB  1 
ATOM   186  S  SG  . CYS A 1 29  ? 3.414   7.680   0.450   1.00 45.90 ? 29  CYS A SG  1 
ATOM   187  N  N   . GLY A 1 30  ? 7.554   4.618   -0.238  1.00 44.78 ? 30  GLY A N   1 
ATOM   188  C  CA  . GLY A 1 30  ? 8.783   4.180   -0.868  1.00 45.35 ? 30  GLY A CA  1 
ATOM   189  C  C   . GLY A 1 30  ? 9.187   2.917   -0.131  1.00 46.41 ? 30  GLY A C   1 
ATOM   190  O  O   . GLY A 1 30  ? 8.377   2.370   0.624   1.00 47.13 ? 30  GLY A O   1 
ATOM   191  N  N   . LEU A 1 31  ? 10.405  2.431   -0.339  1.00 46.24 ? 31  LEU A N   1 
ATOM   192  C  CA  . LEU A 1 31  ? 10.822  1.234   0.381   1.00 46.20 ? 31  LEU A CA  1 
ATOM   193  C  C   . LEU A 1 31  ? 11.164  1.621   1.810   1.00 46.64 ? 31  LEU A C   1 
ATOM   194  O  O   . LEU A 1 31  ? 11.899  2.586   2.057   1.00 47.27 ? 31  LEU A O   1 
ATOM   195  C  CB  . LEU A 1 31  ? 12.022  0.562   -0.288  1.00 45.38 ? 31  LEU A CB  1 
ATOM   196  C  CG  . LEU A 1 31  ? 11.702  -0.421  -1.417  1.00 45.18 ? 31  LEU A CG  1 
ATOM   197  C  CD1 . LEU A 1 31  ? 12.992  -1.074  -1.871  1.00 46.46 ? 31  LEU A CD1 1 
ATOM   198  C  CD2 . LEU A 1 31  ? 10.723  -1.481  -0.936  1.00 44.01 ? 31  LEU A CD2 1 
ATOM   199  N  N   . GLY A 1 32  ? 10.616  0.868   2.754   1.00 46.49 ? 32  GLY A N   1 
ATOM   200  C  CA  . GLY A 1 32  ? 10.860  1.170   4.147   1.00 46.31 ? 32  GLY A CA  1 
ATOM   201  C  C   . GLY A 1 32  ? 10.198  2.476   4.553   1.00 45.77 ? 32  GLY A C   1 
ATOM   202  O  O   . GLY A 1 32  ? 9.116   2.829   4.071   1.00 45.83 ? 32  GLY A O   1 
ATOM   203  N  N   . GLY A 1 33  ? 10.867  3.203   5.438   1.00 44.94 ? 33  GLY A N   1 
ATOM   204  C  CA  . GLY A 1 33  ? 10.340  4.457   5.930   1.00 43.85 ? 33  GLY A CA  1 
ATOM   205  C  C   . GLY A 1 33  ? 10.940  4.697   7.299   1.00 43.82 ? 33  GLY A C   1 
ATOM   206  O  O   . GLY A 1 33  ? 11.458  3.764   7.920   1.00 44.77 ? 33  GLY A O   1 
ATOM   207  N  N   . SER A 1 34  ? 10.880  5.936   7.775   1.00 43.48 ? 34  SER A N   1 
ATOM   208  C  CA  . SER A 1 34  ? 11.443  6.265   9.078   1.00 42.48 ? 34  SER A CA  1 
ATOM   209  C  C   . SER A 1 34  ? 10.810  7.518   9.657   1.00 42.63 ? 34  SER A C   1 
ATOM   210  O  O   . SER A 1 34  ? 10.198  8.307   8.942   1.00 43.84 ? 34  SER A O   1 
ATOM   211  C  CB  . SER A 1 34  ? 12.954  6.472   8.951   1.00 41.12 ? 34  SER A CB  1 
ATOM   212  O  OG  . SER A 1 34  ? 13.242  7.538   8.062   1.00 39.61 ? 34  SER A OG  1 
ATOM   213  N  N   . GLY A 1 35  ? 10.970  7.702   10.960  1.00 42.68 ? 35  GLY A N   1 
ATOM   214  C  CA  . GLY A 1 35  ? 10.416  8.874   11.601  1.00 42.89 ? 35  GLY A CA  1 
ATOM   215  C  C   . GLY A 1 35  ? 8.905   8.935   11.537  1.00 43.29 ? 35  GLY A C   1 
ATOM   216  O  O   . GLY A 1 35  ? 8.232   7.914   11.623  1.00 42.88 ? 35  GLY A O   1 
ATOM   217  N  N   . THR A 1 36  ? 8.383   10.144  11.362  1.00 43.86 ? 36  THR A N   1 
ATOM   218  C  CA  . THR A 1 36  ? 6.944   10.380  11.319  1.00 44.08 ? 36  THR A CA  1 
ATOM   219  C  C   . THR A 1 36  ? 6.432   10.822  9.953   1.00 44.26 ? 36  THR A C   1 
ATOM   220  O  O   . THR A 1 36  ? 7.095   11.577  9.250   1.00 43.91 ? 36  THR A O   1 
ATOM   221  C  CB  . THR A 1 36  ? 6.563   11.470  12.353  1.00 43.84 ? 36  THR A CB  1 
ATOM   222  O  OG1 . THR A 1 36  ? 6.977   11.047  13.656  1.00 45.67 ? 36  THR A OG1 1 
ATOM   223  C  CG2 . THR A 1 36  ? 5.062   11.726  12.364  1.00 43.46 ? 36  THR A CG2 1 
ATOM   224  N  N   . PRO A 1 37  ? 5.229   10.359  9.566   1.00 46.12 ? 37  PRO A N   1 
ATOM   225  C  CA  . PRO A 1 37  ? 4.610   10.711  8.281   1.00 47.58 ? 37  PRO A CA  1 
ATOM   226  C  C   . PRO A 1 37  ? 4.474   12.235  8.201   1.00 49.00 ? 37  PRO A C   1 
ATOM   227  O  O   . PRO A 1 37  ? 4.180   12.878  9.211   1.00 49.59 ? 37  PRO A O   1 
ATOM   228  C  CB  . PRO A 1 37  ? 3.244   10.038  8.364   1.00 47.14 ? 37  PRO A CB  1 
ATOM   229  C  CG  . PRO A 1 37  ? 3.490   8.872   9.244   1.00 47.02 ? 37  PRO A CG  1 
ATOM   230  C  CD  . PRO A 1 37  ? 4.373   9.426   10.318  1.00 46.07 ? 37  PRO A CD  1 
ATOM   231  N  N   . VAL A 1 38  ? 4.670   12.812  7.016   1.00 50.21 ? 38  VAL A N   1 
ATOM   232  C  CA  . VAL A 1 38  ? 4.572   14.263  6.862   1.00 51.86 ? 38  VAL A CA  1 
ATOM   233  C  C   . VAL A 1 38  ? 3.165   14.783  6.581   1.00 53.04 ? 38  VAL A C   1 
ATOM   234  O  O   . VAL A 1 38  ? 2.831   15.904  6.968   1.00 53.83 ? 38  VAL A O   1 
ATOM   235  C  CB  . VAL A 1 38  ? 5.500   14.784  5.742   1.00 51.34 ? 38  VAL A CB  1 
ATOM   236  C  CG1 . VAL A 1 38  ? 6.946   14.611  6.144   1.00 51.55 ? 38  VAL A CG1 1 
ATOM   237  C  CG2 . VAL A 1 38  ? 5.210   14.056  4.450   1.00 50.90 ? 38  VAL A CG2 1 
ATOM   238  N  N   . ASP A 1 39  ? 2.348   13.993  5.891   1.00 53.38 ? 39  ASP A N   1 
ATOM   239  C  CA  . ASP A 1 39  ? 0.987   14.415  5.589   1.00 54.08 ? 39  ASP A CA  1 
ATOM   240  C  C   . ASP A 1 39  ? 0.031   13.231  5.549   1.00 54.52 ? 39  ASP A C   1 
ATOM   241  O  O   . ASP A 1 39  ? 0.386   12.131  5.965   1.00 54.61 ? 39  ASP A O   1 
ATOM   242  C  CB  . ASP A 1 39  ? 0.941   15.189  4.267   1.00 55.50 ? 39  ASP A CB  1 
ATOM   243  C  CG  . ASP A 1 39  ? 1.493   14.395  3.095   1.00 56.68 ? 39  ASP A CG  1 
ATOM   244  O  OD1 . ASP A 1 39  ? 1.049   13.245  2.885   1.00 58.30 ? 39  ASP A OD1 1 
ATOM   245  O  OD2 . ASP A 1 39  ? 2.364   14.929  2.380   1.00 55.75 ? 39  ASP A OD2 1 
ATOM   246  N  N   . GLU A 1 40  ? -1.181  13.462  5.052   1.00 54.98 ? 40  GLU A N   1 
ATOM   247  C  CA  . GLU A 1 40  ? -2.196  12.413  4.987   1.00 55.08 ? 40  GLU A CA  1 
ATOM   248  C  C   . GLU A 1 40  ? -1.817  11.274  4.044   1.00 53.09 ? 40  GLU A C   1 
ATOM   249  O  O   . GLU A 1 40  ? -1.938  10.100  4.405   1.00 52.21 ? 40  GLU A O   1 
ATOM   250  C  CB  . GLU A 1 40  ? -3.545  13.009  4.576   1.00 57.26 ? 40  GLU A CB  1 
ATOM   251  C  CG  . GLU A 1 40  ? -4.715  12.044  4.715   1.00 61.52 ? 40  GLU A CG  1 
ATOM   252  C  CD  . GLU A 1 40  ? -6.071  12.747  4.672   1.00 64.65 ? 40  GLU A CD  1 
ATOM   253  O  OE1 . GLU A 1 40  ? -7.111  12.043  4.653   1.00 64.74 ? 40  GLU A OE1 1 
ATOM   254  O  OE2 . GLU A 1 40  ? -6.095  14.003  4.663   1.00 66.52 ? 40  GLU A OE2 1 
ATOM   255  N  N   . LEU A 1 41  ? -1.359  11.622  2.845   1.00 51.43 ? 41  LEU A N   1 
ATOM   256  C  CA  . LEU A 1 41  ? -0.948  10.616  1.870   1.00 50.26 ? 41  LEU A CA  1 
ATOM   257  C  C   . LEU A 1 41  ? 0.206   9.796   2.456   1.00 49.32 ? 41  LEU A C   1 
ATOM   258  O  O   . LEU A 1 41  ? 0.255   8.572   2.307   1.00 49.13 ? 41  LEU A O   1 
ATOM   259  C  CB  . LEU A 1 41  ? -0.502  11.287  0.566   1.00 50.02 ? 41  LEU A CB  1 
ATOM   260  C  CG  . LEU A 1 41  ? -0.111  10.376  -0.607  1.00 50.01 ? 41  LEU A CG  1 
ATOM   261  C  CD1 . LEU A 1 41  ? -1.302  9.530   -1.040  1.00 48.34 ? 41  LEU A CD1 1 
ATOM   262  C  CD2 . LEU A 1 41  ? 0.378   11.232  -1.770  1.00 49.18 ? 41  LEU A CD2 1 
ATOM   263  N  N   . ASP A 1 42  ? 1.122   10.479  3.136   1.00 47.76 ? 42  ASP A N   1 
ATOM   264  C  CA  . ASP A 1 42  ? 2.264   9.815   3.745   1.00 46.32 ? 42  ASP A CA  1 
ATOM   265  C  C   . ASP A 1 42  ? 1.799   8.948   4.912   1.00 45.66 ? 42  ASP A C   1 
ATOM   266  O  O   . ASP A 1 42  ? 2.493   8.015   5.313   1.00 44.91 ? 42  ASP A O   1 
ATOM   267  C  CB  . ASP A 1 42  ? 3.293   10.855  4.207   1.00 46.45 ? 42  ASP A CB  1 
ATOM   268  C  CG  . ASP A 1 42  ? 4.661   10.246  4.489   1.00 45.96 ? 42  ASP A CG  1 
ATOM   269  O  OD1 . ASP A 1 42  ? 4.959   9.163   3.942   1.00 45.95 ? 42  ASP A OD1 1 
ATOM   270  O  OD2 . ASP A 1 42  ? 5.446   10.857  5.245   1.00 45.67 ? 42  ASP A OD2 1 
ATOM   271  N  N   . ARG A 1 43  ? 0.619   9.248   5.454   1.00 45.48 ? 43  ARG A N   1 
ATOM   272  C  CA  . ARG A 1 43  ? 0.074   8.449   6.551   1.00 43.88 ? 43  ARG A CA  1 
ATOM   273  C  C   . ARG A 1 43  ? -0.563  7.217   5.943   1.00 43.36 ? 43  ARG A C   1 
ATOM   274  O  O   . ARG A 1 43  ? -0.610  6.155   6.556   1.00 42.89 ? 43  ARG A O   1 
ATOM   275  C  CB  . ARG A 1 43  ? -0.972  9.229   7.346   1.00 43.46 ? 43  ARG A CB  1 
ATOM   276  C  CG  . ARG A 1 43  ? -0.384  10.175  8.374   1.00 43.66 ? 43  ARG A CG  1 
ATOM   277  C  CD  . ARG A 1 43  ? -1.471  10.780  9.232   1.00 41.64 ? 43  ARG A CD  1 
ATOM   278  N  NE  . ARG A 1 43  ? -0.938  11.689  10.241  1.00 41.72 ? 43  ARG A NE  1 
ATOM   279  C  CZ  . ARG A 1 43  ? -1.670  12.256  11.195  1.00 41.86 ? 43  ARG A CZ  1 
ATOM   280  N  NH1 . ARG A 1 43  ? -1.101  13.070  12.072  1.00 40.98 ? 43  ARG A NH1 1 
ATOM   281  N  NH2 . ARG A 1 43  ? -2.972  12.003  11.274  1.00 42.84 ? 43  ARG A NH2 1 
ATOM   282  N  N   . CYS A 1 44  ? -1.062  7.375   4.723   1.00 43.92 ? 44  CYS A N   1 
ATOM   283  C  CA  . CYS A 1 44  ? -1.674  6.268   4.009   1.00 43.46 ? 44  CYS A CA  1 
ATOM   284  C  C   . CYS A 1 44  ? -0.589  5.207   3.781   1.00 42.94 ? 44  CYS A C   1 
ATOM   285  O  O   . CYS A 1 44  ? -0.825  4.014   3.961   1.00 42.17 ? 44  CYS A O   1 
ATOM   286  C  CB  . CYS A 1 44  ? -2.224  6.745   2.661   1.00 45.36 ? 44  CYS A CB  1 
ATOM   287  S  SG  . CYS A 1 44  ? -3.748  7.758   2.698   1.00 43.09 ? 44  CYS A SG  1 
ATOM   288  N  N   . CYS A 1 45  ? 0.608   5.654   3.409   1.00 42.08 ? 45  CYS A N   1 
ATOM   289  C  CA  . CYS A 1 45  ? 1.712   4.735   3.162   1.00 41.41 ? 45  CYS A CA  1 
ATOM   290  C  C   . CYS A 1 45  ? 2.233   4.090   4.428   1.00 40.17 ? 45  CYS A C   1 
ATOM   291  O  O   . CYS A 1 45  ? 2.530   2.891   4.435   1.00 40.13 ? 45  CYS A O   1 
ATOM   292  C  CB  . CYS A 1 45  ? 2.856   5.441   2.430   1.00 42.13 ? 45  CYS A CB  1 
ATOM   293  S  SG  . CYS A 1 45  ? 2.411   5.941   0.736   1.00 44.57 ? 45  CYS A SG  1 
ATOM   294  N  N   . GLU A 1 46  ? 2.349   4.870   5.499   1.00 39.16 ? 46  GLU A N   1 
ATOM   295  C  CA  . GLU A 1 46  ? 2.837   4.316   6.756   1.00 37.90 ? 46  GLU A CA  1 
ATOM   296  C  C   . GLU A 1 46  ? 1.907   3.198   7.194   1.00 37.94 ? 46  GLU A C   1 
ATOM   297  O  O   . GLU A 1 46  ? 2.347   2.117   7.585   1.00 37.20 ? 46  GLU A O   1 
ATOM   298  C  CB  . GLU A 1 46  ? 2.869   5.372   7.855   1.00 39.23 ? 46  GLU A CB  1 
ATOM   299  C  CG  . GLU A 1 46  ? 3.498   4.848   9.138   1.00 39.29 ? 46  GLU A CG  1 
ATOM   300  C  CD  . GLU A 1 46  ? 3.048   5.599   10.374  1.00 40.17 ? 46  GLU A CD  1 
ATOM   301  O  OE1 . GLU A 1 46  ? 3.639   5.360   11.455  1.00 41.55 ? 46  GLU A OE1 1 
ATOM   302  O  OE2 . GLU A 1 46  ? 2.105   6.415   10.268  1.00 39.61 ? 46  GLU A OE2 1 
ATOM   303  N  N   . THR A 1 47  ? 0.610   3.477   7.134   1.00 38.02 ? 47  THR A N   1 
ATOM   304  C  CA  . THR A 1 47  ? -0.407  2.511   7.524   1.00 37.70 ? 47  THR A CA  1 
ATOM   305  C  C   . THR A 1 47  ? -0.284  1.243   6.689   1.00 37.13 ? 47  THR A C   1 
ATOM   306  O  O   . THR A 1 47  ? -0.465  0.136   7.196   1.00 37.63 ? 47  THR A O   1 
ATOM   307  C  CB  . THR A 1 47  ? -1.814  3.105   7.328   1.00 39.02 ? 47  THR A CB  1 
ATOM   308  O  OG1 . THR A 1 47  ? -1.917  4.319   8.080   1.00 40.67 ? 47  THR A OG1 1 
ATOM   309  C  CG2 . THR A 1 47  ? -2.884  2.125   7.789   1.00 37.57 ? 47  THR A CG2 1 
ATOM   310  N  N   . HIS A 1 48  ? 0.008   1.417   5.401   1.00 35.40 ? 48  HIS A N   1 
ATOM   311  C  CA  . HIS A 1 48  ? 0.173   0.290   4.487   1.00 34.94 ? 48  HIS A CA  1 
ATOM   312  C  C   . HIS A 1 48  ? 1.415   -0.484  4.928   1.00 34.01 ? 48  HIS A C   1 
ATOM   313  O  O   . HIS A 1 48  ? 1.402   -1.712  5.018   1.00 33.36 ? 48  HIS A O   1 
ATOM   314  C  CB  . HIS A 1 48  ? 0.353   0.793   3.054   1.00 35.40 ? 48  HIS A CB  1 
ATOM   315  C  CG  . HIS A 1 48  ? 0.322   -0.294  2.025   1.00 35.20 ? 48  HIS A CG  1 
ATOM   316  N  ND1 . HIS A 1 48  ? 1.393   -0.574  1.203   1.00 34.65 ? 48  HIS A ND1 1 
ATOM   317  C  CD2 . HIS A 1 48  ? -0.651  -1.177  1.689   1.00 35.56 ? 48  HIS A CD2 1 
ATOM   318  C  CE1 . HIS A 1 48  ? 1.081   -1.582  0.408   1.00 37.06 ? 48  HIS A CE1 1 
ATOM   319  N  NE2 . HIS A 1 48  ? -0.153  -1.965  0.682   1.00 37.27 ? 48  HIS A NE2 1 
ATOM   320  N  N   . ASP A 1 49  ? 2.481   0.258   5.203   1.00 33.49 ? 49  ASP A N   1 
ATOM   321  C  CA  . ASP A 1 49  ? 3.726   -0.327  5.669   1.00 35.24 ? 49  ASP A CA  1 
ATOM   322  C  C   . ASP A 1 49  ? 3.412   -1.181  6.902   1.00 36.22 ? 49  ASP A C   1 
ATOM   323  O  O   . ASP A 1 49  ? 3.827   -2.335  6.999   1.00 36.31 ? 49  ASP A O   1 
ATOM   324  C  CB  . ASP A 1 49  ? 4.718   0.775   6.069   1.00 35.07 ? 49  ASP A CB  1 
ATOM   325  C  CG  . ASP A 1 49  ? 5.507   1.336   4.892   1.00 36.91 ? 49  ASP A CG  1 
ATOM   326  O  OD1 . ASP A 1 49  ? 5.129   1.119   3.717   1.00 35.72 ? 49  ASP A OD1 1 
ATOM   327  O  OD2 . ASP A 1 49  ? 6.519   2.019   5.161   1.00 38.88 ? 49  ASP A OD2 1 
ATOM   328  N  N   . ASN A 1 50  ? 2.669   -0.605  7.846   1.00 38.14 ? 50  ASN A N   1 
ATOM   329  C  CA  . ASN A 1 50  ? 2.329   -1.324  9.074   1.00 38.89 ? 50  ASN A CA  1 
ATOM   330  C  C   . ASN A 1 50  ? 1.398   -2.509  8.826   1.00 38.30 ? 50  ASN A C   1 
ATOM   331  O  O   . ASN A 1 50  ? 1.433   -3.488  9.570   1.00 38.10 ? 50  ASN A O   1 
ATOM   332  C  CB  . ASN A 1 50  ? 1.698   -0.376  10.109  1.00 40.39 ? 50  ASN A CB  1 
ATOM   333  C  CG  . ASN A 1 50  ? 2.619   0.784   10.494  1.00 41.43 ? 50  ASN A CG  1 
ATOM   334  O  OD1 . ASN A 1 50  ? 3.832   0.614   10.618  1.00 42.49 ? 50  ASN A OD1 1 
ATOM   335  N  ND2 . ASN A 1 50  ? 2.036   1.963   10.698  1.00 42.65 ? 50  ASN A ND2 1 
ATOM   336  N  N   . CYS A 1 51  ? 0.566   -2.423  7.787   1.00 36.84 ? 51  CYS A N   1 
ATOM   337  C  CA  . CYS A 1 51  ? -0.360  -3.505  7.463   1.00 35.89 ? 51  CYS A CA  1 
ATOM   338  C  C   . CYS A 1 51  ? 0.429   -4.707  6.920   1.00 35.81 ? 51  CYS A C   1 
ATOM   339  O  O   . CYS A 1 51  ? 0.086   -5.867  7.164   1.00 33.82 ? 51  CYS A O   1 
ATOM   340  C  CB  . CYS A 1 51  ? -1.369  -3.022  6.431   1.00 36.16 ? 51  CYS A CB  1 
ATOM   341  S  SG  . CYS A 1 51  ? -2.837  -4.080  6.191   1.00 40.55 ? 51  CYS A SG  1 
ATOM   342  N  N   . TYR A 1 52  ? 1.490   -4.417  6.175   1.00 36.75 ? 52  TYR A N   1 
ATOM   343  C  CA  . TYR A 1 52  ? 2.334   -5.472  5.633   1.00 38.43 ? 52  TYR A CA  1 
ATOM   344  C  C   . TYR A 1 52  ? 3.095   -6.095  6.797   1.00 39.17 ? 52  TYR A C   1 
ATOM   345  O  O   . TYR A 1 52  ? 3.267   -7.317  6.866   1.00 38.99 ? 52  TYR A O   1 
ATOM   346  C  CB  . TYR A 1 52  ? 3.300   -4.889  4.594   1.00 36.86 ? 52  TYR A CB  1 
ATOM   347  C  CG  . TYR A 1 52  ? 2.768   -4.979  3.182   1.00 36.78 ? 52  TYR A CG  1 
ATOM   348  C  CD1 . TYR A 1 52  ? 1.403   -4.848  2.923   1.00 34.80 ? 52  TYR A CD1 1 
ATOM   349  C  CD2 . TYR A 1 52  ? 3.625   -5.207  2.103   1.00 37.27 ? 52  TYR A CD2 1 
ATOM   350  C  CE1 . TYR A 1 52  ? 0.900   -4.949  1.630   1.00 35.09 ? 52  TYR A CE1 1 
ATOM   351  C  CE2 . TYR A 1 52  ? 3.126   -5.308  0.791   1.00 35.62 ? 52  TYR A CE2 1 
ATOM   352  C  CZ  . TYR A 1 52  ? 1.764   -5.180  0.568   1.00 33.84 ? 52  TYR A CZ  1 
ATOM   353  O  OH  . TYR A 1 52  ? 1.258   -5.306  -0.699  1.00 31.43 ? 52  TYR A OH  1 
ATOM   354  N  N   . ARG A 1 53  ? 3.514   -5.242  7.724   1.00 40.28 ? 53  ARG A N   1 
ATOM   355  C  CA  . ARG A 1 53  ? 4.245   -5.675  8.907   1.00 41.70 ? 53  ARG A CA  1 
ATOM   356  C  C   . ARG A 1 53  ? 3.385   -6.671  9.686   1.00 41.37 ? 53  ARG A C   1 
ATOM   357  O  O   . ARG A 1 53  ? 3.889   -7.677  10.183  1.00 41.05 ? 53  ARG A O   1 
ATOM   358  C  CB  . ARG A 1 53  ? 4.580   -4.457  9.767   1.00 43.04 ? 53  ARG A CB  1 
ATOM   359  C  CG  . ARG A 1 53  ? 5.852   -4.551  10.595  1.00 45.84 ? 53  ARG A CG  1 
ATOM   360  C  CD  . ARG A 1 53  ? 5.874   -3.381  11.557  1.00 48.06 ? 53  ARG A CD  1 
ATOM   361  N  NE  . ARG A 1 53  ? 4.551   -3.256  12.170  1.00 52.17 ? 53  ARG A NE  1 
ATOM   362  C  CZ  . ARG A 1 53  ? 4.077   -2.157  12.750  1.00 52.50 ? 53  ARG A CZ  1 
ATOM   363  N  NH1 . ARG A 1 53  ? 2.849   -2.163  13.263  1.00 52.36 ? 53  ARG A NH1 1 
ATOM   364  N  NH2 . ARG A 1 53  ? 4.824   -1.063  12.820  1.00 52.65 ? 53  ARG A NH2 1 
ATOM   365  N  N   . ASP A 1 54  ? 2.084   -6.400  9.767   1.00 42.29 ? 54  ASP A N   1 
ATOM   366  C  CA  . ASP A 1 54  ? 1.164   -7.293  10.472  1.00 43.96 ? 54  ASP A CA  1 
ATOM   367  C  C   . ASP A 1 54  ? 0.963   -8.589  9.705   1.00 45.33 ? 54  ASP A C   1 
ATOM   368  O  O   . ASP A 1 54  ? 0.773   -9.649  10.303  1.00 46.22 ? 54  ASP A O   1 
ATOM   369  C  CB  . ASP A 1 54  ? -0.199  -6.627  10.684  1.00 46.24 ? 54  ASP A CB  1 
ATOM   370  C  CG  . ASP A 1 54  ? -0.129  -5.431  11.624  1.00 48.72 ? 54  ASP A CG  1 
ATOM   371  O  OD1 . ASP A 1 54  ? 0.558   -5.527  12.669  1.00 51.22 ? 54  ASP A OD1 1 
ATOM   372  O  OD2 . ASP A 1 54  ? -0.771  -4.400  11.324  1.00 49.19 ? 54  ASP A OD2 1 
ATOM   373  N  N   . ALA A 1 55  ? 0.993   -8.503  8.378   1.00 45.83 ? 55  ALA A N   1 
ATOM   374  C  CA  . ALA A 1 55  ? 0.822   -9.682  7.540   1.00 47.02 ? 55  ALA A CA  1 
ATOM   375  C  C   . ALA A 1 55  ? 1.964   -10.666 7.802   1.00 47.89 ? 55  ALA A C   1 
ATOM   376  O  O   . ALA A 1 55  ? 1.748   -11.873 7.876   1.00 48.19 ? 55  ALA A O   1 
ATOM   377  C  CB  . ALA A 1 55  ? 0.793   -9.278  6.067   1.00 46.68 ? 55  ALA A CB  1 
ATOM   378  N  N   . LYS A 1 56  ? 3.181   -10.145 7.945   1.00 49.72 ? 56  LYS A N   1 
ATOM   379  C  CA  . LYS A 1 56  ? 4.336   -10.994 8.219   1.00 52.11 ? 56  LYS A CA  1 
ATOM   380  C  C   . LYS A 1 56  ? 4.198   -11.649 9.591   1.00 53.70 ? 56  LYS A C   1 
ATOM   381  O  O   . LYS A 1 56  ? 4.613   -12.786 9.789   1.00 54.59 ? 56  LYS A O   1 
ATOM   382  C  CB  . LYS A 1 56  ? 5.635   -10.187 8.210   1.00 51.78 ? 56  LYS A CB  1 
ATOM   383  C  CG  . LYS A 1 56  ? 6.018   -9.551  6.893   1.00 51.88 ? 56  LYS A CG  1 
ATOM   384  C  CD  . LYS A 1 56  ? 7.411   -8.945  7.025   1.00 53.29 ? 56  LYS A CD  1 
ATOM   385  C  CE  . LYS A 1 56  ? 7.757   -8.034  5.862   1.00 55.12 ? 56  LYS A CE  1 
ATOM   386  N  NZ  . LYS A 1 56  ? 9.056   -7.336  6.101   1.00 55.17 ? 56  LYS A NZ  1 
ATOM   387  N  N   . ASN A 1 57  ? 3.619   -10.925 10.543  1.00 55.08 ? 57  ASN A N   1 
ATOM   388  C  CA  . ASN A 1 57  ? 3.448   -11.458 11.892  1.00 56.76 ? 57  ASN A CA  1 
ATOM   389  C  C   . ASN A 1 57  ? 2.404   -12.564 11.969  1.00 57.28 ? 57  ASN A C   1 
ATOM   390  O  O   . ASN A 1 57  ? 2.357   -13.303 12.952  1.00 57.51 ? 57  ASN A O   1 
ATOM   391  C  CB  . ASN A 1 57  ? 3.098   -10.329 12.861  1.00 57.44 ? 57  ASN A CB  1 
ATOM   392  C  CG  . ASN A 1 57  ? 4.252   -9.356  13.057  1.00 58.24 ? 57  ASN A CG  1 
ATOM   393  O  OD1 . ASN A 1 57  ? 4.052   -8.215  13.482  1.00 59.02 ? 57  ASN A OD1 1 
ATOM   394  N  ND2 . ASN A 1 57  ? 5.470   -9.809  12.755  1.00 56.70 ? 57  ASN A ND2 1 
ATOM   395  N  N   . LEU A 1 58  ? 1.572   -12.683 10.938  1.00 57.97 ? 58  LEU A N   1 
ATOM   396  C  CA  . LEU A 1 58  ? 0.557   -13.729 10.908  1.00 58.81 ? 58  LEU A CA  1 
ATOM   397  C  C   . LEU A 1 58  ? 1.280   -15.065 11.006  1.00 59.13 ? 58  LEU A C   1 
ATOM   398  O  O   . LEU A 1 58  ? 2.020   -15.442 10.098  1.00 60.23 ? 58  LEU A O   1 
ATOM   399  C  CB  . LEU A 1 58  ? -0.237  -13.675 9.601   1.00 59.12 ? 58  LEU A CB  1 
ATOM   400  C  CG  . LEU A 1 58  ? -1.113  -12.451 9.326   1.00 59.73 ? 58  LEU A CG  1 
ATOM   401  C  CD1 . LEU A 1 58  ? -1.750  -12.590 7.952   1.00 58.82 ? 58  LEU A CD1 1 
ATOM   402  C  CD2 . LEU A 1 58  ? -2.184  -12.325 10.403  1.00 59.34 ? 58  LEU A CD2 1 
ATOM   403  N  N   . ASP A 1 59  ? 1.074   -15.778 12.107  1.00 59.58 ? 59  ASP A N   1 
ATOM   404  C  CA  . ASP A 1 59  ? 1.739   -17.063 12.304  1.00 59.64 ? 59  ASP A CA  1 
ATOM   405  C  C   . ASP A 1 59  ? 1.398   -18.106 11.238  1.00 58.18 ? 59  ASP A C   1 
ATOM   406  O  O   . ASP A 1 59  ? 2.171   -19.041 11.013  1.00 58.80 ? 59  ASP A O   1 
ATOM   407  C  CB  . ASP A 1 59  ? 1.431   -17.613 13.707  1.00 62.21 ? 59  ASP A CB  1 
ATOM   408  C  CG  . ASP A 1 59  ? -0.019  -17.398 14.120  1.00 64.04 ? 59  ASP A CG  1 
ATOM   409  O  OD1 . ASP A 1 59  ? -0.443  -16.221 14.214  1.00 66.18 ? 59  ASP A OD1 1 
ATOM   410  O  OD2 . ASP A 1 59  ? -0.730  -18.403 14.354  1.00 63.14 ? 59  ASP A OD2 1 
ATOM   411  N  N   . SER A 1 60  ? 0.255   -17.938 10.573  1.00 55.70 ? 60  SER A N   1 
ATOM   412  C  CA  . SER A 1 60  ? -0.167  -18.871 9.530   1.00 52.45 ? 60  SER A CA  1 
ATOM   413  C  C   . SER A 1 60  ? 0.319   -18.480 8.124   1.00 50.70 ? 60  SER A C   1 
ATOM   414  O  O   . SER A 1 60  ? 0.171   -19.250 7.169   1.00 49.36 ? 60  SER A O   1 
ATOM   415  C  CB  . SER A 1 60  ? -1.691  -19.004 9.543   1.00 52.39 ? 60  SER A CB  1 
ATOM   416  O  OG  . SER A 1 60  ? -2.299  -17.743 9.774   1.00 53.37 ? 60  SER A OG  1 
ATOM   417  N  N   . CYS A 1 61  ? 0.911   -17.294 8.000   1.00 48.46 ? 61  CYS A N   1 
ATOM   418  C  CA  . CYS A 1 61  ? 1.413   -16.831 6.706   1.00 46.53 ? 61  CYS A CA  1 
ATOM   419  C  C   . CYS A 1 61  ? 2.927   -16.656 6.673   1.00 46.92 ? 61  CYS A C   1 
ATOM   420  O  O   . CYS A 1 61  ? 3.541   -16.142 7.612   1.00 47.84 ? 61  CYS A O   1 
ATOM   421  C  CB  . CYS A 1 61  ? 0.751   -15.508 6.313   1.00 44.22 ? 61  CYS A CB  1 
ATOM   422  S  SG  . CYS A 1 61  ? -1.062  -15.605 6.288   1.00 40.95 ? 61  CYS A SG  1 
ATOM   423  N  N   . LYS A 1 62  ? 3.515   -17.089 5.570   1.00 46.88 ? 62  LYS A N   1 
ATOM   424  C  CA  . LYS A 1 62  ? 4.945   -16.993 5.355   1.00 47.78 ? 62  LYS A CA  1 
ATOM   425  C  C   . LYS A 1 62  ? 5.102   -16.722 3.854   1.00 47.19 ? 62  LYS A C   1 
ATOM   426  O  O   . LYS A 1 62  ? 4.858   -17.609 3.027   1.00 47.40 ? 62  LYS A O   1 
ATOM   427  C  CB  . LYS A 1 62  ? 5.603   -18.322 5.744   1.00 49.93 ? 62  LYS A CB  1 
ATOM   428  C  CG  . LYS A 1 62  ? 7.116   -18.318 5.721   1.00 52.75 ? 62  LYS A CG  1 
ATOM   429  C  CD  . LYS A 1 62  ? 7.691   -17.381 6.771   1.00 55.17 ? 62  LYS A CD  1 
ATOM   430  C  CE  . LYS A 1 62  ? 9.216   -17.500 6.843   1.00 56.20 ? 62  LYS A CE  1 
ATOM   431  N  NZ  . LYS A 1 62  ? 9.798   -16.587 7.874   1.00 57.51 ? 62  LYS A NZ  1 
ATOM   432  N  N   . PHE A 1 63  ? 5.493   -15.503 3.496   1.00 45.40 ? 63  PHE A N   1 
ATOM   433  C  CA  . PHE A 1 63  ? 5.641   -15.157 2.082   1.00 44.18 ? 63  PHE A CA  1 
ATOM   434  C  C   . PHE A 1 63  ? 7.027   -15.399 1.493   1.00 42.68 ? 63  PHE A C   1 
ATOM   435  O  O   . PHE A 1 63  ? 8.012   -15.518 2.215   1.00 41.57 ? 63  PHE A O   1 
ATOM   436  C  CB  . PHE A 1 63  ? 5.240   -13.697 1.855   1.00 43.61 ? 63  PHE A CB  1 
ATOM   437  C  CG  . PHE A 1 63  ? 3.883   -13.361 2.396   1.00 44.23 ? 63  PHE A CG  1 
ATOM   438  C  CD1 . PHE A 1 63  ? 3.743   -12.803 3.665   1.00 43.63 ? 63  PHE A CD1 1 
ATOM   439  C  CD2 . PHE A 1 63  ? 2.738   -13.641 1.655   1.00 42.40 ? 63  PHE A CD2 1 
ATOM   440  C  CE1 . PHE A 1 63  ? 2.483   -12.531 4.186   1.00 44.35 ? 63  PHE A CE1 1 
ATOM   441  C  CE2 . PHE A 1 63  ? 1.477   -13.373 2.166   1.00 44.44 ? 63  PHE A CE2 1 
ATOM   442  C  CZ  . PHE A 1 63  ? 1.345   -12.817 3.433   1.00 44.43 ? 63  PHE A CZ  1 
ATOM   443  N  N   . LEU A 1 64  ? 7.091   -15.476 0.167   1.00 42.53 ? 64  LEU A N   1 
ATOM   444  C  CA  . LEU A 1 64  ? 8.353   -15.693 -0.526  1.00 42.44 ? 64  LEU A CA  1 
ATOM   445  C  C   . LEU A 1 64  ? 9.277   -14.524 -0.217  1.00 43.57 ? 64  LEU A C   1 
ATOM   446  O  O   . LEU A 1 64  ? 8.869   -13.364 -0.329  1.00 44.18 ? 64  LEU A O   1 
ATOM   447  C  CB  . LEU A 1 64  ? 8.120   -15.782 -2.034  1.00 41.14 ? 64  LEU A CB  1 
ATOM   448  C  CG  . LEU A 1 64  ? 9.342   -16.129 -2.884  1.00 40.43 ? 64  LEU A CG  1 
ATOM   449  C  CD1 . LEU A 1 64  ? 9.809   -17.545 -2.558  1.00 38.91 ? 64  LEU A CD1 1 
ATOM   450  C  CD2 . LEU A 1 64  ? 8.976   -16.010 -4.353  1.00 39.72 ? 64  LEU A CD2 1 
ATOM   451  N  N   . VAL A 1 65  ? 10.515  -14.827 0.175   1.00 44.19 ? 65  VAL A N   1 
ATOM   452  C  CA  . VAL A 1 65  ? 11.492  -13.787 0.507   1.00 44.57 ? 65  VAL A CA  1 
ATOM   453  C  C   . VAL A 1 65  ? 10.918  -12.880 1.605   1.00 44.61 ? 65  VAL A C   1 
ATOM   454  O  O   . VAL A 1 65  ? 11.293  -11.713 1.730   1.00 44.44 ? 65  VAL A O   1 
ATOM   455  C  CB  . VAL A 1 65  ? 11.845  -12.947 -0.756  1.00 44.15 ? 65  VAL A CB  1 
ATOM   456  C  CG1 . VAL A 1 65  ? 12.842  -11.855 -0.420  1.00 47.22 ? 65  VAL A CG1 1 
ATOM   457  C  CG2 . VAL A 1 65  ? 12.435  -13.850 -1.817  1.00 46.30 ? 65  VAL A CG2 1 
ATOM   458  N  N   . ASP A 1 66  ? 10.019  -13.440 2.411   1.00 45.57 ? 66  ASP A N   1 
ATOM   459  C  CA  . ASP A 1 66  ? 9.353   -12.706 3.491   1.00 47.58 ? 66  ASP A CA  1 
ATOM   460  C  C   . ASP A 1 66  ? 8.887   -11.323 3.065   1.00 46.51 ? 66  ASP A C   1 
ATOM   461  O  O   . ASP A 1 66  ? 9.015   -10.348 3.810   1.00 45.85 ? 66  ASP A O   1 
ATOM   462  C  CB  . ASP A 1 66  ? 10.262  -12.585 4.722   1.00 50.60 ? 66  ASP A CB  1 
ATOM   463  C  CG  . ASP A 1 66  ? 10.322  -13.874 5.525   1.00 54.40 ? 66  ASP A CG  1 
ATOM   464  O  OD1 . ASP A 1 66  ? 9.250   -14.339 5.977   1.00 54.38 ? 66  ASP A OD1 1 
ATOM   465  O  OD2 . ASP A 1 66  ? 11.437  -14.424 5.698   1.00 57.78 ? 66  ASP A OD2 1 
ATOM   466  N  N   . ASN A 1 67  ? 8.348   -11.245 1.853   1.00 44.77 ? 67  ASN A N   1 
ATOM   467  C  CA  . ASN A 1 67  ? 7.848   -9.988  1.330   1.00 43.11 ? 67  ASN A CA  1 
ATOM   468  C  C   . ASN A 1 67  ? 6.425   -10.181 0.821   1.00 42.37 ? 67  ASN A C   1 
ATOM   469  O  O   . ASN A 1 67  ? 6.193   -10.928 -0.133  1.00 42.97 ? 67  ASN A O   1 
ATOM   470  C  CB  . ASN A 1 67  ? 8.743   -9.490  0.201   1.00 42.24 ? 67  ASN A CB  1 
ATOM   471  C  CG  . ASN A 1 67  ? 8.362   -8.103  -0.266  1.00 43.07 ? 67  ASN A CG  1 
ATOM   472  O  OD1 . ASN A 1 67  ? 9.109   -7.458  -1.004  1.00 43.83 ? 67  ASN A OD1 1 
ATOM   473  N  ND2 . ASN A 1 67  ? 7.186   -7.634  0.156   1.00 41.51 ? 67  ASN A ND2 1 
ATOM   474  N  N   . PRO A 1 68  ? 5.450   -9.512  1.459   1.00 41.49 ? 68  PRO A N   1 
ATOM   475  C  CA  . PRO A 1 68  ? 4.038   -9.612  1.069   1.00 40.22 ? 68  PRO A CA  1 
ATOM   476  C  C   . PRO A 1 68  ? 3.789   -9.158  -0.375  1.00 38.72 ? 68  PRO A C   1 
ATOM   477  O  O   . PRO A 1 68  ? 2.832   -9.603  -1.009  1.00 38.91 ? 68  PRO A O   1 
ATOM   478  C  CB  . PRO A 1 68  ? 3.335   -8.710  2.086   1.00 40.79 ? 68  PRO A CB  1 
ATOM   479  C  CG  . PRO A 1 68  ? 4.245   -8.780  3.298   1.00 40.79 ? 68  PRO A CG  1 
ATOM   480  C  CD  . PRO A 1 68  ? 5.604   -8.667  2.655   1.00 40.60 ? 68  PRO A CD  1 
ATOM   481  N  N   . TYR A 1 69  ? 4.645   -8.268  -0.876  1.00 36.63 ? 69  TYR A N   1 
ATOM   482  C  CA  . TYR A 1 69  ? 4.525   -7.752  -2.238  1.00 35.96 ? 69  TYR A CA  1 
ATOM   483  C  C   . TYR A 1 69  ? 4.660   -8.831  -3.308  1.00 36.01 ? 69  TYR A C   1 
ATOM   484  O  O   . TYR A 1 69  ? 4.298   -8.601  -4.465  1.00 37.08 ? 69  TYR A O   1 
ATOM   485  C  CB  . TYR A 1 69  ? 5.579   -6.674  -2.510  1.00 35.57 ? 69  TYR A CB  1 
ATOM   486  C  CG  . TYR A 1 69  ? 5.198   -5.264  -2.112  1.00 35.61 ? 69  TYR A CG  1 
ATOM   487  C  CD1 . TYR A 1 69  ? 4.025   -4.669  -2.584  1.00 35.90 ? 69  TYR A CD1 1 
ATOM   488  C  CD2 . TYR A 1 69  ? 6.057   -4.492  -1.323  1.00 35.73 ? 69  TYR A CD2 1 
ATOM   489  C  CE1 . TYR A 1 69  ? 3.719   -3.330  -2.283  1.00 36.88 ? 69  TYR A CE1 1 
ATOM   490  C  CE2 . TYR A 1 69  ? 5.768   -3.165  -1.021  1.00 35.87 ? 69  TYR A CE2 1 
ATOM   491  C  CZ  . TYR A 1 69  ? 4.601   -2.586  -1.500  1.00 36.63 ? 69  TYR A CZ  1 
ATOM   492  O  OH  . TYR A 1 69  ? 4.335   -1.263  -1.198  1.00 36.81 ? 69  TYR A OH  1 
ATOM   493  N  N   . THR A 1 70  ? 5.182   -9.997  -2.936  1.00 34.80 ? 70  THR A N   1 
ATOM   494  C  CA  . THR A 1 70  ? 5.340   -11.094 -3.890  1.00 34.31 ? 70  THR A CA  1 
ATOM   495  C  C   . THR A 1 70  ? 4.037   -11.880 -4.013  1.00 35.07 ? 70  THR A C   1 
ATOM   496  O  O   . THR A 1 70  ? 3.809   -12.585 -5.006  1.00 35.81 ? 70  THR A O   1 
ATOM   497  C  CB  . THR A 1 70  ? 6.428   -12.096 -3.441  1.00 34.37 ? 70  THR A CB  1 
ATOM   498  O  OG1 . THR A 1 70  ? 5.977   -12.783 -2.266  1.00 30.84 ? 70  THR A OG1 1 
ATOM   499  C  CG2 . THR A 1 70  ? 7.761   -11.375 -3.144  1.00 33.46 ? 70  THR A CG2 1 
ATOM   500  N  N   . GLU A 1 71  ? 3.188   -11.761 -2.994  1.00 35.50 ? 71  GLU A N   1 
ATOM   501  C  CA  . GLU A 1 71  ? 1.916   -12.481 -2.944  1.00 36.17 ? 71  GLU A CA  1 
ATOM   502  C  C   . GLU A 1 71  ? 0.880   -11.900 -3.901  1.00 36.80 ? 71  GLU A C   1 
ATOM   503  O  O   . GLU A 1 71  ? 0.444   -10.759 -3.752  1.00 36.82 ? 71  GLU A O   1 
ATOM   504  C  CB  . GLU A 1 71  ? 1.371   -12.479 -1.505  1.00 35.06 ? 71  GLU A CB  1 
ATOM   505  C  CG  . GLU A 1 71  ? 0.067   -13.214 -1.295  1.00 32.81 ? 71  GLU A CG  1 
ATOM   506  C  CD  . GLU A 1 71  ? 0.138   -14.687 -1.665  1.00 35.32 ? 71  GLU A CD  1 
ATOM   507  O  OE1 . GLU A 1 71  ? 0.340   -14.996 -2.866  1.00 34.17 ? 71  GLU A OE1 1 
ATOM   508  O  OE2 . GLU A 1 71  ? -0.016  -15.537 -0.750  1.00 34.22 ? 71  GLU A OE2 1 
ATOM   509  N  N   . SER A 1 72  ? 0.502   -12.701 -4.889  1.00 36.54 ? 72  SER A N   1 
ATOM   510  C  CA  . SER A 1 72  ? -0.484  -12.290 -5.868  1.00 36.05 ? 72  SER A CA  1 
ATOM   511  C  C   . SER A 1 72  ? -1.841  -12.775 -5.377  1.00 36.26 ? 72  SER A C   1 
ATOM   512  O  O   . SER A 1 72  ? -1.979  -13.898 -4.888  1.00 34.20 ? 72  SER A O   1 
ATOM   513  C  CB  . SER A 1 72  ? -0.180  -12.912 -7.237  1.00 35.79 ? 72  SER A CB  1 
ATOM   514  O  OG  . SER A 1 72  ? 1.136   -12.607 -7.654  1.00 34.63 ? 72  SER A OG  1 
ATOM   515  N  N   . TYR A 1 73  ? -2.836  -11.909 -5.506  1.00 36.76 ? 73  TYR A N   1 
ATOM   516  C  CA  . TYR A 1 73  ? -4.196  -12.223 -5.089  1.00 37.24 ? 73  TYR A CA  1 
ATOM   517  C  C   . TYR A 1 73  ? -5.117  -11.937 -6.269  1.00 39.02 ? 73  TYR A C   1 
ATOM   518  O  O   . TYR A 1 73  ? -4.659  -11.544 -7.346  1.00 37.80 ? 73  TYR A O   1 
ATOM   519  C  CB  . TYR A 1 73  ? -4.586  -11.357 -3.878  1.00 34.82 ? 73  TYR A CB  1 
ATOM   520  C  CG  . TYR A 1 73  ? -4.279  -9.888  -4.065  1.00 31.61 ? 73  TYR A CG  1 
ATOM   521  C  CD1 . TYR A 1 73  ? -4.970  -9.120  -5.005  1.00 31.67 ? 73  TYR A CD1 1 
ATOM   522  C  CD2 . TYR A 1 73  ? -3.256  -9.277  -3.348  1.00 30.37 ? 73  TYR A CD2 1 
ATOM   523  C  CE1 . TYR A 1 73  ? -4.638  -7.776  -5.230  1.00 29.45 ? 73  TYR A CE1 1 
ATOM   524  C  CE2 . TYR A 1 73  ? -2.919  -7.942  -3.561  1.00 28.42 ? 73  TYR A CE2 1 
ATOM   525  C  CZ  . TYR A 1 73  ? -3.614  -7.198  -4.503  1.00 28.25 ? 73  TYR A CZ  1 
ATOM   526  O  OH  . TYR A 1 73  ? -3.279  -5.882  -4.714  1.00 24.98 ? 73  TYR A OH  1 
ATOM   527  N  N   . SER A 1 74  ? -6.413  -12.134 -6.066  1.00 40.75 ? 74  SER A N   1 
ATOM   528  C  CA  . SER A 1 74  ? -7.388  -11.874 -7.115  1.00 43.22 ? 74  SER A CA  1 
ATOM   529  C  C   . SER A 1 74  ? -8.271  -10.705 -6.691  1.00 44.38 ? 74  SER A C   1 
ATOM   530  O  O   . SER A 1 74  ? -8.826  -10.700 -5.592  1.00 44.77 ? 74  SER A O   1 
ATOM   531  C  CB  . SER A 1 74  ? -8.240  -13.119 -7.357  1.00 44.34 ? 74  SER A CB  1 
ATOM   532  O  OG  . SER A 1 74  ? -9.183  -12.897 -8.390  1.00 47.20 ? 74  SER A OG  1 
ATOM   533  N  N   . TYR A 1 75  ? -8.389  -9.707  -7.560  1.00 46.01 ? 75  TYR A N   1 
ATOM   534  C  CA  . TYR A 1 75  ? -9.215  -8.540  -7.262  1.00 47.32 ? 75  TYR A CA  1 
ATOM   535  C  C   . TYR A 1 75  ? -9.857  -7.993  -8.544  1.00 48.69 ? 75  TYR A C   1 
ATOM   536  O  O   . TYR A 1 75  ? -9.325  -8.176  -9.643  1.00 48.33 ? 75  TYR A O   1 
ATOM   537  C  CB  . TYR A 1 75  ? -8.362  -7.450  -6.602  1.00 45.78 ? 75  TYR A CB  1 
ATOM   538  C  CG  . TYR A 1 75  ? -7.700  -6.524  -7.591  1.00 44.86 ? 75  TYR A CG  1 
ATOM   539  C  CD1 . TYR A 1 75  ? -8.295  -5.307  -7.939  1.00 44.36 ? 75  TYR A CD1 1 
ATOM   540  C  CD2 . TYR A 1 75  ? -6.501  -6.874  -8.209  1.00 44.19 ? 75  TYR A CD2 1 
ATOM   541  C  CE1 . TYR A 1 75  ? -7.708  -4.462  -8.882  1.00 44.92 ? 75  TYR A CE1 1 
ATOM   542  C  CE2 . TYR A 1 75  ? -5.905  -6.040  -9.153  1.00 44.42 ? 75  TYR A CE2 1 
ATOM   543  C  CZ  . TYR A 1 75  ? -6.514  -4.835  -9.484  1.00 45.27 ? 75  TYR A CZ  1 
ATOM   544  O  OH  . TYR A 1 75  ? -5.920  -4.002  -10.406 1.00 47.73 ? 75  TYR A OH  1 
ATOM   545  N  N   . SER A 1 76  ? -11.001 -7.324  -8.396  1.00 50.66 ? 76  SER A N   1 
ATOM   546  C  CA  . SER A 1 76  ? -11.708 -6.750  -9.536  1.00 51.88 ? 76  SER A CA  1 
ATOM   547  C  C   . SER A 1 76  ? -11.997 -5.268  -9.332  1.00 54.36 ? 76  SER A C   1 
ATOM   548  O  O   . SER A 1 76  ? -12.054 -4.784  -8.203  1.00 53.23 ? 76  SER A O   1 
ATOM   549  C  CB  . SER A 1 76  ? -13.015 -7.505  -9.792  1.00 50.46 ? 76  SER A CB  1 
ATOM   550  O  OG  . SER A 1 76  ? -13.854 -7.497  -8.651  1.00 50.24 ? 76  SER A OG  1 
ATOM   551  N  N   . CYS A 1 77  ? -12.182 -4.559  -10.442 1.00 58.62 ? 77  CYS A N   1 
ATOM   552  C  CA  . CYS A 1 77  ? -12.448 -3.127  -10.410 1.00 62.15 ? 77  CYS A CA  1 
ATOM   553  C  C   . CYS A 1 77  ? -13.614 -2.702  -11.313 1.00 63.63 ? 77  CYS A C   1 
ATOM   554  O  O   . CYS A 1 77  ? -13.579 -2.906  -12.530 1.00 64.46 ? 77  CYS A O   1 
ATOM   555  C  CB  . CYS A 1 77  ? -11.191 -2.370  -10.825 1.00 62.92 ? 77  CYS A CB  1 
ATOM   556  S  SG  . CYS A 1 77  ? -11.448 -0.573  -10.927 1.00 65.79 ? 77  CYS A SG  1 
ATOM   557  N  N   . SER A 1 78  ? -14.637 -2.101  -10.713 1.00 65.11 ? 78  SER A N   1 
ATOM   558  C  CA  . SER A 1 78  ? -15.809 -1.640  -11.457 1.00 66.34 ? 78  SER A CA  1 
ATOM   559  C  C   . SER A 1 78  ? -15.722 -0.134  -11.692 1.00 67.11 ? 78  SER A C   1 
ATOM   560  O  O   . SER A 1 78  ? -14.964 0.332   -12.546 1.00 67.48 ? 78  SER A O   1 
ATOM   561  C  CB  . SER A 1 78  ? -17.090 -1.963  -10.680 1.00 66.61 ? 78  SER A CB  1 
ATOM   562  O  OG  . SER A 1 78  ? -17.136 -1.264  -9.444  1.00 67.12 ? 78  SER A OG  1 
ATOM   563  N  N   . ASN A 1 79  ? -16.515 0.623   -10.942 1.00 67.82 ? 79  ASN A N   1 
ATOM   564  C  CA  . ASN A 1 79  ? -16.503 2.073   -11.055 1.00 68.26 ? 79  ASN A CA  1 
ATOM   565  C  C   . ASN A 1 79  ? -15.602 2.599   -9.963  1.00 67.43 ? 79  ASN A C   1 
ATOM   566  O  O   . ASN A 1 79  ? -16.077 3.064   -8.924  1.00 67.65 ? 79  ASN A O   1 
ATOM   567  C  CB  . ASN A 1 79  ? -17.910 2.644   -10.889 1.00 70.07 ? 79  ASN A CB  1 
ATOM   568  C  CG  . ASN A 1 79  ? -18.700 2.615   -12.175 1.00 72.12 ? 79  ASN A CG  1 
ATOM   569  O  OD1 . ASN A 1 79  ? -19.034 1.545   -12.692 1.00 72.90 ? 79  ASN A OD1 1 
ATOM   570  N  ND2 . ASN A 1 79  ? -18.998 3.797   -12.711 1.00 72.86 ? 79  ASN A ND2 1 
ATOM   571  N  N   . THR A 1 80  ? -14.297 2.504   -10.203 1.00 65.50 ? 80  THR A N   1 
ATOM   572  C  CA  . THR A 1 80  ? -13.294 2.945   -9.245  1.00 63.89 ? 80  THR A CA  1 
ATOM   573  C  C   . THR A 1 80  ? -13.502 2.203   -7.929  1.00 62.40 ? 80  THR A C   1 
ATOM   574  O  O   . THR A 1 80  ? -12.865 2.503   -6.921  1.00 63.05 ? 80  THR A O   1 
ATOM   575  C  CB  . THR A 1 80  ? -13.373 4.472   -8.996  1.00 64.08 ? 80  THR A CB  1 
ATOM   576  O  OG1 . THR A 1 80  ? -14.577 4.790   -8.285  1.00 63.84 ? 80  THR A OG1 1 
ATOM   577  C  CG2 . THR A 1 80  ? -13.357 5.225   -10.320 1.00 64.36 ? 80  THR A CG2 1 
ATOM   578  N  N   . GLU A 1 81  ? -14.407 1.232   -7.953  1.00 60.30 ? 81  GLU A N   1 
ATOM   579  C  CA  . GLU A 1 81  ? -14.706 0.422   -6.783  1.00 58.80 ? 81  GLU A CA  1 
ATOM   580  C  C   . GLU A 1 81  ? -13.816 -0.824  -6.837  1.00 56.72 ? 81  GLU A C   1 
ATOM   581  O  O   . GLU A 1 81  ? -13.761 -1.520  -7.854  1.00 55.84 ? 81  GLU A O   1 
ATOM   582  C  CB  . GLU A 1 81  ? -16.190 0.034   -6.779  1.00 60.37 ? 81  GLU A CB  1 
ATOM   583  C  CG  . GLU A 1 81  ? -16.555 -1.061  -5.783  1.00 64.15 ? 81  GLU A CG  1 
ATOM   584  C  CD  . GLU A 1 81  ? -16.305 -0.659  -4.340  1.00 66.64 ? 81  GLU A CD  1 
ATOM   585  O  OE1 . GLU A 1 81  ? -16.301 -1.555  -3.465  1.00 67.39 ? 81  GLU A OE1 1 
ATOM   586  O  OE2 . GLU A 1 81  ? -16.120 0.552   -4.079  1.00 68.57 ? 81  GLU A OE2 1 
ATOM   587  N  N   . ILE A 1 82  ? -13.109 -1.087  -5.742  1.00 54.14 ? 82  ILE A N   1 
ATOM   588  C  CA  . ILE A 1 82  ? -12.204 -2.230  -5.653  1.00 50.74 ? 82  ILE A CA  1 
ATOM   589  C  C   . ILE A 1 82  ? -12.856 -3.353  -4.867  1.00 49.12 ? 82  ILE A C   1 
ATOM   590  O  O   . ILE A 1 82  ? -13.502 -3.111  -3.856  1.00 48.43 ? 82  ILE A O   1 
ATOM   591  C  CB  . ILE A 1 82  ? -10.892 -1.831  -4.936  1.00 49.99 ? 82  ILE A CB  1 
ATOM   592  C  CG1 . ILE A 1 82  ? -10.192 -0.719  -5.719  1.00 48.66 ? 82  ILE A CG1 1 
ATOM   593  C  CG2 . ILE A 1 82  ? -9.996  -3.048  -4.769  1.00 48.68 ? 82  ILE A CG2 1 
ATOM   594  C  CD1 . ILE A 1 82  ? -9.071  -0.050  -4.959  1.00 47.67 ? 82  ILE A CD1 1 
ATOM   595  N  N   . THR A 1 83  ? -12.689 -4.584  -5.328  1.00 47.53 ? 83  THR A N   1 
ATOM   596  C  CA  . THR A 1 83  ? -13.264 -5.719  -4.623  1.00 46.59 ? 83  THR A CA  1 
ATOM   597  C  C   . THR A 1 83  ? -12.268 -6.875  -4.573  1.00 46.00 ? 83  THR A C   1 
ATOM   598  O  O   . THR A 1 83  ? -11.833 -7.380  -5.612  1.00 46.23 ? 83  THR A O   1 
ATOM   599  C  CB  . THR A 1 83  ? -14.571 -6.213  -5.299  1.00 47.22 ? 83  THR A CB  1 
ATOM   600  O  OG1 . THR A 1 83  ? -15.469 -5.110  -5.485  1.00 48.71 ? 83  THR A OG1 1 
ATOM   601  C  CG2 . THR A 1 83  ? -15.260 -7.264  -4.423  1.00 46.43 ? 83  THR A CG2 1 
ATOM   602  N  N   . CYS A 1 84  ? -11.894 -7.280  -3.364  1.00 44.41 ? 84  CYS A N   1 
ATOM   603  C  CA  . CYS A 1 84  ? -10.974 -8.392  -3.201  1.00 43.06 ? 84  CYS A CA  1 
ATOM   604  C  C   . CYS A 1 84  ? -11.794 -9.659  -3.335  1.00 42.24 ? 84  CYS A C   1 
ATOM   605  O  O   . CYS A 1 84  ? -12.863 -9.784  -2.733  1.00 42.77 ? 84  CYS A O   1 
ATOM   606  C  CB  . CYS A 1 84  ? -10.294 -8.344  -1.832  1.00 42.19 ? 84  CYS A CB  1 
ATOM   607  S  SG  . CYS A 1 84  ? -9.086  -6.992  -1.711  1.00 43.78 ? 84  CYS A SG  1 
ATOM   608  N  N   . ASN A 1 85  ? -11.300 -10.595 -4.132  1.00 40.94 ? 85  ASN A N   1 
ATOM   609  C  CA  . ASN A 1 85  ? -12.018 -11.837 -4.341  1.00 39.47 ? 85  ASN A CA  1 
ATOM   610  C  C   . ASN A 1 85  ? -12.066 -12.649 -3.049  1.00 39.20 ? 85  ASN A C   1 
ATOM   611  O  O   . ASN A 1 85  ? -11.048 -12.829 -2.378  1.00 40.13 ? 85  ASN A O   1 
ATOM   612  C  CB  . ASN A 1 85  ? -11.342 -12.639 -5.448  1.00 39.81 ? 85  ASN A CB  1 
ATOM   613  C  CG  . ASN A 1 85  ? -12.244 -13.701 -6.021  1.00 39.09 ? 85  ASN A CG  1 
ATOM   614  O  OD1 . ASN A 1 85  ? -12.833 -14.480 -5.285  1.00 38.97 ? 85  ASN A OD1 1 
ATOM   615  N  ND2 . ASN A 1 85  ? -12.352 -13.741 -7.345  1.00 42.33 ? 85  ASN A ND2 1 
ATOM   616  N  N   . SER A 1 86  ? -13.252 -13.136 -2.700  1.00 38.07 ? 86  SER A N   1 
ATOM   617  C  CA  . SER A 1 86  ? -13.420 -13.919 -1.485  1.00 38.88 ? 86  SER A CA  1 
ATOM   618  C  C   . SER A 1 86  ? -12.712 -15.271 -1.592  1.00 38.67 ? 86  SER A C   1 
ATOM   619  O  O   . SER A 1 86  ? -12.522 -15.971 -0.593  1.00 39.03 ? 86  SER A O   1 
ATOM   620  C  CB  . SER A 1 86  ? -14.908 -14.129 -1.190  1.00 39.33 ? 86  SER A CB  1 
ATOM   621  O  OG  . SER A 1 86  ? -15.515 -14.924 -2.193  1.00 42.12 ? 86  SER A OG  1 
ATOM   622  N  N   . LYS A 1 87  ? -12.326 -15.636 -2.809  1.00 38.06 ? 87  LYS A N   1 
ATOM   623  C  CA  . LYS A 1 87  ? -11.639 -16.895 -3.043  1.00 36.27 ? 87  LYS A CA  1 
ATOM   624  C  C   . LYS A 1 87  ? -10.138 -16.785 -2.746  1.00 35.25 ? 87  LYS A C   1 
ATOM   625  O  O   . LYS A 1 87  ? -9.409  -17.776 -2.788  1.00 32.60 ? 87  LYS A O   1 
ATOM   626  C  CB  . LYS A 1 87  ? -11.905 -17.358 -4.472  1.00 37.19 ? 87  LYS A CB  1 
ATOM   627  C  CG  . LYS A 1 87  ? -13.284 -17.997 -4.632  1.00 38.04 ? 87  LYS A CG  1 
ATOM   628  C  CD  . LYS A 1 87  ? -13.752 -18.035 -6.081  1.00 42.33 ? 87  LYS A CD  1 
ATOM   629  C  CE  . LYS A 1 87  ? -14.059 -16.625 -6.603  1.00 45.29 ? 87  LYS A CE  1 
ATOM   630  N  NZ  . LYS A 1 87  ? -14.725 -16.613 -7.945  1.00 47.94 ? 87  LYS A NZ  1 
ATOM   631  N  N   . ASN A 1 88  ? -9.688  -15.568 -2.440  1.00 34.05 ? 88  ASN A N   1 
ATOM   632  C  CA  . ASN A 1 88  ? -8.296  -15.336 -2.067  1.00 33.17 ? 88  ASN A CA  1 
ATOM   633  C  C   . ASN A 1 88  ? -8.087  -16.118 -0.763  1.00 32.73 ? 88  ASN A C   1 
ATOM   634  O  O   . ASN A 1 88  ? -9.002  -16.181 0.069   1.00 30.79 ? 88  ASN A O   1 
ATOM   635  C  CB  . ASN A 1 88  ? -8.061  -13.847 -1.795  1.00 34.13 ? 88  ASN A CB  1 
ATOM   636  C  CG  . ASN A 1 88  ? -7.894  -13.037 -3.059  1.00 34.71 ? 88  ASN A CG  1 
ATOM   637  O  OD1 . ASN A 1 88  ? -8.098  -11.824 -3.062  1.00 34.45 ? 88  ASN A OD1 1 
ATOM   638  N  ND2 . ASN A 1 88  ? -7.498  -13.698 -4.137  1.00 37.35 ? 88  ASN A ND2 1 
ATOM   639  N  N   . ASN A 1 89  ? -6.916  -16.732 -0.580  1.00 32.29 ? 89  ASN A N   1 
ATOM   640  C  CA  . ASN A 1 89  ? -6.700  -17.457 0.663   1.00 32.33 ? 89  ASN A CA  1 
ATOM   641  C  C   . ASN A 1 89  ? -6.524  -16.379 1.728   1.00 32.77 ? 89  ASN A C   1 
ATOM   642  O  O   . ASN A 1 89  ? -6.314  -15.208 1.389   1.00 32.60 ? 89  ASN A O   1 
ATOM   643  C  CB  . ASN A 1 89  ? -5.485  -18.414 0.588   1.00 32.25 ? 89  ASN A CB  1 
ATOM   644  C  CG  . ASN A 1 89  ? -4.155  -17.701 0.394   1.00 33.38 ? 89  ASN A CG  1 
ATOM   645  O  OD1 . ASN A 1 89  ? -3.769  -16.823 1.176   1.00 32.06 ? 89  ASN A OD1 1 
ATOM   646  N  ND2 . ASN A 1 89  ? -3.429  -18.097 -0.653  1.00 32.98 ? 89  ASN A ND2 1 
ATOM   647  N  N   . ALA A 1 90  ? -6.639  -16.764 2.998   1.00 33.04 ? 90  ALA A N   1 
ATOM   648  C  CA  . ALA A 1 90  ? -6.530  -15.825 4.120   1.00 33.56 ? 90  ALA A CA  1 
ATOM   649  C  C   . ALA A 1 90  ? -5.331  -14.883 4.050   1.00 34.11 ? 90  ALA A C   1 
ATOM   650  O  O   . ALA A 1 90  ? -5.471  -13.684 4.322   1.00 34.29 ? 90  ALA A O   1 
ATOM   651  C  CB  . ALA A 1 90  ? -6.519  -16.590 5.449   1.00 32.31 ? 90  ALA A CB  1 
ATOM   652  N  N   . CYS A 1 91  ? -4.160  -15.420 3.697   1.00 34.72 ? 91  CYS A N   1 
ATOM   653  C  CA  . CYS A 1 91  ? -2.942  -14.606 3.594   1.00 36.30 ? 91  CYS A CA  1 
ATOM   654  C  C   . CYS A 1 91  ? -3.076  -13.612 2.450   1.00 36.13 ? 91  CYS A C   1 
ATOM   655  O  O   . CYS A 1 91  ? -2.712  -12.450 2.581   1.00 37.59 ? 91  CYS A O   1 
ATOM   656  C  CB  . CYS A 1 91  ? -1.708  -15.494 3.364   1.00 38.06 ? 91  CYS A CB  1 
ATOM   657  S  SG  . CYS A 1 91  ? -1.470  -16.751 4.660   1.00 39.25 ? 91  CYS A SG  1 
ATOM   658  N  N   . GLU A 1 92  ? -3.600  -14.081 1.324   1.00 35.59 ? 92  GLU A N   1 
ATOM   659  C  CA  . GLU A 1 92  ? -3.811  -13.225 0.159   1.00 36.12 ? 92  GLU A CA  1 
ATOM   660  C  C   . GLU A 1 92  ? -4.908  -12.184 0.429   1.00 34.33 ? 92  GLU A C   1 
ATOM   661  O  O   . GLU A 1 92  ? -4.843  -11.056 -0.068  1.00 34.29 ? 92  GLU A O   1 
ATOM   662  C  CB  . GLU A 1 92  ? -4.198  -14.079 -1.058  1.00 36.07 ? 92  GLU A CB  1 
ATOM   663  C  CG  . GLU A 1 92  ? -3.039  -14.856 -1.674  1.00 36.18 ? 92  GLU A CG  1 
ATOM   664  C  CD  . GLU A 1 92  ? -3.516  -15.908 -2.658  1.00 38.20 ? 92  GLU A CD  1 
ATOM   665  O  OE1 . GLU A 1 92  ? -2.683  -16.425 -3.435  1.00 37.72 ? 92  GLU A OE1 1 
ATOM   666  O  OE2 . GLU A 1 92  ? -4.731  -16.220 -2.643  1.00 37.94 ? 92  GLU A OE2 1 
ATOM   667  N  N   . ALA A 1 93  ? -5.914  -12.569 1.208   1.00 32.52 ? 93  ALA A N   1 
ATOM   668  C  CA  . ALA A 1 93  ? -7.016  -11.662 1.532   1.00 33.14 ? 93  ALA A CA  1 
ATOM   669  C  C   . ALA A 1 93  ? -6.496  -10.526 2.396   1.00 33.41 ? 93  ALA A C   1 
ATOM   670  O  O   . ALA A 1 93  ? -6.888  -9.364  2.233   1.00 34.57 ? 93  ALA A O   1 
ATOM   671  C  CB  . ALA A 1 93  ? -8.126  -12.414 2.274   1.00 32.52 ? 93  ALA A CB  1 
ATOM   672  N  N   . PHE A 1 94  ? -5.604  -10.865 3.319   1.00 33.14 ? 94  PHE A N   1 
ATOM   673  C  CA  . PHE A 1 94  ? -5.038  -9.870  4.203   1.00 32.73 ? 94  PHE A CA  1 
ATOM   674  C  C   . PHE A 1 94  ? -4.206  -8.871  3.399   1.00 33.01 ? 94  PHE A C   1 
ATOM   675  O  O   . PHE A 1 94  ? -4.300  -7.655  3.611   1.00 34.22 ? 94  PHE A O   1 
ATOM   676  C  CB  . PHE A 1 94  ? -4.188  -10.552 5.270   1.00 33.60 ? 94  PHE A CB  1 
ATOM   677  C  CG  . PHE A 1 94  ? -3.798  -9.644  6.398   1.00 35.13 ? 94  PHE A CG  1 
ATOM   678  C  CD1 . PHE A 1 94  ? -2.797  -8.683  6.225   1.00 35.11 ? 94  PHE A CD1 1 
ATOM   679  C  CD2 . PHE A 1 94  ? -4.428  -9.750  7.639   1.00 33.97 ? 94  PHE A CD2 1 
ATOM   680  C  CE1 . PHE A 1 94  ? -2.424  -7.840  7.272   1.00 35.37 ? 94  PHE A CE1 1 
ATOM   681  C  CE2 . PHE A 1 94  ? -4.066  -8.913  8.694   1.00 36.21 ? 94  PHE A CE2 1 
ATOM   682  C  CZ  . PHE A 1 94  ? -3.059  -7.954  8.512   1.00 34.75 ? 94  PHE A CZ  1 
ATOM   683  N  N   . ILE A 1 95  ? -3.397  -9.370  2.470   1.00 32.84 ? 95  ILE A N   1 
ATOM   684  C  CA  . ILE A 1 95  ? -2.585  -8.473  1.655   1.00 33.29 ? 95  ILE A CA  1 
ATOM   685  C  C   . ILE A 1 95  ? -3.475  -7.635  0.726   1.00 35.31 ? 95  ILE A C   1 
ATOM   686  O  O   . ILE A 1 95  ? -3.260  -6.422  0.568   1.00 33.93 ? 95  ILE A O   1 
ATOM   687  C  CB  . ILE A 1 95  ? -1.564  -9.243  0.788   1.00 31.99 ? 95  ILE A CB  1 
ATOM   688  C  CG1 . ILE A 1 95  ? -0.621  -10.062 1.680   1.00 33.21 ? 95  ILE A CG1 1 
ATOM   689  C  CG2 . ILE A 1 95  ? -0.778  -8.261  -0.060  1.00 30.24 ? 95  ILE A CG2 1 
ATOM   690  C  CD1 . ILE A 1 95  ? 0.153   -9.215  2.685   1.00 33.58 ? 95  ILE A CD1 1 
ATOM   691  N  N   . CYS A 1 96  ? -4.468  -8.278  0.112   1.00 35.75 ? 96  CYS A N   1 
ATOM   692  C  CA  . CYS A 1 96  ? -5.370  -7.566  -0.791  1.00 37.67 ? 96  CYS A CA  1 
ATOM   693  C  C   . CYS A 1 96  ? -6.061  -6.417  -0.060  1.00 37.03 ? 96  CYS A C   1 
ATOM   694  O  O   . CYS A 1 96  ? -6.175  -5.314  -0.595  1.00 36.35 ? 96  CYS A O   1 
ATOM   695  C  CB  . CYS A 1 96  ? -6.434  -8.503  -1.375  1.00 39.58 ? 96  CYS A CB  1 
ATOM   696  S  SG  . CYS A 1 96  ? -7.435  -7.709  -2.677  1.00 41.83 ? 96  CYS A SG  1 
ATOM   697  N  N   . ASN A 1 97  ? -6.527  -6.671  1.160   1.00 37.59 ? 97  ASN A N   1 
ATOM   698  C  CA  . ASN A 1 97  ? -7.185  -5.615  1.918   1.00 39.50 ? 97  ASN A CA  1 
ATOM   699  C  C   . ASN A 1 97  ? -6.250  -4.487  2.320   1.00 39.00 ? 97  ASN A C   1 
ATOM   700  O  O   . ASN A 1 97  ? -6.679  -3.337  2.424   1.00 39.33 ? 97  ASN A O   1 
ATOM   701  C  CB  . ASN A 1 97  ? -7.898  -6.190  3.131   1.00 42.53 ? 97  ASN A CB  1 
ATOM   702  C  CG  . ASN A 1 97  ? -9.220  -6.807  2.757   1.00 47.03 ? 97  ASN A CG  1 
ATOM   703  O  OD1 . ASN A 1 97  ? -10.087 -6.137  2.181   1.00 47.26 ? 97  ASN A OD1 1 
ATOM   704  N  ND2 . ASN A 1 97  ? -9.388  -8.094  3.062   1.00 49.62 ? 97  ASN A ND2 1 
ATOM   705  N  N   . CYS A 1 98  ? -4.974  -4.805  2.531   1.00 38.01 ? 98  CYS A N   1 
ATOM   706  C  CA  . CYS A 1 98  ? -3.999  -3.773  2.877   1.00 37.99 ? 98  CYS A CA  1 
ATOM   707  C  C   . CYS A 1 98  ? -3.877  -2.866  1.658   1.00 37.14 ? 98  CYS A C   1 
ATOM   708  O  O   . CYS A 1 98  ? -3.855  -1.640  1.771   1.00 36.10 ? 98  CYS A O   1 
ATOM   709  C  CB  . CYS A 1 98  ? -2.608  -4.362  3.157   1.00 38.81 ? 98  CYS A CB  1 
ATOM   710  S  SG  . CYS A 1 98  ? -2.326  -5.337  4.678   1.00 40.46 ? 98  CYS A SG  1 
ATOM   711  N  N   . ASP A 1 99  ? -3.780  -3.488  0.488   1.00 37.43 ? 99  ASP A N   1 
ATOM   712  C  CA  . ASP A 1 99  ? -3.645  -2.749  -0.758  1.00 38.13 ? 99  ASP A CA  1 
ATOM   713  C  C   . ASP A 1 99  ? -4.901  -1.939  -1.050  1.00 39.46 ? 99  ASP A C   1 
ATOM   714  O  O   . ASP A 1 99  ? -4.825  -0.772  -1.453  1.00 39.58 ? 99  ASP A O   1 
ATOM   715  C  CB  . ASP A 1 99  ? -3.357  -3.716  -1.911  1.00 37.99 ? 99  ASP A CB  1 
ATOM   716  C  CG  . ASP A 1 99  ? -1.927  -4.233  -1.895  1.00 39.78 ? 99  ASP A CG  1 
ATOM   717  O  OD1 . ASP A 1 99  ? -1.135  -3.767  -1.042  1.00 37.87 ? 99  ASP A OD1 1 
ATOM   718  O  OD2 . ASP A 1 99  ? -1.596  -5.098  -2.741  1.00 39.72 ? 99  ASP A OD2 1 
ATOM   719  N  N   . ARG A 1 100 ? -6.053  -2.566  -0.834  1.00 39.59 ? 100 ARG A N   1 
ATOM   720  C  CA  . ARG A 1 100 ? -7.338  -1.927  -1.062  1.00 41.19 ? 100 ARG A CA  1 
ATOM   721  C  C   . ARG A 1 100 ? -7.495  -0.656  -0.213  1.00 42.03 ? 100 ARG A C   1 
ATOM   722  O  O   . ARG A 1 100 ? -7.686  0.435   -0.757  1.00 41.67 ? 100 ARG A O   1 
ATOM   723  C  CB  . ARG A 1 100 ? -8.464  -2.919  -0.747  1.00 42.87 ? 100 ARG A CB  1 
ATOM   724  C  CG  . ARG A 1 100 ? -9.856  -2.374  -0.971  1.00 44.58 ? 100 ARG A CG  1 
ATOM   725  C  CD  . ARG A 1 100 ? -10.903 -3.466  -0.850  1.00 46.76 ? 100 ARG A CD  1 
ATOM   726  N  NE  . ARG A 1 100 ? -12.243 -2.928  -1.070  1.00 48.86 ? 100 ARG A NE  1 
ATOM   727  C  CZ  . ARG A 1 100 ? -12.855 -2.081  -0.249  1.00 49.03 ? 100 ARG A CZ  1 
ATOM   728  N  NH1 . ARG A 1 100 ? -12.249 -1.674  0.860   1.00 49.03 ? 100 ARG A NH1 1 
ATOM   729  N  NH2 . ARG A 1 100 ? -14.064 -1.626  -0.543  1.00 50.27 ? 100 ARG A NH2 1 
ATOM   730  N  N   . ASN A 1 101 ? -7.404  -0.797  1.113   1.00 42.21 ? 101 ASN A N   1 
ATOM   731  C  CA  . ASN A 1 101 ? -7.545  0.351   2.013   1.00 42.35 ? 101 ASN A CA  1 
ATOM   732  C  C   . ASN A 1 101 ? -6.578  1.473   1.672   1.00 41.95 ? 101 ASN A C   1 
ATOM   733  O  O   . ASN A 1 101 ? -6.912  2.646   1.816   1.00 43.23 ? 101 ASN A O   1 
ATOM   734  C  CB  . ASN A 1 101 ? -7.327  -0.051  3.477   1.00 43.21 ? 101 ASN A CB  1 
ATOM   735  C  CG  . ASN A 1 101 ? -8.336  -1.069  3.966   1.00 44.53 ? 101 ASN A CG  1 
ATOM   736  O  OD1 . ASN A 1 101 ? -9.468  -1.127  3.482   1.00 43.69 ? 101 ASN A OD1 1 
ATOM   737  N  ND2 . ASN A 1 101 ? -7.932  -1.870  4.944   1.00 44.66 ? 101 ASN A ND2 1 
ATOM   738  N  N   . ALA A 1 102 ? -5.381  1.115   1.220   1.00 41.73 ? 102 ALA A N   1 
ATOM   739  C  CA  . ALA A 1 102 ? -4.379  2.114   0.871   1.00 41.69 ? 102 ALA A CA  1 
ATOM   740  C  C   . ALA A 1 102 ? -4.748  2.844   -0.409  1.00 42.03 ? 102 ALA A C   1 
ATOM   741  O  O   . ALA A 1 102 ? -4.583  4.060   -0.491  1.00 43.13 ? 102 ALA A O   1 
ATOM   742  C  CB  . ALA A 1 102 ? -3.014  1.469   0.728   1.00 40.96 ? 102 ALA A CB  1 
ATOM   743  N  N   . ALA A 1 103 ? -5.243  2.114   -1.404  1.00 42.56 ? 103 ALA A N   1 
ATOM   744  C  CA  . ALA A 1 103 ? -5.638  2.736   -2.670  1.00 43.01 ? 103 ALA A CA  1 
ATOM   745  C  C   . ALA A 1 103 ? -6.765  3.744   -2.413  1.00 44.26 ? 103 ALA A C   1 
ATOM   746  O  O   . ALA A 1 103 ? -6.799  4.827   -3.008  1.00 44.38 ? 103 ALA A O   1 
ATOM   747  C  CB  . ALA A 1 103 ? -6.093  1.670   -3.666  1.00 42.47 ? 103 ALA A CB  1 
ATOM   748  N  N   . ILE A 1 104 ? -7.685  3.380   -1.521  1.00 45.24 ? 104 ILE A N   1 
ATOM   749  C  CA  . ILE A 1 104 ? -8.803  4.251   -1.157  1.00 46.76 ? 104 ILE A CA  1 
ATOM   750  C  C   . ILE A 1 104 ? -8.280  5.402   -0.303  1.00 47.89 ? 104 ILE A C   1 
ATOM   751  O  O   . ILE A 1 104 ? -8.729  6.541   -0.433  1.00 49.12 ? 104 ILE A O   1 
ATOM   752  C  CB  . ILE A 1 104 ? -9.880  3.507   -0.328  1.00 46.43 ? 104 ILE A CB  1 
ATOM   753  C  CG1 . ILE A 1 104 ? -10.537 2.404   -1.163  1.00 43.76 ? 104 ILE A CG1 1 
ATOM   754  C  CG2 . ILE A 1 104 ? -10.927 4.504   0.163   1.00 44.70 ? 104 ILE A CG2 1 
ATOM   755  C  CD1 . ILE A 1 104 ? -11.525 1.558   -0.382  1.00 41.73 ? 104 ILE A CD1 1 
ATOM   756  N  N   . CYS A 1 105 ? -7.338  5.098   0.583   1.00 48.41 ? 105 CYS A N   1 
ATOM   757  C  CA  . CYS A 1 105 ? -6.758  6.120   1.442   1.00 48.88 ? 105 CYS A CA  1 
ATOM   758  C  C   . CYS A 1 105 ? -6.050  7.130   0.546   1.00 49.48 ? 105 CYS A C   1 
ATOM   759  O  O   . CYS A 1 105 ? -6.133  8.333   0.774   1.00 51.02 ? 105 CYS A O   1 
ATOM   760  C  CB  . CYS A 1 105 ? -5.769  5.485   2.422   1.00 47.69 ? 105 CYS A CB  1 
ATOM   761  S  SG  . CYS A 1 105 ? -5.059  6.579   3.705   1.00 47.51 ? 105 CYS A SG  1 
ATOM   762  N  N   . PHE A 1 106 ? -5.364  6.644   -0.484  1.00 49.95 ? 106 PHE A N   1 
ATOM   763  C  CA  . PHE A 1 106 ? -4.666  7.538   -1.396  1.00 51.41 ? 106 PHE A CA  1 
ATOM   764  C  C   . PHE A 1 106 ? -5.648  8.453   -2.124  1.00 53.07 ? 106 PHE A C   1 
ATOM   765  O  O   . PHE A 1 106 ? -5.466  9.668   -2.162  1.00 52.92 ? 106 PHE A O   1 
ATOM   766  C  CB  . PHE A 1 106 ? -3.877  6.757   -2.459  1.00 50.85 ? 106 PHE A CB  1 
ATOM   767  C  CG  . PHE A 1 106 ? -2.783  5.880   -1.908  1.00 51.38 ? 106 PHE A CG  1 
ATOM   768  C  CD1 . PHE A 1 106 ? -2.117  6.215   -0.732  1.00 50.92 ? 106 PHE A CD1 1 
ATOM   769  C  CD2 . PHE A 1 106 ? -2.398  4.725   -2.591  1.00 50.98 ? 106 PHE A CD2 1 
ATOM   770  C  CE1 . PHE A 1 106 ? -1.088  5.414   -0.245  1.00 50.26 ? 106 PHE A CE1 1 
ATOM   771  C  CE2 . PHE A 1 106 ? -1.372  3.919   -2.115  1.00 50.29 ? 106 PHE A CE2 1 
ATOM   772  C  CZ  . PHE A 1 106 ? -0.715  4.260   -0.941  1.00 50.66 ? 106 PHE A CZ  1 
ATOM   773  N  N   . SER A 1 107 ? -6.682  7.857   -2.710  1.00 55.04 ? 107 SER A N   1 
ATOM   774  C  CA  . SER A 1 107 ? -7.679  8.604   -3.474  1.00 57.28 ? 107 SER A CA  1 
ATOM   775  C  C   . SER A 1 107 ? -8.282  9.800   -2.739  1.00 58.79 ? 107 SER A C   1 
ATOM   776  O  O   . SER A 1 107 ? -8.457  10.870  -3.323  1.00 59.31 ? 107 SER A O   1 
ATOM   777  C  CB  . SER A 1 107 ? -8.796  7.664   -3.931  1.00 56.56 ? 107 SER A CB  1 
ATOM   778  O  OG  . SER A 1 107 ? -9.378  7.000   -2.827  1.00 56.46 ? 107 SER A OG  1 
ATOM   779  N  N   . LYS A 1 108 ? -8.592  9.625   -1.460  1.00 60.11 ? 108 LYS A N   1 
ATOM   780  C  CA  . LYS A 1 108 ? -9.180  10.704  -0.674  1.00 61.27 ? 108 LYS A CA  1 
ATOM   781  C  C   . LYS A 1 108 ? -8.116  11.547  0.042   1.00 61.32 ? 108 LYS A C   1 
ATOM   782  O  O   . LYS A 1 108 ? -8.424  12.273  0.987   1.00 61.38 ? 108 LYS A O   1 
ATOM   783  C  CB  . LYS A 1 108 ? -10.170 10.123  0.345   1.00 62.14 ? 108 LYS A CB  1 
ATOM   784  C  CG  . LYS A 1 108 ? -9.515  9.368   1.496   1.00 64.27 ? 108 LYS A CG  1 
ATOM   785  C  CD  . LYS A 1 108 ? -10.459 8.345   2.134   1.00 65.59 ? 108 LYS A CD  1 
ATOM   786  C  CE  . LYS A 1 108 ? -11.669 8.985   2.800   1.00 65.95 ? 108 LYS A CE  1 
ATOM   787  N  NZ  . LYS A 1 108 ? -12.588 7.948   3.370   1.00 66.79 ? 108 LYS A NZ  1 
ATOM   788  N  N   . ALA A 1 109 ? -6.869  11.461  -0.414  1.00 61.19 ? 109 ALA A N   1 
ATOM   789  C  CA  . ALA A 1 109 ? -5.787  12.221  0.204   1.00 61.42 ? 109 ALA A CA  1 
ATOM   790  C  C   . ALA A 1 109 ? -5.170  13.239  -0.753  1.00 61.76 ? 109 ALA A C   1 
ATOM   791  O  O   . ALA A 1 109 ? -5.160  13.038  -1.964  1.00 61.87 ? 109 ALA A O   1 
ATOM   792  C  CB  . ALA A 1 109 ? -4.713  11.272  0.724   1.00 61.40 ? 109 ALA A CB  1 
ATOM   793  N  N   . PRO A 1 110 ? -4.657  14.357  -0.209  1.00 62.45 ? 110 PRO A N   1 
ATOM   794  C  CA  . PRO A 1 110 ? -4.029  15.433  -0.988  1.00 62.60 ? 110 PRO A CA  1 
ATOM   795  C  C   . PRO A 1 110 ? -2.570  15.137  -1.343  1.00 63.58 ? 110 PRO A C   1 
ATOM   796  O  O   . PRO A 1 110 ? -1.827  14.560  -0.540  1.00 64.15 ? 110 PRO A O   1 
ATOM   797  C  CB  . PRO A 1 110 ? -4.140  16.650  -0.062  1.00 61.60 ? 110 PRO A CB  1 
ATOM   798  C  CG  . PRO A 1 110 ? -5.225  16.265  0.927   1.00 61.44 ? 110 PRO A CG  1 
ATOM   799  C  CD  . PRO A 1 110 ? -4.936  14.820  1.159   1.00 62.25 ? 110 PRO A CD  1 
ATOM   800  N  N   . TYR A 1 111 ? -2.162  15.550  -2.539  1.00 63.96 ? 111 TYR A N   1 
ATOM   801  C  CA  . TYR A 1 111 ? -0.794  15.338  -2.989  1.00 64.79 ? 111 TYR A CA  1 
ATOM   802  C  C   . TYR A 1 111 ? -0.012  16.641  -2.897  1.00 65.54 ? 111 TYR A C   1 
ATOM   803  O  O   . TYR A 1 111 ? -0.232  17.559  -3.685  1.00 66.17 ? 111 TYR A O   1 
ATOM   804  C  CB  . TYR A 1 111 ? -0.785  14.820  -4.433  1.00 64.44 ? 111 TYR A CB  1 
ATOM   805  C  CG  . TYR A 1 111 ? 0.598   14.536  -4.990  1.00 65.11 ? 111 TYR A CG  1 
ATOM   806  C  CD1 . TYR A 1 111 ? 1.348   15.543  -5.601  1.00 65.45 ? 111 TYR A CD1 1 
ATOM   807  C  CD2 . TYR A 1 111 ? 1.163   13.262  -4.894  1.00 65.22 ? 111 TYR A CD2 1 
ATOM   808  C  CE1 . TYR A 1 111 ? 2.627   15.286  -6.105  1.00 64.73 ? 111 TYR A CE1 1 
ATOM   809  C  CE2 . TYR A 1 111 ? 2.439   12.997  -5.393  1.00 65.11 ? 111 TYR A CE2 1 
ATOM   810  C  CZ  . TYR A 1 111 ? 3.164   14.013  -5.996  1.00 64.57 ? 111 TYR A CZ  1 
ATOM   811  O  OH  . TYR A 1 111 ? 4.424   13.758  -6.489  1.00 64.31 ? 111 TYR A OH  1 
ATOM   812  N  N   . ASN A 1 112 ? 0.896   16.723  -1.928  1.00 66.16 ? 112 ASN A N   1 
ATOM   813  C  CA  . ASN A 1 112 ? 1.709   17.920  -1.747  1.00 67.03 ? 112 ASN A CA  1 
ATOM   814  C  C   . ASN A 1 112 ? 3.054   17.778  -2.454  1.00 67.21 ? 112 ASN A C   1 
ATOM   815  O  O   . ASN A 1 112 ? 3.978   17.141  -1.945  1.00 66.92 ? 112 ASN A O   1 
ATOM   816  C  CB  . ASN A 1 112 ? 1.932   18.203  -0.257  1.00 67.93 ? 112 ASN A CB  1 
ATOM   817  C  CG  . ASN A 1 112 ? 0.628   18.380  0.508   1.00 68.96 ? 112 ASN A CG  1 
ATOM   818  O  OD1 . ASN A 1 112 ? -0.023  17.403  0.896   1.00 68.96 ? 112 ASN A OD1 1 
ATOM   819  N  ND2 . ASN A 1 112 ? 0.233   19.633  0.717   1.00 69.99 ? 112 ASN A ND2 1 
ATOM   820  N  N   . LYS A 1 113 ? 3.149   18.382  -3.636  1.00 67.09 ? 113 LYS A N   1 
ATOM   821  C  CA  . LYS A 1 113 ? 4.362   18.341  -4.444  1.00 67.04 ? 113 LYS A CA  1 
ATOM   822  C  C   . LYS A 1 113 ? 5.651   18.545  -3.647  1.00 66.09 ? 113 LYS A C   1 
ATOM   823  O  O   . LYS A 1 113 ? 6.675   17.938  -3.959  1.00 66.00 ? 113 LYS A O   1 
ATOM   824  C  CB  . LYS A 1 113 ? 4.285   19.399  -5.555  1.00 68.24 ? 113 LYS A CB  1 
ATOM   825  C  CG  . LYS A 1 113 ? 3.110   19.226  -6.515  1.00 70.38 ? 113 LYS A CG  1 
ATOM   826  C  CD  . LYS A 1 113 ? 3.085   20.316  -7.585  1.00 70.96 ? 113 LYS A CD  1 
ATOM   827  C  CE  . LYS A 1 113 ? 1.917   20.113  -8.547  1.00 71.80 ? 113 LYS A CE  1 
ATOM   828  N  NZ  . LYS A 1 113 ? 1.847   21.161  -9.610  1.00 71.59 ? 113 LYS A NZ  1 
ATOM   829  N  N   . GLU A 1 114 ? 5.608   19.389  -2.619  1.00 64.81 ? 114 GLU A N   1 
ATOM   830  C  CA  . GLU A 1 114 ? 6.806   19.658  -1.828  1.00 64.19 ? 114 GLU A CA  1 
ATOM   831  C  C   . GLU A 1 114 ? 7.298   18.460  -1.010  1.00 62.78 ? 114 GLU A C   1 
ATOM   832  O  O   . GLU A 1 114 ? 8.321   18.549  -0.326  1.00 62.29 ? 114 GLU A O   1 
ATOM   833  C  CB  . GLU A 1 114 ? 6.590   20.876  -0.906  1.00 64.87 ? 114 GLU A CB  1 
ATOM   834  C  CG  . GLU A 1 114 ? 5.821   20.627  0.395   1.00 65.60 ? 114 GLU A CG  1 
ATOM   835  C  CD  . GLU A 1 114 ? 4.311   20.780  0.251   1.00 66.55 ? 114 GLU A CD  1 
ATOM   836  O  OE1 . GLU A 1 114 ? 3.615   20.764  1.293   1.00 65.65 ? 114 GLU A OE1 1 
ATOM   837  O  OE2 . GLU A 1 114 ? 3.821   20.916  -0.894  1.00 67.28 ? 114 GLU A OE2 1 
ATOM   838  N  N   . HIS A 1 115 ? 6.577   17.341  -1.092  1.00 61.42 ? 115 HIS A N   1 
ATOM   839  C  CA  . HIS A 1 115 ? 6.948   16.128  -0.363  1.00 59.70 ? 115 HIS A CA  1 
ATOM   840  C  C   . HIS A 1 115 ? 7.454   15.012  -1.281  1.00 58.93 ? 115 HIS A C   1 
ATOM   841  O  O   . HIS A 1 115 ? 7.917   13.979  -0.805  1.00 58.78 ? 115 HIS A O   1 
ATOM   842  C  CB  . HIS A 1 115 ? 5.761   15.607  0.458   1.00 58.82 ? 115 HIS A CB  1 
ATOM   843  C  CG  . HIS A 1 115 ? 5.329   16.529  1.556   1.00 58.37 ? 115 HIS A CG  1 
ATOM   844  N  ND1 . HIS A 1 115 ? 6.208   17.046  2.485   1.00 58.93 ? 115 HIS A ND1 1 
ATOM   845  C  CD2 . HIS A 1 115 ? 4.106   17.006  1.890   1.00 57.63 ? 115 HIS A CD2 1 
ATOM   846  C  CE1 . HIS A 1 115 ? 5.543   17.799  3.344   1.00 58.03 ? 115 HIS A CE1 1 
ATOM   847  N  NE2 . HIS A 1 115 ? 4.267   17.790  3.005   1.00 57.49 ? 115 HIS A NE2 1 
ATOM   848  N  N   . LYS A 1 116 ? 7.360   15.212  -2.592  1.00 58.50 ? 116 LYS A N   1 
ATOM   849  C  CA  . LYS A 1 116 ? 7.829   14.204  -3.537  1.00 58.34 ? 116 LYS A CA  1 
ATOM   850  C  C   . LYS A 1 116 ? 9.349   14.135  -3.486  1.00 58.19 ? 116 LYS A C   1 
ATOM   851  O  O   . LYS A 1 116 ? 10.028  15.157  -3.588  1.00 58.11 ? 116 LYS A O   1 
ATOM   852  C  CB  . LYS A 1 116 ? 7.375   14.545  -4.960  1.00 59.23 ? 116 LYS A CB  1 
ATOM   853  C  CG  . LYS A 1 116 ? 7.934   13.606  -6.027  1.00 59.97 ? 116 LYS A CG  1 
ATOM   854  C  CD  . LYS A 1 116 ? 7.475   13.983  -7.432  1.00 60.66 ? 116 LYS A CD  1 
ATOM   855  C  CE  . LYS A 1 116 ? 8.124   13.077  -8.475  1.00 61.43 ? 116 LYS A CE  1 
ATOM   856  N  NZ  . LYS A 1 116 ? 7.645   13.350  -9.864  1.00 62.70 ? 116 LYS A NZ  1 
ATOM   857  N  N   . ASN A 1 117 ? 9.881   12.927  -3.328  1.00 58.14 ? 117 ASN A N   1 
ATOM   858  C  CA  . ASN A 1 117 ? 11.326  12.737  -3.257  1.00 58.42 ? 117 ASN A CA  1 
ATOM   859  C  C   . ASN A 1 117 ? 11.915  13.558  -2.112  1.00 57.66 ? 117 ASN A C   1 
ATOM   860  O  O   . ASN A 1 117 ? 12.928  14.246  -2.266  1.00 57.95 ? 117 ASN A O   1 
ATOM   861  C  CB  . ASN A 1 117 ? 11.983  13.132  -4.588  1.00 59.24 ? 117 ASN A CB  1 
ATOM   862  C  CG  . ASN A 1 117 ? 11.691  12.142  -5.700  1.00 60.73 ? 117 ASN A CG  1 
ATOM   863  O  OD1 . ASN A 1 117 ? 12.111  10.984  -5.640  1.00 62.07 ? 117 ASN A OD1 1 
ATOM   864  N  ND2 . ASN A 1 117 ? 10.964  12.591  -6.720  1.00 61.51 ? 117 ASN A ND2 1 
ATOM   865  N  N   . LEU A 1 118 ? 11.264  13.475  -0.959  1.00 56.57 ? 118 LEU A N   1 
ATOM   866  C  CA  . LEU A 1 118 ? 11.689  14.192  0.234   1.00 55.70 ? 118 LEU A CA  1 
ATOM   867  C  C   . LEU A 1 118 ? 13.065  13.711  0.699   1.00 55.43 ? 118 LEU A C   1 
ATOM   868  O  O   . LEU A 1 118 ? 13.466  12.581  0.418   1.00 55.79 ? 118 LEU A O   1 
ATOM   869  C  CB  . LEU A 1 118 ? 10.662  13.975  1.345   1.00 55.19 ? 118 LEU A CB  1 
ATOM   870  C  CG  . LEU A 1 118 ? 10.864  14.714  2.663   1.00 55.93 ? 118 LEU A CG  1 
ATOM   871  C  CD1 . LEU A 1 118 ? 10.707  16.215  2.448   1.00 55.40 ? 118 LEU A CD1 1 
ATOM   872  C  CD2 . LEU A 1 118 ? 9.847   14.211  3.674   1.00 56.13 ? 118 LEU A CD2 1 
ATOM   873  N  N   . ASP A 1 119 ? 13.789  14.577  1.402   1.00 54.20 ? 119 ASP A N   1 
ATOM   874  C  CA  . ASP A 1 119 ? 15.108  14.225  1.912   1.00 52.87 ? 119 ASP A CA  1 
ATOM   875  C  C   . ASP A 1 119 ? 14.920  13.489  3.240   1.00 52.42 ? 119 ASP A C   1 
ATOM   876  O  O   . ASP A 1 119 ? 15.138  14.044  4.321   1.00 52.38 ? 119 ASP A O   1 
ATOM   877  C  CB  . ASP A 1 119 ? 15.945  15.492  2.114   1.00 52.13 ? 119 ASP A CB  1 
ATOM   878  C  CG  . ASP A 1 119 ? 17.404  15.188  2.382   1.00 51.99 ? 119 ASP A CG  1 
ATOM   879  O  OD1 . ASP A 1 119 ? 18.181  16.152  2.531   1.00 52.23 ? 119 ASP A OD1 1 
ATOM   880  O  OD2 . ASP A 1 119 ? 17.773  13.990  2.441   1.00 51.17 ? 119 ASP A OD2 1 
ATOM   881  N  N   . THR A 1 120 ? 14.504  12.233  3.134   1.00 51.06 ? 120 THR A N   1 
ATOM   882  C  CA  . THR A 1 120 ? 14.242  11.375  4.281   1.00 50.86 ? 120 THR A CA  1 
ATOM   883  C  C   . THR A 1 120 ? 15.381  11.303  5.294   1.00 52.19 ? 120 THR A C   1 
ATOM   884  O  O   . THR A 1 120 ? 15.174  10.934  6.451   1.00 52.47 ? 120 THR A O   1 
ATOM   885  C  CB  . THR A 1 120 ? 13.922  9.953   3.811   1.00 50.55 ? 120 THR A CB  1 
ATOM   886  O  OG1 . THR A 1 120 ? 15.105  9.347   3.271   1.00 48.15 ? 120 THR A OG1 1 
ATOM   887  C  CG2 . THR A 1 120 ? 12.849  9.993   2.732   1.00 49.13 ? 120 THR A CG2 1 
ATOM   888  N  N   . LYS A 1 121 ? 16.587  11.645  4.858   1.00 53.09 ? 121 LYS A N   1 
ATOM   889  C  CA  . LYS A 1 121 ? 17.738  11.616  5.747   1.00 54.71 ? 121 LYS A CA  1 
ATOM   890  C  C   . LYS A 1 121 ? 17.691  12.815  6.695   1.00 55.28 ? 121 LYS A C   1 
ATOM   891  O  O   . LYS A 1 121 ? 18.268  12.786  7.785   1.00 55.31 ? 121 LYS A O   1 
ATOM   892  C  CB  . LYS A 1 121 ? 19.032  11.648  4.926   1.00 56.13 ? 121 LYS A CB  1 
ATOM   893  C  CG  . LYS A 1 121 ? 20.310  11.577  5.754   1.00 57.67 ? 121 LYS A CG  1 
ATOM   894  C  CD  . LYS A 1 121 ? 20.424  10.255  6.512   1.00 58.89 ? 121 LYS A CD  1 
ATOM   895  C  CE  . LYS A 1 121 ? 21.671  10.234  7.392   1.00 60.01 ? 121 LYS A CE  1 
ATOM   896  N  NZ  . LYS A 1 121 ? 22.926  10.454  6.602   1.00 60.14 ? 121 LYS A NZ  1 
ATOM   897  N  N   . LYS A 1 122 ? 16.991  13.866  6.279   1.00 55.80 ? 122 LYS A N   1 
ATOM   898  C  CA  . LYS A 1 122 ? 16.882  15.072  7.085   1.00 56.01 ? 122 LYS A CA  1 
ATOM   899  C  C   . LYS A 1 122 ? 15.540  15.279  7.774   1.00 55.17 ? 122 LYS A C   1 
ATOM   900  O  O   . LYS A 1 122 ? 15.501  15.570  8.968   1.00 56.52 ? 122 LYS A O   1 
ATOM   901  C  CB  . LYS A 1 122 ? 17.185  16.312  6.234   1.00 57.48 ? 122 LYS A CB  1 
ATOM   902  C  CG  . LYS A 1 122 ? 18.659  16.534  5.936   1.00 59.46 ? 122 LYS A CG  1 
ATOM   903  C  CD  . LYS A 1 122 ? 18.885  17.884  5.256   1.00 61.25 ? 122 LYS A CD  1 
ATOM   904  C  CE  . LYS A 1 122 ? 20.373  18.179  5.073   1.00 60.98 ? 122 LYS A CE  1 
ATOM   905  N  NZ  . LYS A 1 122 ? 21.045  17.144  4.231   1.00 61.76 ? 122 LYS A NZ  1 
ATOM   906  N  N   . TYR A 1 123 ? 14.449  15.127  7.027   1.00 53.76 ? 123 TYR A N   1 
ATOM   907  C  CA  . TYR A 1 123 ? 13.111  15.367  7.561   1.00 52.29 ? 123 TYR A CA  1 
ATOM   908  C  C   . TYR A 1 123 ? 12.301  14.157  8.028   1.00 51.21 ? 123 TYR A C   1 
ATOM   909  O  O   . TYR A 1 123 ? 11.116  14.288  8.340   1.00 51.25 ? 123 TYR A O   1 
ATOM   910  C  CB  . TYR A 1 123 ? 12.304  16.157  6.526   1.00 52.87 ? 123 TYR A CB  1 
ATOM   911  C  CG  . TYR A 1 123 ? 13.068  17.344  5.977   1.00 54.26 ? 123 TYR A CG  1 
ATOM   912  C  CD1 . TYR A 1 123 ? 13.533  18.350  6.827   1.00 54.84 ? 123 TYR A CD1 1 
ATOM   913  C  CD2 . TYR A 1 123 ? 13.384  17.430  4.625   1.00 54.50 ? 123 TYR A CD2 1 
ATOM   914  C  CE1 . TYR A 1 123 ? 14.300  19.408  6.344   1.00 55.27 ? 123 TYR A CE1 1 
ATOM   915  C  CE2 . TYR A 1 123 ? 14.150  18.480  4.129   1.00 55.55 ? 123 TYR A CE2 1 
ATOM   916  C  CZ  . TYR A 1 123 ? 14.607  19.466  4.994   1.00 56.37 ? 123 TYR A CZ  1 
ATOM   917  O  OH  . TYR A 1 123 ? 15.386  20.497  4.513   1.00 56.44 ? 123 TYR A OH  1 
ATOM   918  N  N   . CYS A 1 124 ? 12.931  12.989  8.098   1.00 49.12 ? 124 CYS A N   1 
ATOM   919  C  CA  . CYS A 1 124 ? 12.226  11.787  8.531   1.00 46.52 ? 124 CYS A CA  1 
ATOM   920  C  C   . CYS A 1 124 ? 12.872  11.127  9.733   1.00 45.69 ? 124 CYS A C   1 
ATOM   921  O  O   . CYS A 1 124 ? 13.363  9.989   9.571   1.00 44.61 ? 124 CYS A O   1 
ATOM   922  C  CB  . CYS A 1 124 ? 12.138  10.778  7.388   1.00 44.96 ? 124 CYS A CB  1 
ATOM   923  S  SG  . CYS A 1 124 ? 11.228  11.405  5.948   1.00 43.15 ? 124 CYS A SG  1 
ATOM   924  O  OXT . CYS A 1 124 ? 12.869  11.752  10.815  1.00 45.79 ? 124 CYS A OXT 1 
HETATM 925  C  C1  . CHO B 2 .   ? 3.564   1.309   -4.322  1.00 46.62 ? 200 CHO A C1  1 
HETATM 926  C  C2  . CHO B 2 .   ? 3.833   1.181   -5.905  1.00 46.10 ? 200 CHO A C2  1 
HETATM 927  C  C3  . CHO B 2 .   ? 5.393   1.265   -6.157  1.00 45.37 ? 200 CHO A C3  1 
HETATM 928  O  O3  . CHO B 2 .   ? 5.647   1.151   -7.580  1.00 48.69 ? 200 CHO A O3  1 
HETATM 929  C  C4  . CHO B 2 .   ? 6.008   2.641   -5.631  1.00 46.53 ? 200 CHO A C4  1 
HETATM 930  C  C5  . CHO B 2 .   ? 5.736   2.848   -4.032  1.00 46.70 ? 200 CHO A C5  1 
HETATM 931  C  C6  . CHO B 2 .   ? 6.302   4.262   -3.439  1.00 48.17 ? 200 CHO A C6  1 
HETATM 932  C  C7  . CHO B 2 .   ? 5.584   5.527   -4.055  1.00 49.51 ? 200 CHO A C7  1 
HETATM 933  O  O7  . CHO B 2 .   ? 5.846   5.794   -5.474  1.00 50.96 ? 200 CHO A O7  1 
HETATM 934  C  C8  . CHO B 2 .   ? 3.957   5.455   -3.826  1.00 49.76 ? 200 CHO A C8  1 
HETATM 935  C  C9  . CHO B 2 .   ? 3.356   4.043   -4.468  1.00 48.69 ? 200 CHO A C9  1 
HETATM 936  C  C10 . CHO B 2 .   ? 4.092   2.727   -3.735  1.00 47.19 ? 200 CHO A C10 1 
HETATM 937  C  C11 . CHO B 2 .   ? 1.695   4.024   -4.226  1.00 48.91 ? 200 CHO A C11 1 
HETATM 938  C  C12 . CHO B 2 .   ? 1.275   5.322   -4.990  1.00 50.35 ? 200 CHO A C12 1 
HETATM 939  C  C13 . CHO B 2 .   ? 1.717   6.774   -4.337  1.00 51.61 ? 200 CHO A C13 1 
HETATM 940  C  C14 . CHO B 2 .   ? 3.234   6.769   -4.522  1.00 50.75 ? 200 CHO A C14 1 
HETATM 941  C  C15 . CHO B 2 .   ? 3.699   8.191   -3.949  1.00 52.18 ? 200 CHO A C15 1 
HETATM 942  C  C16 . CHO B 2 .   ? 2.409   9.106   -4.318  1.00 53.38 ? 200 CHO A C16 1 
HETATM 943  C  C17 . CHO B 2 .   ? 1.373   8.070   -5.063  1.00 53.75 ? 200 CHO A C17 1 
HETATM 944  C  C18 . CHO B 2 .   ? 1.142   6.716   -2.755  1.00 51.27 ? 200 CHO A C18 1 
HETATM 945  C  C19 . CHO B 2 .   ? 3.754   2.542   -2.151  1.00 45.93 ? 200 CHO A C19 1 
HETATM 946  C  C20 . CHO B 2 .   ? -0.215  8.530   -5.077  1.00 57.03 ? 200 CHO A C20 1 
HETATM 947  C  C21 . CHO B 2 .   ? -1.339  7.641   -5.704  1.00 58.31 ? 200 CHO A C21 1 
HETATM 948  C  C22 . CHO B 2 .   ? -0.361  9.923   -5.847  1.00 61.13 ? 200 CHO A C22 1 
HETATM 949  C  C23 . CHO B 2 .   ? 0.199   10.216  -7.342  1.00 65.61 ? 200 CHO A C23 1 
HETATM 950  C  C24 . CHO B 2 .   ? 0.216   11.556  -7.926  1.00 69.51 ? 200 CHO A C24 1 
HETATM 951  O  O24 . CHO B 2 .   ? -0.657  12.418  -7.310  1.00 71.21 ? 200 CHO A O24 1 
HETATM 952  N  N25 . CHO B 2 .   ? 0.964   11.911  -8.913  1.00 71.68 ? 200 CHO A N25 1 
HETATM 953  C  C26 . CHO B 2 .   ? 0.989   13.280  -9.513  1.00 75.30 ? 200 CHO A C26 1 
HETATM 954  C  C27 . CHO B 2 .   ? -0.245  13.735  -10.192 1.00 77.42 ? 200 CHO A C27 1 
HETATM 955  O  OT1 . CHO B 2 .   ? -0.526  13.299  -11.341 1.00 78.34 ? 200 CHO A OT1 1 
HETATM 956  O  OT2 . CHO B 2 .   ? -0.986  14.561  -9.588  1.00 77.65 ? 200 CHO A OT2 1 
HETATM 957  CA CA  . CA  C 3 .   ? 7.192   2.327   2.856   1.00 46.91 ? 130 CA  A CA  1 
HETATM 958  CA CA  . CA  D 3 .   ? -0.865  -15.934 -4.463  0.50 9.42  ? 131 CA  A CA  1 
HETATM 959  CA CA  . CA  E 3 .   ? 4.396   -19.599 2.480   0.50 36.27 ? 132 CA  A CA  1 
HETATM 960  CL CL  . CL  F 4 .   ? 2.925   -18.586 0.545   0.50 41.90 ? 135 CL  A CL  1 
HETATM 961  O  O   . HOH G 5 .   ? 6.733   0.439   -1.416  1.00 10.62 ? 201 HOH A O   1 
HETATM 962  O  O   . HOH G 5 .   ? 4.142   -1.009  2.146   1.00 22.59 ? 202 HOH A O   1 
HETATM 963  O  O   . HOH G 5 .   ? 12.611  5.324   1.730   1.00 38.02 ? 203 HOH A O   1 
HETATM 964  O  O   . HOH G 5 .   ? 10.066  12.517  11.739  1.00 30.76 ? 204 HOH A O   1 
HETATM 965  O  O   . HOH G 5 .   ? 8.982   10.646  14.987  1.00 32.68 ? 205 HOH A O   1 
HETATM 966  O  O   . HOH G 5 .   ? 8.155   1.087   7.329   1.00 46.11 ? 206 HOH A O   1 
HETATM 967  O  O   . HOH G 5 .   ? 5.031   -4.615  -13.816 1.00 72.06 ? 207 HOH A O   1 
HETATM 968  O  O   . HOH G 5 .   ? -2.511  16.519  3.910   1.00 33.39 ? 208 HOH A O   1 
HETATM 969  O  O   . HOH G 5 .   ? 6.556   -13.507 5.356   1.00 40.18 ? 209 HOH A O   1 
HETATM 970  O  O   . HOH G 5 .   ? -9.701  -11.181 -0.582  1.00 37.92 ? 210 HOH A O   1 
HETATM 971  O  O   . HOH G 5 .   ? -7.094  -10.472 -10.031 1.00 46.17 ? 211 HOH A O   1 
HETATM 972  O  O   . HOH G 5 .   ? -0.734  -17.979 -0.881  1.00 20.31 ? 212 HOH A O   1 
HETATM 973  O  O   . HOH G 5 .   ? -3.238  0.061   4.053   1.00 23.04 ? 213 HOH A O   1 
HETATM 974  O  O   . HOH G 5 .   ? 1.827   -19.271 3.674   1.00 42.88 ? 214 HOH A O   1 
HETATM 975  O  O   . HOH G 5 .   ? -7.872  -7.283  -12.692 1.00 46.45 ? 215 HOH A O   1 
HETATM 976  O  O   . HOH G 5 .   ? -0.822  -20.560 -0.382  1.00 29.71 ? 216 HOH A O   1 
HETATM 977  O  O   . HOH G 5 .   ? 0.751   -6.466  -3.123  1.00 30.86 ? 217 HOH A O   1 
HETATM 978  O  O   . HOH G 5 .   ? 0.887   -11.996 -10.227 1.00 35.80 ? 218 HOH A O   1 
HETATM 979  O  O   . HOH G 5 .   ? -7.483  -8.295  6.988   1.00 36.22 ? 219 HOH A O   1 
HETATM 980  O  O   . HOH G 5 .   ? -12.979 -9.972  -7.143  1.00 48.50 ? 220 HOH A O   1 
HETATM 981  O  O   . HOH G 5 .   ? -15.642 -4.799  -1.337  1.00 50.78 ? 221 HOH A O   1 
HETATM 982  O  O   . HOH G 5 .   ? -15.784 -2.633  2.264   1.00 41.36 ? 222 HOH A O   1 
HETATM 983  O  O   . HOH G 5 .   ? 10.219  -2.909  5.340   1.00 57.22 ? 223 HOH A O   1 
HETATM 984  O  O   . HOH G 5 .   ? -10.578 -3.233  2.362   1.00 44.47 ? 224 HOH A O   1 
HETATM 985  O  O   . HOH G 5 .   ? 4.835   -7.594  -8.161  1.00 45.17 ? 225 HOH A O   1 
HETATM 986  O  O   . HOH G 5 .   ? 6.176   -7.366  -10.436 1.00 37.31 ? 226 HOH A O   1 
HETATM 987  O  O   . HOH G 5 .   ? 8.825   13.706  9.741   1.00 32.70 ? 227 HOH A O   1 
HETATM 988  O  O   . HOH G 5 .   ? 6.324   15.123  9.788   1.00 37.24 ? 228 HOH A O   1 
HETATM 989  O  O   . HOH G 5 .   ? 13.215  17.572  0.563   1.00 50.34 ? 229 HOH A O   1 
HETATM 990  O  O   . HOH G 5 .   ? 11.121  20.054  1.848   1.00 66.57 ? 230 HOH A O   1 
HETATM 991  O  O   . HOH G 5 .   ? 10.557  20.673  4.552   1.00 42.47 ? 231 HOH A O   1 
HETATM 992  O  O   . HOH G 5 .   ? 8.692   19.126  5.329   1.00 55.67 ? 232 HOH A O   1 
HETATM 993  O  O   . HOH G 5 .   ? 9.969   23.590  4.476   1.00 53.07 ? 233 HOH A O   1 
HETATM 994  O  O   . HOH G 5 .   ? -9.969  -4.701  6.069   1.00 55.51 ? 234 HOH A O   1 
HETATM 995  O  O   . HOH G 5 .   ? -6.165  -6.397  6.137   1.00 33.26 ? 235 HOH A O   1 
HETATM 996  O  O   . HOH G 5 .   ? -3.257  2.586   3.767   1.00 40.21 ? 236 HOH A O   1 
HETATM 997  O  O   . HOH G 5 .   ? -4.787  -0.949  6.337   1.00 47.21 ? 237 HOH A O   1 
HETATM 998  O  O   . HOH G 5 .   ? 5.835   2.048   0.909   1.00 37.14 ? 238 HOH A O   1 
HETATM 999  O  O   . HOH G 5 .   ? 7.895   -0.145  2.601   1.00 47.36 ? 239 HOH A O   1 
HETATM 1000 O  O   . HOH G 5 .   ? 10.591  2.234   -5.458  1.00 44.67 ? 240 HOH A O   1 
HETATM 1001 O  O   . HOH G 5 .   ? 8.133   -1.274  5.569   1.00 54.95 ? 241 HOH A O   1 
HETATM 1002 O  O   . HOH G 5 .   ? 6.513   -3.239  5.946   1.00 41.86 ? 242 HOH A O   1 
HETATM 1003 O  O   . HOH G 5 .   ? 3.097   1.479   1.524   1.00 36.40 ? 243 HOH A O   1 
HETATM 1004 O  O   . HOH G 5 .   ? 5.354   -14.209 7.552   1.00 51.56 ? 244 HOH A O   1 
HETATM 1005 O  O   . HOH G 5 .   ? -11.276 -10.954 -8.893  1.00 35.53 ? 245 HOH A O   1 
HETATM 1006 O  O   . HOH G 5 .   ? -15.676 -12.473 -3.878  1.00 44.03 ? 246 HOH A O   1 
HETATM 1007 O  O   . HOH G 5 .   ? -15.182 -11.096 -5.927  1.00 37.01 ? 247 HOH A O   1 
HETATM 1008 O  O   . HOH G 5 .   ? 14.732  8.912   11.227  1.00 33.58 ? 248 HOH A O   1 
HETATM 1009 O  O   . HOH G 5 .   ? 9.033   5.016   -6.300  1.00 53.63 ? 249 HOH A O   1 
HETATM 1010 O  O   . HOH G 5 .   ? 5.221   17.609  8.458   1.00 51.08 ? 250 HOH A O   1 
HETATM 1011 O  O   . HOH G 5 .   ? 8.051   -10.399 11.391  1.00 50.89 ? 251 HOH A O   1 
HETATM 1012 O  O   . HOH G 5 .   ? 5.226   -15.149 10.654  1.00 55.39 ? 252 HOH A O   1 
HETATM 1013 O  O   . HOH G 5 .   ? 4.860   -17.512 9.564   1.00 53.15 ? 253 HOH A O   1 
HETATM 1014 O  O   . HOH G 5 .   ? 3.055   -3.009  -13.499 1.00 37.09 ? 254 HOH A O   1 
HETATM 1015 O  O   . HOH G 5 .   ? -0.720  1.933   11.422  1.00 43.25 ? 255 HOH A O   1 
HETATM 1016 O  O   . HOH G 5 .   ? -1.502  -1.084  12.922  1.00 58.50 ? 256 HOH A O   1 
HETATM 1017 O  O   . HOH G 5 .   ? 10.718  -2.368  2.838   1.00 52.90 ? 257 HOH A O   1 
HETATM 1018 O  O   . HOH G 5 .   ? 8.477   -2.850  0.909   1.00 55.45 ? 258 HOH A O   1 
HETATM 1019 O  O   . HOH G 5 .   ? 6.485   -2.762  3.407   1.00 60.88 ? 259 HOH A O   1 
HETATM 1020 O  O   . HOH G 5 .   ? -5.808  3.337   5.540   1.00 39.21 ? 260 HOH A O   1 
HETATM 1021 O  O   . HOH G 5 .   ? -6.544  1.311   7.304   1.00 38.39 ? 261 HOH A O   1 
HETATM 1022 O  O   . HOH G 5 .   ? 9.814   -11.727 9.172   1.00 45.78 ? 262 HOH A O   1 
HETATM 1023 O  O   . HOH G 5 .   ? 8.000   -12.976 11.197  1.00 53.29 ? 263 HOH A O   1 
HETATM 1024 O  O   . HOH G 5 .   ? -12.600 1.367   -3.962  1.00 44.09 ? 264 HOH A O   1 
HETATM 1025 O  O   . HOH G 5 .   ? -17.598 -9.665  -7.671  1.00 60.81 ? 265 HOH A O   1 
HETATM 1026 O  O   . HOH G 5 .   ? 19.050  10.315  10.108  1.00 43.35 ? 266 HOH A O   1 
HETATM 1027 O  O   . HOH G 5 .   ? 13.502  10.222  -3.332  1.00 62.41 ? 267 HOH A O   1 
HETATM 1028 O  O   . HOH G 5 .   ? 16.970  18.945  1.404   1.00 49.92 ? 268 HOH A O   1 
HETATM 1029 O  O   . HOH G 5 .   ? -4.635  -10.882 -12.115 1.00 60.95 ? 269 HOH A O   1 
HETATM 1030 O  O   . HOH G 5 .   ? -5.227  -12.907 -10.186 0.50 16.18 ? 270 HOH A O   1 
HETATM 1031 O  O   . HOH G 5 .   ? -14.470 -14.466 -9.301  1.00 40.42 ? 271 HOH A O   1 
HETATM 1032 O  O   . HOH G 5 .   ? 16.709  9.007   8.390   1.00 48.32 ? 272 HOH A O   1 
HETATM 1033 O  O   . HOH G 5 .   ? -0.651  -0.740  -13.646 1.00 60.37 ? 273 HOH A O   1 
HETATM 1034 O  O   . HOH G 5 .   ? -10.452 -5.451  -13.092 1.00 40.14 ? 274 HOH A O   1 
HETATM 1035 O  O   . HOH G 5 .   ? -5.717  -10.708 -14.522 1.00 63.85 ? 275 HOH A O   1 
HETATM 1036 O  O   . HOH G 5 .   ? 6.108   3.253   -11.335 1.00 47.44 ? 276 HOH A O   1 
HETATM 1037 O  O   . HOH G 5 .   ? 5.873   3.396   11.785  1.00 53.01 ? 277 HOH A O   1 
HETATM 1038 O  O   . HOH G 5 .   ? -3.997  -2.111  8.829   1.00 42.01 ? 278 HOH A O   1 
HETATM 1039 O  O   . HOH G 5 .   ? 1.171   -8.323  14.857  1.00 45.09 ? 279 HOH A O   1 
HETATM 1040 O  O   . HOH G 5 .   ? -0.159  -9.757  13.054  1.00 40.97 ? 280 HOH A O   1 
HETATM 1041 O  O   . HOH G 5 .   ? 1.897   -14.677 15.419  1.00 55.49 ? 281 HOH A O   1 
HETATM 1042 O  O   . HOH G 5 .   ? -5.556  -5.561  8.444   1.00 57.15 ? 282 HOH A O   1 
HETATM 1043 O  O   . HOH G 5 .   ? -13.148 -6.085  -0.991  1.00 49.41 ? 283 HOH A O   1 
HETATM 1044 O  O   . HOH G 5 .   ? 4.436   10.079  -7.493  1.00 49.37 ? 284 HOH A O   1 
HETATM 1045 O  O   . HOH G 5 .   ? 11.329  8.061   -6.772  1.00 52.44 ? 285 HOH A O   1 
HETATM 1046 O  O   . HOH G 5 .   ? -9.843  1.219   6.529   1.00 55.82 ? 286 HOH A O   1 
HETATM 1047 O  O   . HOH G 5 .   ? 1.344   21.016  2.978   1.00 51.71 ? 287 HOH A O   1 
HETATM 1048 O  O   . HOH G 5 .   ? 8.078   -13.567 8.700   1.00 68.52 ? 288 HOH A O   1 
HETATM 1049 O  O   . HOH G 5 .   ? 13.169  -15.949 2.937   1.00 50.96 ? 289 HOH A O   1 
HETATM 1050 O  O   . HOH G 5 .   ? -15.376 -3.264  -8.100  1.00 47.28 ? 290 HOH A O   1 
HETATM 1051 O  O   . HOH G 5 .   ? 19.730  14.211  10.092  1.00 53.29 ? 291 HOH A O   1 
HETATM 1052 O  O   . HOH G 5 .   ? -2.166  -0.328  9.355   1.00 45.64 ? 292 HOH A O   1 
HETATM 1053 O  O   . HOH G 5 .   ? -8.252  -3.597  7.983   1.00 51.28 ? 293 HOH A O   1 
HETATM 1054 O  O   . HOH G 5 .   ? -3.859  14.702  -9.275  1.00 56.09 ? 294 HOH A O   1 
HETATM 1055 O  O   . HOH G 5 .   ? -3.091  11.691  -6.085  1.00 51.91 ? 295 HOH A O   1 
HETATM 1056 O  O   . HOH G 5 .   ? -2.712  16.102  -11.624 1.00 73.64 ? 296 HOH A O   1 
# 
